data_2HPG
#
_entry.id   2HPG
#
_cell.length_a   119.260
_cell.length_b   119.260
_cell.length_c   429.100
_cell.angle_alpha   90.000
_cell.angle_beta   90.000
_cell.angle_gamma   120.000
#
_symmetry.space_group_name_H-M   'P 65 2 2'
#
loop_
_entity.id
_entity.type
_entity.pdbx_description
1 polymer 'ABC transporter, periplasmic substrate-binding protein'
2 water water
#
_entity_poly.entity_id   1
_entity_poly.type   'polypeptide(L)'
_entity_poly.pdbx_seq_one_letter_code
;(MSE)SAVFGAKYTLRFGHVLAPGEPYHQAFLKWAKAVEEKTNGDVRIEVFPSSQLGVEEDIIEQIR(MSE)GAPVGWNT
DSARLG(MSE)YVKDIGV(MSE)NLAYFIDF(MSE)GAKTPEEAIEVLKKIKQSPT(MSE)QKWLKELEQRFGIKVLSFY
WVQGYRHFVTNKPIRKPEDLNGLRIRTPGAPAWQESIRSLGAIPVAVNFGEIYTAVQTRAVDGAELTYANVYNGGLYEVL
KY(MSE)SETGHFLLINFEIVSADWFNSLPKEYQKIIEEE(MSE)DKAGIEVSLKI(MSE)KELEEEYKQKCIEKG
(MSE)AVIPASEIDKEAF(MSE)EKAKQAYKNLGLENALNQLIKEVKGEHHHHHH
;
_entity_poly.pdbx_strand_id   A,B,C,D
#
# COMPACT_ATOMS: atom_id res chain seq x y z
N VAL A 4 -11.93 -31.53 8.51
CA VAL A 4 -12.73 -32.34 9.48
C VAL A 4 -13.58 -31.45 10.41
N PHE A 5 -14.91 -31.53 10.39
CA PHE A 5 -15.71 -32.32 9.45
C PHE A 5 -16.28 -31.33 8.44
N GLY A 6 -15.44 -30.97 7.47
CA GLY A 6 -15.68 -29.82 6.62
C GLY A 6 -16.37 -30.13 5.30
N ALA A 7 -16.45 -29.08 4.47
CA ALA A 7 -17.15 -29.14 3.21
C ALA A 7 -16.37 -29.95 2.16
N LYS A 8 -17.09 -30.46 1.17
CA LYS A 8 -16.50 -31.18 0.06
C LYS A 8 -15.89 -30.22 -0.99
N TYR A 9 -16.52 -29.07 -1.18
CA TYR A 9 -16.05 -28.06 -2.11
C TYR A 9 -15.97 -26.75 -1.35
N THR A 10 -14.90 -26.00 -1.56
CA THR A 10 -14.74 -24.69 -0.94
C THR A 10 -14.47 -23.68 -2.05
N LEU A 11 -15.22 -22.57 -2.02
CA LEU A 11 -15.07 -21.46 -2.96
C LEU A 11 -14.62 -20.24 -2.17
N ARG A 12 -13.54 -19.58 -2.59
CA ARG A 12 -13.11 -18.32 -2.01
C ARG A 12 -13.45 -17.17 -2.96
N PHE A 13 -14.35 -16.30 -2.53
CA PHE A 13 -14.93 -15.28 -3.40
C PHE A 13 -14.51 -13.90 -2.95
N GLY A 14 -13.80 -13.17 -3.81
CA GLY A 14 -13.21 -11.91 -3.40
C GLY A 14 -13.69 -10.64 -4.07
N HIS A 15 -13.13 -9.52 -3.62
CA HIS A 15 -13.46 -8.21 -4.15
C HIS A 15 -14.90 -7.79 -3.90
N VAL A 16 -15.47 -8.18 -2.76
CA VAL A 16 -16.85 -7.84 -2.48
C VAL A 16 -16.99 -6.47 -1.78
N LEU A 17 -16.04 -5.58 -2.01
CA LEU A 17 -16.08 -4.20 -1.54
C LEU A 17 -15.83 -4.13 -0.02
N ALA A 18 -16.28 -3.07 0.64
CA ALA A 18 -15.84 -2.79 2.01
C ALA A 18 -16.54 -3.69 3.01
N PRO A 19 -15.83 -4.09 4.08
CA PRO A 19 -16.40 -4.88 5.15
C PRO A 19 -17.62 -4.25 5.84
N GLY A 20 -18.66 -5.05 5.99
CA GLY A 20 -19.90 -4.63 6.61
C GLY A 20 -20.92 -3.94 5.70
N GLU A 21 -20.51 -3.53 4.50
CA GLU A 21 -21.38 -2.74 3.64
C GLU A 21 -22.36 -3.67 2.92
N PRO A 22 -23.41 -3.11 2.27
CA PRO A 22 -24.48 -3.93 1.67
C PRO A 22 -24.07 -5.11 0.77
N TYR A 23 -23.07 -4.90 -0.08
CA TYR A 23 -22.60 -5.97 -0.96
C TYR A 23 -22.08 -7.14 -0.15
N HIS A 24 -21.19 -6.84 0.78
CA HIS A 24 -20.62 -7.85 1.65
C HIS A 24 -21.72 -8.60 2.38
N GLN A 25 -22.66 -7.85 2.92
CA GLN A 25 -23.81 -8.44 3.62
C GLN A 25 -24.53 -9.44 2.73
N ALA A 26 -24.71 -9.05 1.48
CA ALA A 26 -25.49 -9.80 0.51
C ALA A 26 -24.73 -11.05 0.08
N PHE A 27 -23.41 -10.93 -0.10
CA PHE A 27 -22.59 -12.10 -0.42
C PHE A 27 -22.59 -13.12 0.71
N LEU A 28 -22.60 -12.64 1.97
CA LEU A 28 -22.68 -13.53 3.13
C LEU A 28 -24.02 -14.27 3.21
N LYS A 29 -25.10 -13.60 2.83
CA LYS A 29 -26.43 -14.21 2.70
C LYS A 29 -26.44 -15.26 1.62
N TRP A 30 -25.83 -14.95 0.49
CA TRP A 30 -25.72 -15.90 -0.60
C TRP A 30 -24.93 -17.14 -0.20
N ALA A 31 -23.78 -16.93 0.42
CA ALA A 31 -22.91 -18.01 0.88
C ALA A 31 -23.64 -18.91 1.88
N LYS A 32 -24.31 -18.29 2.85
CA LYS A 32 -25.06 -19.04 3.86
C LYS A 32 -26.18 -19.90 3.23
N ALA A 33 -26.88 -19.36 2.22
CA ALA A 33 -27.96 -20.07 1.51
C ALA A 33 -27.44 -21.25 0.66
N VAL A 34 -26.35 -21.05 -0.09
CA VAL A 34 -25.69 -22.16 -0.81
C VAL A 34 -25.21 -23.26 0.13
N GLU A 35 -24.65 -22.88 1.26
CA GLU A 35 -24.22 -23.83 2.27
CA GLU A 35 -24.21 -23.82 2.29
C GLU A 35 -25.41 -24.64 2.80
N GLU A 36 -26.49 -23.95 3.14
CA GLU A 36 -27.71 -24.60 3.62
C GLU A 36 -28.30 -25.58 2.59
N LYS A 37 -28.50 -25.09 1.37
CA LYS A 37 -29.13 -25.89 0.33
C LYS A 37 -28.27 -27.01 -0.27
N THR A 38 -26.97 -26.98 -0.02
CA THR A 38 -26.04 -28.05 -0.44
C THR A 38 -25.68 -28.94 0.74
N ASN A 39 -26.31 -28.69 1.88
CA ASN A 39 -26.10 -29.48 3.09
C ASN A 39 -24.68 -29.39 3.61
N GLY A 40 -24.03 -28.24 3.45
CA GLY A 40 -22.66 -28.07 3.91
C GLY A 40 -21.60 -28.62 2.96
N ASP A 41 -22.01 -29.21 1.85
CA ASP A 41 -21.05 -29.73 0.87
C ASP A 41 -20.30 -28.64 0.11
N VAL A 42 -20.93 -27.48 -0.09
CA VAL A 42 -20.23 -26.32 -0.67
C VAL A 42 -20.10 -25.27 0.40
N ARG A 43 -18.85 -24.93 0.74
CA ARG A 43 -18.57 -23.83 1.64
C ARG A 43 -18.08 -22.66 0.79
N ILE A 44 -18.67 -21.48 0.99
CA ILE A 44 -18.22 -20.27 0.28
C ILE A 44 -17.66 -19.28 1.26
N GLU A 45 -16.39 -18.92 1.09
CA GLU A 45 -15.74 -17.96 1.94
C GLU A 45 -15.69 -16.63 1.21
N VAL A 46 -16.09 -15.55 1.88
CA VAL A 46 -16.28 -14.27 1.25
C VAL A 46 -15.23 -13.27 1.75
N PHE A 47 -14.47 -12.67 0.82
CA PHE A 47 -13.38 -11.75 1.15
C PHE A 47 -13.64 -10.33 0.69
N PRO A 48 -13.77 -9.38 1.64
CA PRO A 48 -13.87 -7.98 1.27
C PRO A 48 -12.71 -7.49 0.41
N SER A 49 -12.95 -6.43 -0.37
CA SER A 49 -11.91 -5.81 -1.15
C SER A 49 -10.86 -5.18 -0.22
N SER A 50 -9.62 -5.21 -0.66
CA SER A 50 -8.56 -4.42 -0.06
C SER A 50 -8.49 -3.08 -0.79
N GLN A 51 -8.27 -1.99 -0.06
CA GLN A 51 -7.97 -0.70 -0.69
C GLN A 51 -6.46 -0.52 -1.00
N LEU A 52 -5.63 -1.47 -0.56
CA LEU A 52 -4.21 -1.45 -0.89
C LEU A 52 -3.98 -1.53 -2.40
N GLY A 53 -2.95 -0.82 -2.88
CA GLY A 53 -2.55 -0.87 -4.29
C GLY A 53 -1.56 -2.00 -4.61
N VAL A 54 -2.08 -3.23 -4.67
CA VAL A 54 -1.28 -4.43 -4.97
C VAL A 54 -1.77 -5.15 -6.24
N GLU A 55 -0.83 -5.49 -7.14
CA GLU A 55 -1.13 -6.31 -8.32
C GLU A 55 -1.92 -7.56 -7.94
N GLU A 56 -3.04 -7.77 -8.63
CA GLU A 56 -3.77 -9.04 -8.59
C GLU A 56 -4.17 -9.40 -10.01
N ASP A 57 -3.78 -10.60 -10.44
CA ASP A 57 -4.15 -11.09 -11.76
C ASP A 57 -5.35 -12.03 -11.60
N ILE A 58 -6.50 -11.42 -11.28
CA ILE A 58 -7.70 -12.17 -10.89
C ILE A 58 -8.21 -13.10 -12.01
N ILE A 59 -8.09 -12.68 -13.26
CA ILE A 59 -8.54 -13.49 -14.39
C ILE A 59 -7.63 -14.70 -14.60
N GLU A 60 -6.33 -14.51 -14.41
CA GLU A 60 -5.37 -15.60 -14.61
C GLU A 60 -5.63 -16.76 -13.64
N GLN A 61 -6.12 -16.45 -12.44
CA GLN A 61 -6.52 -17.47 -11.46
C GLN A 61 -7.75 -18.24 -11.93
N ILE A 62 -8.75 -17.50 -12.39
CA ILE A 62 -9.96 -18.08 -13.02
C ILE A 62 -9.59 -19.02 -14.20
N ARG A 63 -8.69 -18.55 -15.07
CA ARG A 63 -8.19 -19.35 -16.21
CA ARG A 63 -8.18 -19.34 -16.20
C ARG A 63 -7.45 -20.61 -15.71
N MSE A 64 -6.67 -20.43 -14.64
N MSE A 64 -6.67 -20.43 -14.64
CA MSE A 64 -5.92 -21.53 -14.01
CA MSE A 64 -5.90 -21.53 -14.03
C MSE A 64 -6.81 -22.65 -13.49
C MSE A 64 -6.77 -22.62 -13.37
O MSE A 64 -6.37 -23.81 -13.37
O MSE A 64 -6.27 -23.69 -13.04
CB MSE A 64 -5.09 -20.95 -12.85
CB MSE A 64 -4.91 -20.95 -13.00
CG MSE A 64 -4.05 -21.87 -12.24
CG MSE A 64 -3.66 -20.31 -13.62
SE MSE A 64 -3.28 -20.97 -10.69
SE MSE A 64 -2.76 -18.96 -12.48
CE MSE A 64 -4.46 -21.72 -9.33
CE MSE A 64 -1.23 -18.61 -13.67
N GLY A 65 -8.06 -22.33 -13.16
CA GLY A 65 -9.00 -23.33 -12.62
C GLY A 65 -9.09 -23.40 -11.09
N ALA A 66 -8.44 -22.44 -10.42
CA ALA A 66 -8.52 -22.31 -8.95
C ALA A 66 -9.97 -22.16 -8.46
N PRO A 67 -10.27 -22.61 -7.23
CA PRO A 67 -11.60 -22.47 -6.62
C PRO A 67 -11.80 -21.06 -6.08
N VAL A 68 -11.85 -20.10 -7.00
CA VAL A 68 -11.94 -18.70 -6.66
C VAL A 68 -12.99 -17.99 -7.52
N GLY A 69 -13.58 -16.93 -6.98
CA GLY A 69 -14.49 -16.09 -7.72
C GLY A 69 -14.23 -14.63 -7.44
N TRP A 70 -14.76 -13.76 -8.30
CA TRP A 70 -14.62 -12.33 -8.11
C TRP A 70 -15.87 -11.57 -8.51
N ASN A 71 -16.12 -10.51 -7.72
CA ASN A 71 -17.05 -9.46 -8.06
C ASN A 71 -16.31 -8.52 -8.98
N THR A 72 -16.58 -8.57 -10.28
CA THR A 72 -15.88 -7.71 -11.24
C THR A 72 -16.91 -6.92 -12.07
N ASP A 73 -16.57 -6.50 -13.28
CA ASP A 73 -17.53 -5.81 -14.14
C ASP A 73 -17.23 -6.02 -15.63
N SER A 74 -18.12 -5.52 -16.50
CA SER A 74 -17.98 -5.74 -17.96
C SER A 74 -16.88 -4.86 -18.56
N ALA A 75 -16.41 -3.86 -17.82
CA ALA A 75 -15.27 -3.09 -18.25
C ALA A 75 -14.01 -3.98 -18.18
N ARG A 76 -14.01 -4.92 -17.24
CA ARG A 76 -12.95 -5.93 -17.16
C ARG A 76 -13.18 -7.06 -18.16
N LEU A 77 -14.35 -7.69 -18.09
CA LEU A 77 -14.64 -8.82 -18.98
C LEU A 77 -14.60 -8.41 -20.46
N GLY A 78 -14.89 -7.14 -20.73
CA GLY A 78 -14.83 -6.60 -22.07
C GLY A 78 -13.42 -6.53 -22.63
N MSE A 79 -12.41 -6.76 -21.78
CA MSE A 79 -11.05 -6.87 -22.29
CA MSE A 79 -11.03 -6.90 -22.25
C MSE A 79 -10.85 -8.22 -22.98
O MSE A 79 -9.94 -8.37 -23.76
CB MSE A 79 -10.03 -6.68 -21.17
CB MSE A 79 -10.05 -6.89 -21.07
CG MSE A 79 -10.11 -5.33 -20.45
CG MSE A 79 -9.91 -5.59 -20.33
SE MSE A 79 -10.36 -3.79 -21.62
SE MSE A 79 -8.52 -5.71 -18.95
CE MSE A 79 -8.66 -3.80 -22.59
CE MSE A 79 -8.39 -3.79 -18.61
N TYR A 80 -11.71 -9.19 -22.68
CA TYR A 80 -11.59 -10.54 -23.21
C TYR A 80 -12.54 -10.78 -24.37
N VAL A 81 -13.85 -10.71 -24.13
CA VAL A 81 -14.85 -10.70 -25.19
C VAL A 81 -15.35 -9.26 -25.34
N LYS A 82 -14.81 -8.56 -26.35
CA LYS A 82 -14.94 -7.11 -26.46
C LYS A 82 -16.34 -6.56 -26.22
N ASP A 83 -17.33 -7.17 -26.88
CA ASP A 83 -18.66 -6.61 -26.95
C ASP A 83 -19.42 -6.55 -25.63
N ILE A 84 -19.11 -7.45 -24.71
CA ILE A 84 -19.81 -7.47 -23.41
C ILE A 84 -19.54 -6.17 -22.62
N GLY A 85 -18.43 -5.52 -22.96
CA GLY A 85 -18.02 -4.22 -22.44
C GLY A 85 -18.97 -3.06 -22.69
N VAL A 86 -19.92 -3.24 -23.61
CA VAL A 86 -20.96 -2.26 -23.84
C VAL A 86 -21.77 -1.95 -22.56
N MSE A 87 -21.82 -2.90 -21.63
CA MSE A 87 -22.62 -2.73 -20.41
C MSE A 87 -21.98 -1.85 -19.32
O MSE A 87 -22.59 -1.64 -18.27
CB MSE A 87 -23.03 -4.09 -19.85
CG MSE A 87 -23.66 -4.98 -20.90
SE MSE A 87 -24.52 -6.55 -20.24
CE MSE A 87 -25.22 -5.90 -18.55
N ASN A 88 -20.79 -1.33 -19.57
CA ASN A 88 -20.11 -0.39 -18.66
C ASN A 88 -19.98 1.01 -19.26
N LEU A 89 -20.63 1.21 -20.41
CA LEU A 89 -20.57 2.48 -21.06
C LEU A 89 -21.67 3.44 -20.58
N ALA A 90 -21.38 4.73 -20.68
CA ALA A 90 -22.27 5.78 -20.18
C ALA A 90 -23.66 5.61 -20.75
N TYR A 91 -24.66 5.71 -19.88
CA TYR A 91 -26.09 5.63 -20.23
C TYR A 91 -26.61 4.34 -20.82
N PHE A 92 -25.79 3.27 -20.85
CA PHE A 92 -26.24 1.97 -21.32
C PHE A 92 -27.66 1.58 -20.83
N ILE A 93 -27.91 1.61 -19.54
CA ILE A 93 -29.21 1.11 -19.06
C ILE A 93 -30.34 2.03 -19.56
N ASP A 94 -30.02 3.30 -19.84
CA ASP A 94 -31.03 4.25 -20.33
C ASP A 94 -31.33 4.00 -21.80
N PHE A 95 -30.28 3.77 -22.58
CA PHE A 95 -30.44 3.33 -23.96
C PHE A 95 -31.20 2.03 -24.08
N MSE A 96 -31.11 1.16 -23.06
CA MSE A 96 -31.89 -0.08 -23.09
CA MSE A 96 -31.88 -0.09 -22.99
C MSE A 96 -33.34 0.14 -22.65
O MSE A 96 -34.15 -0.79 -22.69
CB MSE A 96 -31.22 -1.17 -22.24
CB MSE A 96 -31.30 -1.02 -21.90
CG MSE A 96 -29.79 -1.52 -22.67
CG MSE A 96 -30.02 -1.76 -22.23
SE MSE A 96 -29.63 -2.18 -24.52
SE MSE A 96 -30.21 -2.89 -23.79
CE MSE A 96 -30.91 -3.68 -24.41
CE MSE A 96 -29.27 -1.75 -25.05
N GLY A 97 -33.65 1.37 -22.22
CA GLY A 97 -35.02 1.77 -21.90
C GLY A 97 -35.42 1.76 -20.43
N ALA A 98 -34.47 1.45 -19.55
CA ALA A 98 -34.76 1.39 -18.11
C ALA A 98 -34.76 2.79 -17.57
N LYS A 99 -35.82 3.14 -16.85
CA LYS A 99 -35.95 4.46 -16.24
C LYS A 99 -36.31 4.42 -14.76
N THR A 100 -36.43 3.23 -14.18
CA THR A 100 -36.64 3.04 -12.73
C THR A 100 -35.82 1.85 -12.27
N PRO A 101 -35.56 1.71 -10.96
CA PRO A 101 -34.89 0.51 -10.43
C PRO A 101 -35.48 -0.84 -10.89
N GLU A 102 -36.78 -1.02 -10.71
CA GLU A 102 -37.44 -2.26 -11.13
C GLU A 102 -37.29 -2.51 -12.63
N GLU A 103 -37.41 -1.46 -13.43
CA GLU A 103 -37.18 -1.55 -14.87
C GLU A 103 -35.75 -1.95 -15.24
N ALA A 104 -34.79 -1.48 -14.45
CA ALA A 104 -33.37 -1.80 -14.68
C ALA A 104 -33.12 -3.31 -14.53
N ILE A 105 -33.65 -3.90 -13.45
CA ILE A 105 -33.60 -5.34 -13.18
C ILE A 105 -34.28 -6.16 -14.25
N GLU A 106 -35.44 -5.68 -14.71
CA GLU A 106 -36.17 -6.39 -15.77
C GLU A 106 -35.40 -6.38 -17.09
N VAL A 107 -34.78 -5.26 -17.45
CA VAL A 107 -33.91 -5.20 -18.61
C VAL A 107 -32.72 -6.18 -18.52
N LEU A 108 -32.12 -6.28 -17.32
CA LEU A 108 -31.01 -7.22 -17.09
C LEU A 108 -31.47 -8.66 -17.33
N LYS A 109 -32.65 -9.02 -16.82
CA LYS A 109 -33.22 -10.35 -17.10
C LYS A 109 -33.42 -10.61 -18.58
N LYS A 110 -33.91 -9.60 -19.31
CA LYS A 110 -34.06 -9.72 -20.76
C LYS A 110 -32.73 -9.83 -21.44
N ILE A 111 -31.71 -9.13 -20.94
CA ILE A 111 -30.39 -9.26 -21.55
C ILE A 111 -29.88 -10.70 -21.34
N LYS A 112 -30.15 -11.27 -20.16
CA LYS A 112 -29.61 -12.58 -19.83
C LYS A 112 -30.16 -13.66 -20.77
N GLN A 113 -31.47 -13.64 -21.00
CA GLN A 113 -32.06 -14.63 -21.90
C GLN A 113 -31.89 -14.30 -23.38
N SER A 114 -31.23 -13.19 -23.72
CA SER A 114 -30.94 -12.81 -25.11
CA SER A 114 -31.04 -12.89 -25.13
C SER A 114 -29.97 -13.79 -25.74
N PRO A 115 -30.23 -14.27 -26.96
CA PRO A 115 -29.23 -15.06 -27.69
C PRO A 115 -27.83 -14.43 -27.72
N THR A 116 -27.76 -13.12 -27.94
CA THR A 116 -26.46 -12.44 -28.00
C THR A 116 -25.69 -12.50 -26.67
N MSE A 117 -26.36 -12.27 -25.55
CA MSE A 117 -25.68 -12.39 -24.25
C MSE A 117 -25.26 -13.84 -24.04
O MSE A 117 -24.11 -14.11 -23.65
CB MSE A 117 -26.57 -11.95 -23.08
CG MSE A 117 -25.96 -12.14 -21.68
SE MSE A 117 -24.19 -11.32 -21.40
CE MSE A 117 -24.55 -9.55 -22.03
N GLN A 118 -26.16 -14.78 -24.31
CA GLN A 118 -25.80 -16.19 -24.18
C GLN A 118 -24.58 -16.54 -25.02
N LYS A 119 -24.47 -15.94 -26.21
CA LYS A 119 -23.29 -16.13 -27.03
C LYS A 119 -22.04 -15.64 -26.29
N TRP A 120 -22.04 -14.38 -25.88
CA TRP A 120 -20.87 -13.78 -25.22
C TRP A 120 -20.42 -14.58 -24.01
N LEU A 121 -21.39 -15.12 -23.26
CA LEU A 121 -21.10 -15.86 -22.04
C LEU A 121 -20.51 -17.23 -22.33
N LYS A 122 -20.88 -17.79 -23.47
CA LYS A 122 -20.32 -19.05 -23.93
C LYS A 122 -18.90 -18.87 -24.42
N GLU A 123 -18.62 -17.73 -25.07
CA GLU A 123 -17.26 -17.37 -25.49
C GLU A 123 -16.35 -17.10 -24.31
N LEU A 124 -16.87 -16.48 -23.26
CA LEU A 124 -16.08 -16.23 -22.05
C LEU A 124 -15.69 -17.55 -21.41
N GLU A 125 -16.63 -18.47 -21.37
CA GLU A 125 -16.41 -19.77 -20.77
C GLU A 125 -15.43 -20.62 -21.61
N GLN A 126 -15.72 -20.78 -22.90
CA GLN A 126 -14.90 -21.63 -23.78
C GLN A 126 -13.53 -21.05 -24.08
N ARG A 127 -13.47 -19.80 -24.54
CA ARG A 127 -12.18 -19.21 -24.90
C ARG A 127 -11.33 -18.82 -23.69
N PHE A 128 -11.97 -18.44 -22.58
CA PHE A 128 -11.23 -17.86 -21.45
C PHE A 128 -11.43 -18.57 -20.11
N GLY A 129 -12.29 -19.57 -20.04
CA GLY A 129 -12.51 -20.28 -18.78
C GLY A 129 -13.27 -19.50 -17.71
N ILE A 130 -13.93 -18.41 -18.10
CA ILE A 130 -14.67 -17.56 -17.17
C ILE A 130 -16.15 -17.92 -17.18
N LYS A 131 -16.67 -18.32 -16.03
CA LYS A 131 -18.09 -18.57 -15.85
C LYS A 131 -18.72 -17.37 -15.13
N VAL A 132 -19.69 -16.74 -15.77
CA VAL A 132 -20.53 -15.71 -15.14
C VAL A 132 -21.67 -16.39 -14.35
N LEU A 133 -21.68 -16.24 -13.03
CA LEU A 133 -22.76 -16.79 -12.21
C LEU A 133 -23.95 -15.83 -12.17
N SER A 134 -23.67 -14.54 -12.28
CA SER A 134 -24.70 -13.53 -12.22
C SER A 134 -24.19 -12.15 -12.60
N PHE A 135 -25.09 -11.35 -13.19
CA PHE A 135 -24.87 -9.90 -13.30
C PHE A 135 -26.05 -9.06 -12.80
N TYR A 136 -26.85 -9.60 -11.86
CA TYR A 136 -27.94 -8.87 -11.22
C TYR A 136 -27.46 -8.18 -9.94
N TRP A 137 -26.25 -7.64 -9.99
CA TRP A 137 -25.62 -7.02 -8.83
C TRP A 137 -25.33 -5.61 -9.24
N VAL A 138 -26.06 -4.67 -8.67
CA VAL A 138 -26.05 -3.29 -9.12
C VAL A 138 -25.68 -2.37 -7.95
N GLN A 139 -24.69 -1.51 -8.16
CA GLN A 139 -24.26 -0.58 -7.11
C GLN A 139 -25.02 0.75 -7.17
N GLY A 140 -25.74 0.99 -8.27
CA GLY A 140 -26.53 2.19 -8.39
C GLY A 140 -25.96 3.17 -9.38
N TYR A 141 -26.66 4.29 -9.53
CA TYR A 141 -26.27 5.36 -10.46
C TYR A 141 -25.18 6.22 -9.89
N ARG A 142 -24.25 6.57 -10.77
CA ARG A 142 -23.15 7.43 -10.45
C ARG A 142 -23.42 8.81 -11.01
N HIS A 143 -22.98 9.82 -10.25
CA HIS A 143 -23.23 11.23 -10.54
C HIS A 143 -21.92 11.97 -10.40
N PHE A 144 -21.78 13.15 -10.98
CA PHE A 144 -20.54 13.91 -10.85
C PHE A 144 -20.42 14.55 -9.46
N VAL A 145 -19.22 14.54 -8.89
CA VAL A 145 -18.94 15.11 -7.59
C VAL A 145 -17.84 16.13 -7.83
N THR A 146 -18.17 17.41 -7.68
CA THR A 146 -17.32 18.51 -8.15
C THR A 146 -17.44 19.75 -7.23
N ASN A 147 -16.65 20.77 -7.51
CA ASN A 147 -16.81 22.08 -6.85
C ASN A 147 -17.38 23.12 -7.82
N LYS A 148 -18.03 22.62 -8.87
CA LYS A 148 -18.67 23.43 -9.91
C LYS A 148 -19.92 22.68 -10.32
N PRO A 149 -21.10 23.32 -10.35
CA PRO A 149 -22.29 22.59 -10.80
C PRO A 149 -22.16 22.11 -12.24
N ILE A 150 -22.67 20.92 -12.53
CA ILE A 150 -22.61 20.34 -13.87
C ILE A 150 -24.06 20.16 -14.36
N ARG A 151 -24.46 20.98 -15.32
CA ARG A 151 -25.82 20.93 -15.89
C ARG A 151 -25.86 20.57 -17.36
N LYS A 152 -24.75 20.78 -18.06
CA LYS A 152 -24.58 20.48 -19.49
C LYS A 152 -23.13 20.03 -19.74
N PRO A 153 -22.87 19.30 -20.83
CA PRO A 153 -21.53 18.82 -21.14
C PRO A 153 -20.43 19.88 -21.06
N GLU A 154 -20.72 21.10 -21.52
CA GLU A 154 -19.70 22.15 -21.59
C GLU A 154 -19.11 22.47 -20.21
N ASP A 155 -19.88 22.23 -19.15
CA ASP A 155 -19.48 22.51 -17.77
C ASP A 155 -18.33 21.61 -17.29
N LEU A 156 -18.15 20.47 -17.97
CA LEU A 156 -17.03 19.56 -17.68
C LEU A 156 -15.72 19.92 -18.38
N ASN A 157 -15.79 20.74 -19.42
N ASN A 157 -15.79 20.73 -19.43
CA ASN A 157 -14.60 21.16 -20.19
CA ASN A 157 -14.61 21.05 -20.25
C ASN A 157 -13.46 21.55 -19.28
C ASN A 157 -13.46 21.59 -19.39
N GLY A 158 -12.31 20.92 -19.48
CA GLY A 158 -11.14 21.26 -18.70
C GLY A 158 -11.08 20.67 -17.30
N LEU A 159 -12.14 20.00 -16.87
CA LEU A 159 -12.19 19.44 -15.52
C LEU A 159 -11.55 18.05 -15.45
N ARG A 160 -10.56 17.91 -14.58
CA ARG A 160 -9.95 16.60 -14.33
C ARG A 160 -10.86 15.83 -13.39
N ILE A 161 -11.57 14.84 -13.92
CA ILE A 161 -12.50 14.02 -13.11
C ILE A 161 -12.00 12.59 -12.99
N ARG A 162 -11.86 12.11 -11.76
CA ARG A 162 -11.29 10.79 -11.55
C ARG A 162 -12.39 9.79 -11.83
N THR A 163 -12.00 8.73 -12.54
CA THR A 163 -12.93 7.63 -12.88
C THR A 163 -12.06 6.36 -12.94
N PRO A 164 -12.65 5.16 -12.75
CA PRO A 164 -11.85 3.92 -12.76
C PRO A 164 -11.00 3.77 -14.03
N GLY A 165 -10.00 2.91 -13.98
CA GLY A 165 -8.93 2.96 -14.97
C GLY A 165 -9.23 2.35 -16.33
N ALA A 166 -10.22 1.48 -16.42
CA ALA A 166 -10.48 0.76 -17.67
C ALA A 166 -11.05 1.67 -18.75
N PRO A 167 -10.82 1.33 -20.04
CA PRO A 167 -11.33 2.12 -21.15
C PRO A 167 -12.82 2.45 -21.16
N ALA A 168 -13.71 1.54 -20.77
CA ALA A 168 -15.14 1.86 -20.76
C ALA A 168 -15.44 3.13 -19.94
N TRP A 169 -14.80 3.24 -18.78
CA TRP A 169 -14.93 4.42 -17.93
C TRP A 169 -14.24 5.66 -18.50
N GLN A 170 -12.96 5.52 -18.86
CA GLN A 170 -12.16 6.65 -19.31
C GLN A 170 -12.76 7.29 -20.54
N GLU A 171 -13.11 6.47 -21.53
CA GLU A 171 -13.66 6.96 -22.80
C GLU A 171 -15.04 7.55 -22.62
N SER A 172 -15.85 6.96 -21.76
CA SER A 172 -17.16 7.51 -21.41
C SER A 172 -17.06 8.93 -20.82
N ILE A 173 -16.25 9.10 -19.78
CA ILE A 173 -16.10 10.40 -19.12
C ILE A 173 -15.47 11.43 -20.04
N ARG A 174 -14.54 10.98 -20.87
CA ARG A 174 -13.98 11.83 -21.93
C ARG A 174 -15.03 12.29 -22.93
N SER A 175 -15.90 11.39 -23.37
CA SER A 175 -16.92 11.73 -24.34
C SER A 175 -17.97 12.71 -23.79
N LEU A 176 -18.24 12.64 -22.49
CA LEU A 176 -19.18 13.58 -21.82
C LEU A 176 -18.63 14.99 -21.72
N GLY A 177 -17.32 15.13 -21.74
CA GLY A 177 -16.66 16.45 -21.88
C GLY A 177 -15.51 16.71 -20.95
N ALA A 178 -15.20 15.75 -20.07
CA ALA A 178 -14.15 15.91 -19.07
C ALA A 178 -12.80 15.33 -19.50
N ILE A 179 -11.76 15.64 -18.73
CA ILE A 179 -10.49 14.94 -18.78
C ILE A 179 -10.54 13.82 -17.73
N PRO A 180 -10.65 12.55 -18.17
CA PRO A 180 -10.62 11.45 -17.21
C PRO A 180 -9.24 11.25 -16.60
N VAL A 181 -9.20 10.90 -15.31
CA VAL A 181 -7.95 10.68 -14.59
C VAL A 181 -8.08 9.46 -13.68
N ALA A 182 -7.12 8.54 -13.71
CA ALA A 182 -7.17 7.36 -12.84
C ALA A 182 -6.57 7.71 -11.48
N VAL A 183 -7.28 7.37 -10.40
CA VAL A 183 -6.74 7.54 -9.05
C VAL A 183 -7.28 6.42 -8.20
N ASN A 184 -6.42 5.74 -7.45
CA ASN A 184 -6.85 4.72 -6.50
C ASN A 184 -7.95 5.34 -5.64
N PHE A 185 -9.03 4.59 -5.43
CA PHE A 185 -10.22 5.11 -4.77
C PHE A 185 -9.90 5.69 -3.39
N GLY A 186 -9.08 4.97 -2.64
CA GLY A 186 -8.66 5.41 -1.31
C GLY A 186 -7.86 6.70 -1.34
N GLU A 187 -7.45 7.13 -2.54
CA GLU A 187 -6.65 8.38 -2.69
C GLU A 187 -7.41 9.54 -3.34
N ILE A 188 -8.71 9.37 -3.59
CA ILE A 188 -9.52 10.44 -4.21
C ILE A 188 -9.51 11.67 -3.31
N TYR A 189 -9.74 11.49 -2.01
CA TYR A 189 -9.73 12.63 -1.10
C TYR A 189 -8.40 13.41 -1.19
N THR A 190 -7.27 12.69 -1.12
CA THR A 190 -5.92 13.27 -1.26
C THR A 190 -5.74 13.98 -2.59
N ALA A 191 -6.19 13.35 -3.66
CA ALA A 191 -6.10 13.97 -5.00
C ALA A 191 -6.89 15.28 -5.10
N VAL A 192 -8.05 15.35 -4.45
CA VAL A 192 -8.84 16.57 -4.43
C VAL A 192 -8.17 17.63 -3.52
N GLN A 193 -7.85 17.27 -2.29
CA GLN A 193 -7.21 18.22 -1.36
C GLN A 193 -5.88 18.78 -1.90
N THR A 194 -5.09 17.95 -2.58
CA THR A 194 -3.83 18.43 -3.17
C THR A 194 -3.98 18.98 -4.60
N ARG A 195 -5.22 19.06 -5.08
CA ARG A 195 -5.56 19.67 -6.37
C ARG A 195 -5.00 18.93 -7.60
N ALA A 196 -4.76 17.63 -7.46
CA ALA A 196 -4.35 16.80 -8.61
C ALA A 196 -5.55 16.48 -9.51
N VAL A 197 -6.75 16.46 -8.93
CA VAL A 197 -8.01 16.33 -9.69
C VAL A 197 -9.02 17.38 -9.22
N ASP A 198 -10.06 17.60 -10.05
CA ASP A 198 -11.08 18.61 -9.75
C ASP A 198 -12.35 17.99 -9.17
N GLY A 199 -12.51 16.68 -9.35
CA GLY A 199 -13.71 16.00 -8.88
C GLY A 199 -13.68 14.53 -9.21
N ALA A 200 -14.83 13.89 -9.02
CA ALA A 200 -14.98 12.46 -9.22
C ALA A 200 -16.39 12.20 -9.73
N GLU A 201 -16.75 10.93 -9.87
CA GLU A 201 -18.08 10.57 -10.28
C GLU A 201 -18.38 9.26 -9.58
N LEU A 202 -19.38 9.28 -8.71
CA LEU A 202 -19.55 8.25 -7.68
C LEU A 202 -21.01 8.13 -7.28
N THR A 203 -21.33 7.12 -6.48
CA THR A 203 -22.61 7.01 -5.82
C THR A 203 -22.60 7.84 -4.53
N TYR A 204 -23.79 8.11 -3.98
CA TYR A 204 -23.90 8.87 -2.74
C TYR A 204 -23.26 8.12 -1.55
N ALA A 205 -23.37 6.80 -1.54
CA ALA A 205 -22.70 5.97 -0.52
C ALA A 205 -21.18 6.16 -0.56
N ASN A 206 -20.61 6.11 -1.76
CA ASN A 206 -19.17 6.32 -1.94
C ASN A 206 -18.78 7.69 -1.41
N VAL A 207 -19.53 8.71 -1.81
CA VAL A 207 -19.24 10.09 -1.42
C VAL A 207 -19.36 10.23 0.10
N TYR A 208 -20.43 9.69 0.67
CA TYR A 208 -20.63 9.84 2.11
C TYR A 208 -19.58 9.07 2.96
N ASN A 209 -19.41 7.79 2.65
CA ASN A 209 -18.50 6.94 3.40
C ASN A 209 -17.03 7.39 3.23
N GLY A 210 -16.70 7.99 2.11
CA GLY A 210 -15.36 8.56 1.93
C GLY A 210 -15.14 9.94 2.54
N GLY A 211 -16.20 10.51 3.14
CA GLY A 211 -16.17 11.85 3.69
C GLY A 211 -15.81 12.89 2.65
N LEU A 212 -16.13 12.60 1.40
CA LEU A 212 -15.71 13.49 0.32
C LEU A 212 -16.48 14.83 0.30
N TYR A 213 -17.58 14.90 1.03
CA TYR A 213 -18.32 16.14 1.21
C TYR A 213 -17.49 17.24 1.91
N GLU A 214 -16.41 16.84 2.56
CA GLU A 214 -15.48 17.82 3.17
C GLU A 214 -14.72 18.63 2.11
N VAL A 215 -14.58 18.08 0.90
CA VAL A 215 -13.70 18.70 -0.13
C VAL A 215 -14.36 18.96 -1.48
N LEU A 216 -15.54 18.39 -1.69
CA LEU A 216 -16.36 18.62 -2.87
C LEU A 216 -17.76 19.04 -2.40
N LYS A 217 -18.30 20.06 -3.07
CA LYS A 217 -19.57 20.67 -2.67
C LYS A 217 -20.77 20.14 -3.44
N TYR A 218 -20.61 19.87 -4.73
CA TYR A 218 -21.74 19.56 -5.61
C TYR A 218 -21.88 18.11 -6.06
N MSE A 219 -23.10 17.59 -5.91
CA MSE A 219 -23.50 16.34 -6.54
CA MSE A 219 -23.48 16.34 -6.56
C MSE A 219 -24.45 16.70 -7.67
O MSE A 219 -25.54 17.18 -7.40
CB MSE A 219 -24.20 15.44 -5.53
CB MSE A 219 -24.11 15.37 -5.56
CG MSE A 219 -24.19 14.00 -5.94
CG MSE A 219 -24.32 13.98 -6.14
SE MSE A 219 -22.66 13.08 -5.18
SE MSE A 219 -22.70 12.95 -6.39
CE MSE A 219 -23.21 11.25 -5.61
CE MSE A 219 -23.41 11.21 -5.86
N SER A 220 -24.02 16.50 -8.92
CA SER A 220 -24.86 16.80 -10.07
C SER A 220 -25.37 15.49 -10.66
N GLU A 221 -26.69 15.34 -10.69
CA GLU A 221 -27.33 14.06 -10.94
C GLU A 221 -27.50 13.71 -12.41
N THR A 222 -26.36 13.57 -13.07
CA THR A 222 -26.31 13.18 -14.47
C THR A 222 -26.69 11.71 -14.63
N GLY A 223 -26.50 10.89 -13.59
CA GLY A 223 -26.87 9.47 -13.60
C GLY A 223 -26.28 8.75 -14.82
N HIS A 224 -25.05 9.11 -15.15
CA HIS A 224 -24.38 8.69 -16.39
C HIS A 224 -23.89 7.22 -16.42
N PHE A 225 -23.70 6.59 -15.26
CA PHE A 225 -23.45 5.14 -15.18
C PHE A 225 -24.42 4.49 -14.22
N LEU A 226 -24.91 3.31 -14.59
CA LEU A 226 -25.45 2.35 -13.64
C LEU A 226 -24.43 1.21 -13.53
N LEU A 227 -23.79 1.07 -12.39
CA LEU A 227 -22.73 0.07 -12.20
C LEU A 227 -23.29 -1.33 -12.02
N ILE A 228 -23.11 -2.13 -13.07
CA ILE A 228 -23.55 -3.50 -13.09
C ILE A 228 -22.33 -4.37 -12.83
N ASN A 229 -22.35 -5.10 -11.74
CA ASN A 229 -21.24 -6.01 -11.45
C ASN A 229 -21.51 -7.38 -12.01
N PHE A 230 -20.43 -8.04 -12.43
CA PHE A 230 -20.47 -9.41 -12.92
C PHE A 230 -19.77 -10.31 -11.91
N GLU A 231 -20.41 -11.43 -11.58
CA GLU A 231 -19.92 -12.31 -10.54
C GLU A 231 -19.41 -13.56 -11.24
N ILE A 232 -18.08 -13.77 -11.19
CA ILE A 232 -17.45 -14.81 -11.98
C ILE A 232 -16.78 -15.88 -11.11
N VAL A 233 -16.72 -17.10 -11.64
CA VAL A 233 -15.92 -18.20 -11.09
C VAL A 233 -15.21 -18.94 -12.23
N SER A 234 -14.26 -19.80 -11.88
CA SER A 234 -13.61 -20.69 -12.84
C SER A 234 -14.62 -21.62 -13.49
N ALA A 235 -14.66 -21.65 -14.81
CA ALA A 235 -15.55 -22.57 -15.54
C ALA A 235 -15.18 -24.03 -15.22
N ASP A 236 -13.88 -24.31 -15.14
CA ASP A 236 -13.38 -25.66 -14.81
C ASP A 236 -13.85 -26.12 -13.44
N TRP A 237 -13.71 -25.27 -12.43
CA TRP A 237 -14.22 -25.56 -11.10
C TRP A 237 -15.74 -25.70 -11.07
N PHE A 238 -16.45 -24.73 -11.63
CA PHE A 238 -17.91 -24.78 -11.61
C PHE A 238 -18.41 -26.09 -12.22
N ASN A 239 -17.84 -26.43 -13.39
CA ASN A 239 -18.19 -27.66 -14.11
C ASN A 239 -17.85 -28.95 -13.34
N SER A 240 -16.88 -28.87 -12.43
CA SER A 240 -16.53 -30.01 -11.59
C SER A 240 -17.58 -30.31 -10.52
N LEU A 241 -18.48 -29.36 -10.29
CA LEU A 241 -19.53 -29.52 -9.30
C LEU A 241 -20.67 -30.33 -9.90
N PRO A 242 -21.45 -31.00 -9.05
CA PRO A 242 -22.66 -31.63 -9.53
C PRO A 242 -23.63 -30.59 -10.08
N LYS A 243 -24.42 -30.96 -11.09
CA LYS A 243 -25.39 -30.05 -11.71
C LYS A 243 -26.36 -29.41 -10.72
N GLU A 244 -26.81 -30.15 -9.71
CA GLU A 244 -27.73 -29.61 -8.71
CA GLU A 244 -27.75 -29.58 -8.76
C GLU A 244 -27.09 -28.45 -7.98
N TYR A 245 -25.79 -28.58 -7.69
CA TYR A 245 -25.08 -27.54 -6.96
C TYR A 245 -24.79 -26.35 -7.86
N GLN A 246 -24.51 -26.63 -9.13
CA GLN A 246 -24.35 -25.58 -10.11
C GLN A 246 -25.58 -24.67 -10.15
N LYS A 247 -26.76 -25.27 -10.14
CA LYS A 247 -28.01 -24.53 -10.20
C LYS A 247 -28.30 -23.77 -8.93
N ILE A 248 -28.06 -24.39 -7.77
CA ILE A 248 -28.21 -23.71 -6.49
C ILE A 248 -27.31 -22.48 -6.38
N ILE A 249 -26.07 -22.61 -6.78
CA ILE A 249 -25.13 -21.50 -6.67
C ILE A 249 -25.57 -20.30 -7.51
N GLU A 250 -25.89 -20.53 -8.78
CA GLU A 250 -26.34 -19.46 -9.69
C GLU A 250 -27.66 -18.84 -9.30
N GLU A 251 -28.63 -19.68 -8.92
CA GLU A 251 -29.98 -19.21 -8.54
C GLU A 251 -29.97 -18.42 -7.26
N GLU A 252 -29.22 -18.88 -6.27
CA GLU A 252 -29.12 -18.18 -5.01
C GLU A 252 -28.43 -16.83 -5.13
N MSE A 253 -27.55 -16.67 -6.09
N MSE A 253 -27.49 -16.75 -6.08
CA MSE A 253 -26.88 -15.39 -6.19
CA MSE A 253 -26.72 -15.53 -6.38
C MSE A 253 -27.57 -14.41 -7.11
C MSE A 253 -27.57 -14.48 -7.07
O MSE A 253 -27.44 -13.20 -6.90
O MSE A 253 -27.54 -13.31 -6.70
CB MSE A 253 -25.44 -15.55 -6.58
CB MSE A 253 -25.50 -15.85 -7.26
CG MSE A 253 -24.59 -14.77 -5.62
CG MSE A 253 -24.51 -14.68 -7.33
SE MSE A 253 -23.19 -14.10 -6.55
SE MSE A 253 -22.68 -15.15 -7.75
CE MSE A 253 -21.68 -14.48 -5.44
CE MSE A 253 -21.74 -14.27 -6.29
N ASP A 254 -28.30 -14.90 -8.10
CA ASP A 254 -29.21 -14.03 -8.86
C ASP A 254 -30.24 -13.44 -7.90
N LYS A 255 -30.73 -14.28 -7.00
CA LYS A 255 -31.68 -13.91 -5.97
C LYS A 255 -31.16 -12.91 -4.94
N ALA A 256 -29.96 -13.17 -4.42
CA ALA A 256 -29.31 -12.24 -3.50
C ALA A 256 -28.97 -10.92 -4.19
N GLY A 257 -28.62 -11.01 -5.46
CA GLY A 257 -28.24 -9.85 -6.25
C GLY A 257 -29.39 -8.92 -6.54
N ILE A 258 -30.52 -9.46 -7.03
CA ILE A 258 -31.75 -8.70 -7.22
CA ILE A 258 -31.66 -8.60 -7.24
C ILE A 258 -32.10 -7.97 -5.91
N GLU A 259 -32.05 -8.72 -4.82
CA GLU A 259 -32.45 -8.17 -3.52
C GLU A 259 -31.60 -6.96 -3.10
N VAL A 260 -30.28 -7.07 -3.14
CA VAL A 260 -29.44 -5.94 -2.71
C VAL A 260 -29.48 -4.79 -3.74
N SER A 261 -29.59 -5.09 -5.02
CA SER A 261 -29.70 -4.07 -6.05
C SER A 261 -30.88 -3.12 -5.83
N LEU A 262 -32.02 -3.67 -5.48
CA LEU A 262 -33.22 -2.88 -5.24
C LEU A 262 -33.13 -2.12 -3.94
N LYS A 263 -32.55 -2.72 -2.91
CA LYS A 263 -32.35 -2.01 -1.64
C LYS A 263 -31.42 -0.82 -1.83
N ILE A 264 -30.33 -1.05 -2.54
CA ILE A 264 -29.42 0.03 -2.92
C ILE A 264 -30.15 1.15 -3.69
N MSE A 265 -30.85 0.78 -4.77
CA MSE A 265 -31.44 1.77 -5.68
C MSE A 265 -32.70 2.45 -5.18
O MSE A 265 -32.98 3.57 -5.60
CB MSE A 265 -31.74 1.13 -7.04
CG MSE A 265 -30.53 1.02 -7.91
SE MSE A 265 -30.98 0.38 -9.68
CE MSE A 265 -31.76 -1.34 -9.19
N LYS A 266 -33.46 1.77 -4.32
CA LYS A 266 -34.75 2.25 -3.84
C LYS A 266 -34.68 2.82 -2.42
N GLU A 267 -33.66 2.46 -1.64
CA GLU A 267 -33.57 2.98 -0.27
C GLU A 267 -32.23 3.54 0.17
N LEU A 268 -31.14 2.81 -0.05
CA LEU A 268 -29.88 3.20 0.60
C LEU A 268 -29.30 4.43 -0.05
N GLU A 269 -29.32 4.48 -1.37
CA GLU A 269 -28.82 5.65 -2.07
C GLU A 269 -29.61 6.92 -1.70
N GLU A 270 -30.92 6.75 -1.47
CA GLU A 270 -31.79 7.83 -1.02
C GLU A 270 -31.37 8.31 0.38
N GLU A 271 -31.08 7.38 1.29
CA GLU A 271 -30.65 7.73 2.65
C GLU A 271 -29.35 8.46 2.65
N TYR A 272 -28.41 8.00 1.83
CA TYR A 272 -27.10 8.63 1.73
C TYR A 272 -27.18 10.02 1.10
N LYS A 273 -28.10 10.20 0.15
CA LYS A 273 -28.39 11.53 -0.40
C LYS A 273 -28.79 12.48 0.71
N GLN A 274 -29.72 12.05 1.55
CA GLN A 274 -30.15 12.87 2.69
C GLN A 274 -29.01 13.17 3.63
N LYS A 275 -28.16 12.17 3.90
CA LYS A 275 -26.99 12.40 4.76
C LYS A 275 -26.02 13.38 4.14
N CYS A 276 -25.85 13.34 2.83
CA CYS A 276 -24.94 14.26 2.14
C CYS A 276 -25.45 15.69 2.18
N ILE A 277 -26.75 15.85 1.95
CA ILE A 277 -27.44 17.13 2.12
C ILE A 277 -27.22 17.64 3.53
N GLU A 278 -27.40 16.77 4.51
CA GLU A 278 -27.16 17.14 5.90
C GLU A 278 -25.70 17.47 6.25
N LYS A 279 -24.76 17.10 5.38
CA LYS A 279 -23.35 17.45 5.54
C LYS A 279 -22.99 18.66 4.71
N GLY A 280 -23.98 19.23 4.03
CA GLY A 280 -23.86 20.53 3.44
C GLY A 280 -23.62 20.54 1.94
N MSE A 281 -23.79 19.40 1.29
CA MSE A 281 -23.60 19.33 -0.17
C MSE A 281 -24.79 19.95 -0.89
O MSE A 281 -25.91 19.89 -0.41
CB MSE A 281 -23.42 17.89 -0.63
CG MSE A 281 -22.15 17.26 -0.12
SE MSE A 281 -21.80 15.67 -1.17
CE MSE A 281 -20.99 16.47 -2.78
N ALA A 282 -24.51 20.52 -2.06
CA ALA A 282 -25.53 21.04 -2.95
C ALA A 282 -25.80 20.03 -4.03
N VAL A 283 -27.05 19.59 -4.14
CA VAL A 283 -27.46 18.64 -5.18
C VAL A 283 -28.02 19.40 -6.34
N ILE A 284 -27.50 19.16 -7.55
CA ILE A 284 -28.11 19.63 -8.78
C ILE A 284 -29.00 18.50 -9.29
N PRO A 285 -30.34 18.64 -9.14
CA PRO A 285 -31.22 17.51 -9.42
C PRO A 285 -31.25 17.18 -10.89
N ALA A 286 -31.69 15.96 -11.22
CA ALA A 286 -31.69 15.48 -12.59
C ALA A 286 -32.50 16.41 -13.49
N SER A 287 -33.67 16.82 -13.01
CA SER A 287 -34.56 17.72 -13.74
C SER A 287 -33.94 19.05 -14.14
N GLU A 288 -32.86 19.46 -13.48
CA GLU A 288 -32.13 20.65 -13.87
C GLU A 288 -31.01 20.40 -14.87
N ILE A 289 -30.83 19.14 -15.26
CA ILE A 289 -29.68 18.79 -16.07
C ILE A 289 -30.15 18.39 -17.46
N ASP A 290 -29.40 18.82 -18.45
CA ASP A 290 -29.68 18.48 -19.83
C ASP A 290 -29.21 17.04 -20.11
N LYS A 291 -29.96 16.04 -19.65
CA LYS A 291 -29.51 14.64 -19.74
C LYS A 291 -29.47 14.14 -21.18
N GLU A 292 -30.40 14.60 -22.01
CA GLU A 292 -30.36 14.30 -23.45
C GLU A 292 -29.06 14.77 -24.10
N ALA A 293 -28.57 15.95 -23.73
CA ALA A 293 -27.30 16.44 -24.27
C ALA A 293 -26.15 15.49 -23.89
N PHE A 294 -26.22 14.92 -22.68
CA PHE A 294 -25.18 14.00 -22.19
C PHE A 294 -25.30 12.65 -22.90
N MSE A 295 -26.52 12.18 -23.05
CA MSE A 295 -26.76 10.94 -23.78
C MSE A 295 -26.23 11.04 -25.20
O MSE A 295 -25.66 10.07 -25.72
CB MSE A 295 -28.24 10.59 -23.77
CG MSE A 295 -28.72 10.16 -22.40
SE MSE A 295 -30.60 9.87 -22.19
CE MSE A 295 -30.72 10.20 -20.27
N GLU A 296 -26.42 12.20 -25.82
CA GLU A 296 -25.95 12.42 -27.19
C GLU A 296 -24.41 12.44 -27.26
N LYS A 297 -23.77 13.07 -26.28
CA LYS A 297 -22.30 13.03 -26.19
C LYS A 297 -21.80 11.60 -25.93
N ALA A 298 -22.52 10.83 -25.12
CA ALA A 298 -22.11 9.48 -24.76
C ALA A 298 -21.91 8.53 -25.96
N LYS A 299 -22.74 8.70 -27.00
CA LYS A 299 -22.67 7.87 -28.22
C LYS A 299 -21.27 7.80 -28.81
N GLN A 300 -20.50 8.87 -28.71
CA GLN A 300 -19.13 8.87 -29.24
C GLN A 300 -18.16 7.90 -28.54
N ALA A 301 -18.42 7.57 -27.27
CA ALA A 301 -17.65 6.54 -26.58
C ALA A 301 -17.95 5.16 -27.18
N TYR A 302 -19.21 4.91 -27.50
CA TYR A 302 -19.60 3.66 -28.12
C TYR A 302 -18.86 3.48 -29.46
N LYS A 303 -18.80 4.56 -30.23
CA LYS A 303 -18.10 4.55 -31.52
C LYS A 303 -16.58 4.43 -31.37
N ASN A 304 -15.99 5.19 -30.45
CA ASN A 304 -14.54 5.13 -30.25
C ASN A 304 -14.02 3.73 -29.84
N LEU A 305 -14.86 2.98 -29.14
CA LEU A 305 -14.48 1.67 -28.67
C LEU A 305 -14.96 0.54 -29.56
N GLY A 306 -15.88 0.83 -30.49
CA GLY A 306 -16.41 -0.18 -31.38
C GLY A 306 -17.53 -1.04 -30.80
N LEU A 307 -18.38 -0.41 -29.99
CA LEU A 307 -19.43 -1.12 -29.24
C LEU A 307 -20.86 -0.70 -29.58
N GLU A 308 -21.03 0.15 -30.59
CA GLU A 308 -22.37 0.61 -30.98
C GLU A 308 -23.20 -0.55 -31.58
N ASN A 309 -22.56 -1.36 -32.43
CA ASN A 309 -23.24 -2.57 -32.93
C ASN A 309 -23.69 -3.47 -31.79
N ALA A 310 -22.83 -3.62 -30.78
CA ALA A 310 -23.16 -4.42 -29.60
C ALA A 310 -24.43 -3.92 -28.90
N LEU A 311 -24.52 -2.61 -28.71
CA LEU A 311 -25.71 -1.99 -28.08
C LEU A 311 -26.98 -2.26 -28.89
N ASN A 312 -26.89 -1.95 -30.18
CA ASN A 312 -28.01 -2.14 -31.12
C ASN A 312 -28.49 -3.58 -31.16
N GLN A 313 -27.51 -4.50 -31.18
CA GLN A 313 -27.84 -5.91 -31.13
C GLN A 313 -28.61 -6.26 -29.88
N LEU A 314 -28.21 -5.72 -28.74
CA LEU A 314 -28.96 -5.95 -27.50
C LEU A 314 -30.36 -5.29 -27.50
N ILE A 315 -30.44 -4.10 -28.08
CA ILE A 315 -31.72 -3.36 -28.18
C ILE A 315 -32.79 -4.18 -28.92
N LYS A 316 -32.38 -4.69 -30.09
CA LYS A 316 -33.21 -5.59 -30.92
C LYS A 316 -33.87 -6.76 -30.18
N GLU A 317 -33.06 -7.54 -29.46
CA GLU A 317 -33.54 -8.78 -28.85
C GLU A 317 -34.37 -8.53 -27.58
N VAL A 318 -34.10 -7.40 -26.92
CA VAL A 318 -34.83 -7.04 -25.70
C VAL A 318 -36.21 -6.38 -25.98
N LYS A 319 -36.35 -5.67 -27.10
CA LYS A 319 -37.63 -4.96 -27.44
C LYS A 319 -38.92 -5.81 -27.58
N GLY A 320 -38.86 -7.08 -27.17
CA GLY A 320 -40.03 -7.77 -26.66
C GLY A 320 -40.50 -7.03 -25.40
N GLU A 321 -41.62 -7.37 -24.76
CA GLU A 321 -42.43 -8.58 -24.88
C GLU A 321 -41.78 -9.72 -24.09
N PHE B 5 1.38 -18.40 -27.39
CA PHE B 5 2.78 -17.95 -27.53
C PHE B 5 3.29 -17.42 -26.18
N GLY B 6 4.57 -17.64 -25.89
CA GLY B 6 5.15 -17.36 -24.58
C GLY B 6 4.86 -18.48 -23.59
N ALA B 7 5.27 -18.28 -22.35
CA ALA B 7 5.15 -19.33 -21.32
C ALA B 7 3.71 -19.59 -20.94
N LYS B 8 3.37 -20.86 -20.75
CA LYS B 8 2.05 -21.20 -20.26
C LYS B 8 1.91 -20.74 -18.81
N TYR B 9 2.96 -20.93 -18.00
CA TYR B 9 2.92 -20.57 -16.59
C TYR B 9 3.80 -19.37 -16.28
N THR B 10 3.21 -18.38 -15.62
CA THR B 10 3.92 -17.21 -15.17
C THR B 10 3.74 -17.07 -13.67
N LEU B 11 4.83 -16.67 -13.02
CA LEU B 11 4.84 -16.45 -11.59
C LEU B 11 5.48 -15.10 -11.35
N ARG B 12 4.90 -14.31 -10.45
CA ARG B 12 5.46 -13.02 -10.09
C ARG B 12 5.99 -13.20 -8.67
N PHE B 13 7.31 -13.07 -8.54
CA PHE B 13 8.00 -13.29 -7.26
C PHE B 13 8.44 -11.96 -6.64
N GLY B 14 7.94 -11.74 -5.42
CA GLY B 14 8.15 -10.51 -4.71
C GLY B 14 8.91 -10.61 -3.40
N HIS B 15 9.13 -9.44 -2.81
CA HIS B 15 9.99 -9.24 -1.65
C HIS B 15 11.42 -9.78 -1.85
N VAL B 16 11.93 -9.67 -3.07
CA VAL B 16 13.30 -10.09 -3.38
C VAL B 16 14.23 -8.93 -2.99
N LEU B 17 14.52 -8.89 -1.70
CA LEU B 17 15.06 -7.72 -1.05
C LEU B 17 15.86 -8.18 0.16
N ALA B 18 17.10 -7.74 0.25
CA ALA B 18 18.05 -8.23 1.23
C ALA B 18 19.23 -7.28 1.22
N PRO B 19 19.14 -6.16 1.96
CA PRO B 19 20.13 -5.08 1.90
C PRO B 19 21.58 -5.60 1.95
N GLY B 20 22.34 -5.30 0.90
CA GLY B 20 23.75 -5.69 0.79
C GLY B 20 24.02 -7.07 0.20
N GLU B 21 23.01 -7.94 0.22
CA GLU B 21 23.14 -9.35 -0.16
C GLU B 21 22.62 -9.57 -1.60
N PRO B 22 23.27 -10.47 -2.36
CA PRO B 22 22.97 -10.72 -3.79
C PRO B 22 21.78 -11.66 -4.07
N TYR B 23 20.66 -11.45 -3.38
CA TYR B 23 19.44 -12.23 -3.61
C TYR B 23 18.85 -11.95 -4.99
N HIS B 24 18.87 -10.69 -5.42
CA HIS B 24 18.29 -10.32 -6.70
C HIS B 24 18.94 -11.08 -7.87
N GLN B 25 20.27 -11.12 -7.89
CA GLN B 25 21.00 -11.81 -8.94
C GLN B 25 20.80 -13.32 -8.85
N ALA B 26 20.68 -13.87 -7.65
CA ALA B 26 20.44 -15.29 -7.46
C ALA B 26 19.05 -15.71 -7.95
N PHE B 27 18.09 -14.81 -7.81
CA PHE B 27 16.73 -15.05 -8.29
C PHE B 27 16.65 -15.02 -9.80
N LEU B 28 17.32 -14.05 -10.40
CA LEU B 28 17.35 -13.94 -11.87
C LEU B 28 18.03 -15.16 -12.52
N LYS B 29 19.09 -15.66 -11.87
CA LYS B 29 19.77 -16.86 -12.28
C LYS B 29 18.84 -18.06 -12.21
N TRP B 30 18.17 -18.21 -11.07
CA TRP B 30 17.19 -19.27 -10.89
C TRP B 30 16.07 -19.19 -11.95
N ALA B 31 15.51 -18.01 -12.13
CA ALA B 31 14.41 -17.81 -13.07
C ALA B 31 14.81 -18.24 -14.48
N LYS B 32 16.00 -17.80 -14.90
CA LYS B 32 16.58 -18.14 -16.20
C LYS B 32 16.76 -19.66 -16.32
N ALA B 33 17.31 -20.29 -15.27
CA ALA B 33 17.49 -21.75 -15.29
C ALA B 33 16.17 -22.50 -15.40
N VAL B 34 15.15 -22.03 -14.70
CA VAL B 34 13.81 -22.66 -14.73
C VAL B 34 13.15 -22.55 -16.10
N GLU B 35 13.32 -21.43 -16.78
CA GLU B 35 12.70 -21.25 -18.08
C GLU B 35 13.41 -22.08 -19.15
N GLU B 36 14.73 -22.06 -19.10
CA GLU B 36 15.57 -22.92 -19.96
C GLU B 36 15.17 -24.38 -19.83
N LYS B 37 15.14 -24.90 -18.61
CA LYS B 37 14.88 -26.32 -18.37
C LYS B 37 13.43 -26.77 -18.53
N THR B 38 12.48 -25.83 -18.59
CA THR B 38 11.07 -26.16 -18.85
C THR B 38 10.70 -25.82 -20.29
N ASN B 39 11.70 -25.53 -21.11
CA ASN B 39 11.54 -25.26 -22.54
C ASN B 39 10.63 -24.06 -22.82
N GLY B 40 10.75 -23.04 -21.97
CA GLY B 40 9.99 -21.79 -22.13
C GLY B 40 8.57 -21.82 -21.56
N ASP B 41 8.19 -22.93 -20.93
CA ASP B 41 6.83 -23.10 -20.44
C ASP B 41 6.60 -22.52 -19.04
N VAL B 42 7.67 -22.28 -18.29
CA VAL B 42 7.56 -21.62 -16.97
C VAL B 42 8.51 -20.44 -16.91
N ARG B 43 7.98 -19.27 -16.54
CA ARG B 43 8.81 -18.09 -16.32
C ARG B 43 8.42 -17.36 -15.05
N ILE B 44 9.41 -16.78 -14.41
CA ILE B 44 9.24 -16.06 -13.15
C ILE B 44 9.64 -14.63 -13.39
N GLU B 45 8.79 -13.69 -12.98
CA GLU B 45 9.15 -12.27 -12.92
C GLU B 45 9.59 -11.95 -11.49
N VAL B 46 10.69 -11.22 -11.35
CA VAL B 46 11.30 -10.94 -10.07
C VAL B 46 11.21 -9.45 -9.68
N PHE B 47 10.64 -9.21 -8.49
CA PHE B 47 10.39 -7.86 -7.99
C PHE B 47 11.04 -7.61 -6.62
N PRO B 48 11.84 -6.54 -6.51
CA PRO B 48 12.40 -6.12 -5.23
C PRO B 48 11.40 -5.27 -4.45
N SER B 49 10.23 -5.85 -4.19
CA SER B 49 9.11 -5.12 -3.62
C SER B 49 9.20 -5.15 -2.08
N SER B 50 8.65 -4.12 -1.45
CA SER B 50 8.59 -4.07 0.00
C SER B 50 7.31 -4.74 0.47
N GLN B 51 7.33 -5.24 1.68
CA GLN B 51 6.17 -5.93 2.26
C GLN B 51 5.41 -5.02 3.21
N LEU B 52 5.94 -3.82 3.40
CA LEU B 52 5.45 -2.86 4.40
C LEU B 52 4.00 -2.47 4.09
N GLY B 53 3.11 -2.75 5.06
CA GLY B 53 1.69 -2.47 4.92
C GLY B 53 0.87 -3.41 4.05
N VAL B 54 1.50 -4.45 3.48
CA VAL B 54 0.82 -5.35 2.53
C VAL B 54 1.05 -6.85 2.80
N GLU B 55 1.76 -7.16 3.88
CA GLU B 55 2.18 -8.52 4.19
C GLU B 55 0.99 -9.52 4.30
N GLU B 56 0.01 -9.18 5.12
CA GLU B 56 -1.16 -10.04 5.32
C GLU B 56 -1.96 -10.22 4.04
N ASP B 57 -2.07 -9.15 3.26
N ASP B 57 -2.09 -9.16 3.26
CA ASP B 57 -2.80 -9.18 1.99
CA ASP B 57 -2.85 -9.23 2.01
C ASP B 57 -2.13 -10.13 0.99
C ASP B 57 -2.15 -10.10 0.96
N ILE B 58 -0.82 -10.07 0.90
CA ILE B 58 -0.08 -10.94 -0.02
C ILE B 58 -0.28 -12.42 0.31
N ILE B 59 -0.25 -12.77 1.61
CA ILE B 59 -0.55 -14.15 2.00
C ILE B 59 -1.99 -14.53 1.66
N GLU B 60 -2.91 -13.59 1.73
CA GLU B 60 -4.29 -13.85 1.38
C GLU B 60 -4.44 -14.18 -0.11
N GLN B 61 -3.73 -13.45 -0.95
CA GLN B 61 -3.69 -13.76 -2.38
C GLN B 61 -3.25 -15.20 -2.61
N ILE B 62 -2.19 -15.60 -1.92
CA ILE B 62 -1.63 -16.94 -2.00
C ILE B 62 -2.64 -17.98 -1.55
N ARG B 63 -3.28 -17.75 -0.41
CA ARG B 63 -4.44 -18.57 0.03
C ARG B 63 -5.47 -18.75 -1.08
N MSE B 64 -5.69 -17.72 -1.89
CA MSE B 64 -6.67 -17.80 -2.97
C MSE B 64 -6.10 -18.18 -4.33
O MSE B 64 -6.71 -17.89 -5.37
CB MSE B 64 -7.40 -16.48 -3.07
CG MSE B 64 -8.30 -16.27 -1.91
SE MSE B 64 -8.92 -14.51 -1.94
CE MSE B 64 -10.19 -14.75 -3.40
N GLY B 65 -4.94 -18.82 -4.35
CA GLY B 65 -4.40 -19.38 -5.58
C GLY B 65 -3.73 -18.45 -6.57
N ALA B 66 -3.38 -17.23 -6.18
CA ALA B 66 -2.72 -16.30 -7.12
C ALA B 66 -1.33 -16.78 -7.56
N PRO B 67 -0.96 -16.49 -8.83
CA PRO B 67 0.39 -16.82 -9.31
C PRO B 67 1.45 -15.88 -8.74
N VAL B 68 1.55 -15.84 -7.41
CA VAL B 68 2.52 -14.98 -6.74
C VAL B 68 3.42 -15.83 -5.84
N GLY B 69 4.67 -15.40 -5.73
CA GLY B 69 5.62 -16.01 -4.84
C GLY B 69 6.13 -14.92 -3.93
N TRP B 70 6.65 -15.31 -2.77
CA TRP B 70 7.09 -14.33 -1.78
C TRP B 70 8.30 -14.86 -1.00
N ASN B 71 9.33 -14.03 -0.91
CA ASN B 71 10.49 -14.30 -0.08
C ASN B 71 10.17 -13.91 1.37
N THR B 72 9.88 -14.90 2.20
CA THR B 72 9.49 -14.62 3.58
C THR B 72 10.38 -15.40 4.56
N ASP B 73 9.87 -15.76 5.73
CA ASP B 73 10.65 -16.48 6.74
C ASP B 73 9.69 -17.25 7.61
N SER B 74 10.21 -18.03 8.54
CA SER B 74 9.37 -18.87 9.41
C SER B 74 8.73 -18.12 10.57
N ALA B 75 9.23 -16.94 10.91
CA ALA B 75 8.55 -16.07 11.89
C ALA B 75 7.19 -15.67 11.34
N ARG B 76 7.15 -15.40 10.03
CA ARG B 76 5.90 -15.06 9.36
C ARG B 76 5.03 -16.30 9.14
N LEU B 77 5.62 -17.39 8.66
CA LEU B 77 4.86 -18.64 8.47
C LEU B 77 4.32 -19.20 9.77
N GLY B 78 5.00 -18.92 10.88
CA GLY B 78 4.56 -19.35 12.19
C GLY B 78 3.30 -18.69 12.72
N MSE B 79 2.83 -17.64 12.03
CA MSE B 79 1.55 -16.98 12.28
CA MSE B 79 1.58 -17.01 12.38
C MSE B 79 0.40 -17.84 11.82
O MSE B 79 -0.72 -17.64 12.22
CB MSE B 79 1.41 -15.66 11.50
CB MSE B 79 1.56 -15.55 11.93
CG MSE B 79 2.42 -14.60 11.79
CG MSE B 79 2.62 -14.71 12.67
SE MSE B 79 2.83 -14.51 13.68
SE MSE B 79 2.96 -12.90 12.01
CE MSE B 79 1.10 -14.02 14.43
CE MSE B 79 4.87 -12.83 12.27
N TYR B 80 0.70 -18.77 10.91
CA TYR B 80 -0.34 -19.66 10.35
C TYR B 80 -0.25 -21.04 10.97
N VAL B 81 0.88 -21.71 10.77
CA VAL B 81 1.16 -22.99 11.42
C VAL B 81 2.22 -22.72 12.48
N LYS B 82 1.80 -22.70 13.74
CA LYS B 82 2.61 -22.17 14.83
C LYS B 82 4.03 -22.71 14.94
N ASP B 83 4.18 -24.03 14.78
CA ASP B 83 5.41 -24.71 15.18
C ASP B 83 6.59 -24.47 14.26
N ILE B 84 6.32 -24.13 13.01
CA ILE B 84 7.39 -23.88 12.10
C ILE B 84 8.18 -22.60 12.44
N GLY B 85 7.57 -21.71 13.23
CA GLY B 85 8.25 -20.52 13.74
C GLY B 85 9.42 -20.76 14.68
N VAL B 86 9.57 -21.98 15.17
CA VAL B 86 10.75 -22.36 15.95
C VAL B 86 12.07 -22.05 15.21
N MSE B 87 12.04 -22.15 13.88
CA MSE B 87 13.24 -21.98 13.07
C MSE B 87 13.66 -20.51 12.87
O MSE B 87 14.65 -20.25 12.18
CB MSE B 87 13.02 -22.65 11.71
CG MSE B 87 12.74 -24.16 11.83
SE MSE B 87 12.62 -25.05 10.10
CE MSE B 87 14.22 -24.45 9.23
N ASN B 88 12.90 -19.58 13.44
CA ASN B 88 13.25 -18.15 13.49
C ASN B 88 13.55 -17.65 14.91
N LEU B 89 13.61 -18.57 15.87
CA LEU B 89 13.95 -18.22 17.25
C LEU B 89 15.47 -18.16 17.46
N ALA B 90 15.86 -17.40 18.48
CA ALA B 90 17.24 -17.17 18.80
C ALA B 90 17.93 -18.48 19.09
N TYR B 91 19.08 -18.63 18.44
CA TYR B 91 20.02 -19.73 18.61
C TYR B 91 19.54 -21.06 18.08
N PHE B 92 18.54 -21.02 17.21
CA PHE B 92 17.96 -22.26 16.71
C PHE B 92 19.03 -23.16 16.07
N ILE B 93 19.83 -22.62 15.16
CA ILE B 93 20.76 -23.48 14.42
C ILE B 93 21.88 -23.98 15.34
N ASP B 94 22.15 -23.23 16.40
CA ASP B 94 23.11 -23.64 17.42
C ASP B 94 22.55 -24.76 18.27
N PHE B 95 21.28 -24.67 18.65
CA PHE B 95 20.61 -25.77 19.34
C PHE B 95 20.54 -27.02 18.47
N MSE B 96 20.50 -26.86 17.15
CA MSE B 96 20.56 -28.00 16.21
C MSE B 96 21.99 -28.53 15.96
O MSE B 96 22.16 -29.49 15.22
CB MSE B 96 19.97 -27.61 14.84
CG MSE B 96 18.51 -27.20 14.85
SE MSE B 96 17.27 -28.57 15.48
CE MSE B 96 17.53 -29.77 13.99
N GLY B 97 23.00 -27.90 16.56
CA GLY B 97 24.38 -28.40 16.51
C GLY B 97 25.26 -27.88 15.39
N ALA B 98 24.78 -26.96 14.56
CA ALA B 98 25.60 -26.43 13.47
C ALA B 98 26.64 -25.43 13.99
N LYS B 99 27.89 -25.58 13.56
CA LYS B 99 28.99 -24.69 13.93
C LYS B 99 29.75 -24.10 12.73
N THR B 100 29.36 -24.50 11.53
CA THR B 100 29.89 -23.92 10.31
C THR B 100 28.75 -23.71 9.31
N PRO B 101 28.99 -22.83 8.31
CA PRO B 101 28.05 -22.68 7.20
C PRO B 101 27.64 -24.00 6.56
N GLU B 102 28.62 -24.86 6.25
CA GLU B 102 28.32 -26.16 5.64
C GLU B 102 27.49 -27.06 6.57
N GLU B 103 27.72 -26.96 7.88
CA GLU B 103 26.92 -27.70 8.86
C GLU B 103 25.49 -27.14 8.97
N ALA B 104 25.36 -25.83 8.82
CA ALA B 104 24.05 -25.18 8.80
C ALA B 104 23.23 -25.74 7.64
N ILE B 105 23.80 -25.73 6.44
CA ILE B 105 23.12 -26.25 5.25
C ILE B 105 22.75 -27.72 5.44
N GLU B 106 23.67 -28.51 5.98
CA GLU B 106 23.39 -29.93 6.19
C GLU B 106 22.26 -30.16 7.20
N VAL B 107 22.21 -29.35 8.26
CA VAL B 107 21.07 -29.39 9.18
C VAL B 107 19.76 -29.10 8.45
N LEU B 108 19.76 -28.13 7.54
CA LEU B 108 18.57 -27.80 6.77
C LEU B 108 18.12 -28.97 5.87
N LYS B 109 19.06 -29.63 5.22
CA LYS B 109 18.76 -30.83 4.38
C LYS B 109 18.13 -31.93 5.22
N LYS B 110 18.64 -32.11 6.42
CA LYS B 110 18.09 -33.10 7.34
C LYS B 110 16.73 -32.69 7.89
N ILE B 111 16.52 -31.38 8.11
CA ILE B 111 15.20 -30.90 8.54
C ILE B 111 14.20 -31.21 7.44
N LYS B 112 14.59 -31.00 6.19
CA LYS B 112 13.70 -31.26 5.05
C LYS B 112 13.19 -32.70 5.03
N GLN B 113 14.03 -33.63 5.46
CA GLN B 113 13.70 -35.05 5.45
C GLN B 113 13.01 -35.54 6.73
N SER B 114 12.89 -34.67 7.73
CA SER B 114 12.27 -35.07 8.98
C SER B 114 10.74 -35.18 8.86
N PRO B 115 10.15 -36.20 9.51
CA PRO B 115 8.69 -36.34 9.56
C PRO B 115 7.93 -35.12 10.08
N THR B 116 8.45 -34.48 11.12
CA THR B 116 7.80 -33.33 11.75
C THR B 116 7.80 -32.07 10.86
N MSE B 117 8.89 -31.83 10.13
CA MSE B 117 8.89 -30.75 9.16
C MSE B 117 7.87 -31.01 8.08
O MSE B 117 7.07 -30.15 7.75
CB MSE B 117 10.26 -30.58 8.50
CG MSE B 117 10.33 -29.44 7.47
SE MSE B 117 9.93 -27.67 8.25
CE MSE B 117 10.54 -28.00 10.04
N GLN B 118 7.91 -32.21 7.52
CA GLN B 118 6.97 -32.57 6.48
C GLN B 118 5.51 -32.45 6.91
N LYS B 119 5.21 -32.78 8.17
CA LYS B 119 3.88 -32.54 8.70
C LYS B 119 3.53 -31.06 8.65
N TRP B 120 4.47 -30.19 9.07
CA TRP B 120 4.21 -28.76 9.09
C TRP B 120 4.03 -28.20 7.69
N LEU B 121 4.83 -28.68 6.74
CA LEU B 121 4.77 -28.18 5.38
C LEU B 121 3.48 -28.61 4.70
N LYS B 122 3.07 -29.84 4.97
CA LYS B 122 1.78 -30.35 4.52
C LYS B 122 0.63 -29.49 5.05
N GLU B 123 0.69 -29.14 6.34
CA GLU B 123 -0.33 -28.27 6.97
C GLU B 123 -0.39 -26.90 6.33
N LEU B 124 0.75 -26.28 6.10
CA LEU B 124 0.80 -24.99 5.41
C LEU B 124 0.09 -25.11 4.07
N GLU B 125 0.34 -26.22 3.39
CA GLU B 125 -0.28 -26.47 2.08
C GLU B 125 -1.80 -26.70 2.13
N GLN B 126 -2.21 -27.56 3.04
CA GLN B 126 -3.59 -28.02 3.10
C GLN B 126 -4.49 -27.02 3.82
N ARG B 127 -4.06 -26.55 4.99
CA ARG B 127 -4.83 -25.60 5.79
C ARG B 127 -4.77 -24.15 5.28
N PHE B 128 -3.68 -23.77 4.60
CA PHE B 128 -3.47 -22.36 4.26
C PHE B 128 -3.15 -22.11 2.80
N GLY B 129 -3.05 -23.16 2.00
CA GLY B 129 -2.72 -23.00 0.59
C GLY B 129 -1.34 -22.45 0.30
N ILE B 130 -0.41 -22.59 1.25
CA ILE B 130 0.97 -22.09 1.10
C ILE B 130 1.91 -23.24 0.76
N LYS B 131 2.58 -23.14 -0.39
CA LYS B 131 3.61 -24.10 -0.79
C LYS B 131 4.99 -23.47 -0.58
N VAL B 132 5.82 -24.13 0.22
CA VAL B 132 7.24 -23.78 0.35
C VAL B 132 8.02 -24.48 -0.75
N LEU B 133 8.60 -23.71 -1.67
CA LEU B 133 9.46 -24.24 -2.72
C LEU B 133 10.91 -24.49 -2.25
N SER B 134 11.37 -23.72 -1.26
CA SER B 134 12.72 -23.84 -0.75
C SER B 134 12.86 -23.04 0.54
N PHE B 135 13.61 -23.59 1.49
CA PHE B 135 14.07 -22.87 2.68
C PHE B 135 15.62 -22.92 2.77
N TYR B 136 16.28 -23.07 1.63
CA TYR B 136 17.74 -23.09 1.60
C TYR B 136 18.32 -21.75 1.23
N TRP B 137 17.62 -20.67 1.59
CA TRP B 137 18.05 -19.31 1.31
C TRP B 137 18.40 -18.66 2.64
N VAL B 138 19.70 -18.57 2.92
CA VAL B 138 20.20 -18.16 4.24
C VAL B 138 20.99 -16.85 4.10
N GLN B 139 20.58 -15.83 4.85
CA GLN B 139 21.20 -14.50 4.81
C GLN B 139 22.42 -14.37 5.72
N GLY B 140 22.58 -15.33 6.62
CA GLY B 140 23.70 -15.42 7.52
C GLY B 140 23.33 -15.14 8.95
N TYR B 141 24.34 -14.95 9.79
CA TYR B 141 24.16 -14.72 11.22
C TYR B 141 24.04 -13.24 11.48
N ARG B 142 23.08 -12.89 12.33
CA ARG B 142 22.83 -11.53 12.76
C ARG B 142 23.48 -11.28 14.11
N HIS B 143 23.98 -10.06 14.27
CA HIS B 143 24.71 -9.67 15.47
C HIS B 143 24.13 -8.35 15.98
N PHE B 144 24.37 -8.01 17.25
CA PHE B 144 23.92 -6.72 17.71
C PHE B 144 24.73 -5.58 17.12
N VAL B 145 24.04 -4.51 16.73
CA VAL B 145 24.67 -3.27 16.23
C VAL B 145 24.28 -2.15 17.22
N THR B 146 25.28 -1.63 17.94
CA THR B 146 25.00 -0.75 19.06
C THR B 146 26.09 0.28 19.19
N ASN B 147 25.91 1.16 20.17
CA ASN B 147 26.95 2.12 20.54
C ASN B 147 27.59 1.77 21.88
N LYS B 148 27.32 0.59 22.41
CA LYS B 148 28.16 0.03 23.48
C LYS B 148 28.38 -1.46 23.26
N PRO B 149 29.52 -2.00 23.71
CA PRO B 149 29.78 -3.41 23.53
C PRO B 149 28.76 -4.30 24.22
N ILE B 150 28.36 -5.36 23.54
CA ILE B 150 27.45 -6.35 24.12
C ILE B 150 28.22 -7.64 24.29
N ARG B 151 28.53 -7.96 25.54
CA ARG B 151 29.27 -9.17 25.88
C ARG B 151 28.46 -10.17 26.70
N LYS B 152 27.38 -9.71 27.32
CA LYS B 152 26.53 -10.58 28.14
C LYS B 152 25.10 -10.01 28.24
N PRO B 153 24.11 -10.86 28.55
CA PRO B 153 22.72 -10.43 28.51
C PRO B 153 22.40 -9.19 29.31
N GLU B 154 23.08 -9.00 30.45
CA GLU B 154 22.84 -7.84 31.29
CA GLU B 154 22.86 -7.83 31.30
C GLU B 154 23.12 -6.54 30.54
N ASP B 155 24.09 -6.58 29.60
CA ASP B 155 24.42 -5.42 28.75
C ASP B 155 23.25 -4.93 27.90
N LEU B 156 22.26 -5.80 27.71
CA LEU B 156 21.05 -5.47 26.93
C LEU B 156 19.95 -4.87 27.77
N ASN B 157 20.08 -4.94 29.09
CA ASN B 157 19.01 -4.49 29.96
CA ASN B 157 19.02 -4.48 29.98
C ASN B 157 18.72 -3.01 29.73
N GLY B 158 17.44 -2.72 29.44
CA GLY B 158 16.98 -1.38 29.21
C GLY B 158 17.20 -0.86 27.81
N LEU B 159 17.95 -1.59 26.98
CA LEU B 159 18.28 -1.13 25.62
C LEU B 159 17.17 -1.41 24.63
N ARG B 160 16.84 -0.40 23.84
CA ARG B 160 15.79 -0.54 22.86
C ARG B 160 16.42 -0.95 21.57
N ILE B 161 16.15 -2.18 21.14
CA ILE B 161 16.80 -2.75 19.96
C ILE B 161 15.80 -3.03 18.85
N ARG B 162 16.04 -2.45 17.69
CA ARG B 162 15.21 -2.64 16.52
C ARG B 162 15.29 -4.07 16.06
N THR B 163 14.14 -4.71 15.92
CA THR B 163 14.08 -6.06 15.37
C THR B 163 12.77 -6.22 14.58
N PRO B 164 12.73 -7.13 13.59
CA PRO B 164 11.52 -7.26 12.80
C PRO B 164 10.26 -7.57 13.61
N GLY B 165 9.10 -7.31 13.03
CA GLY B 165 7.86 -7.17 13.80
C GLY B 165 7.23 -8.45 14.31
N ALA B 166 7.47 -9.58 13.63
CA ALA B 166 6.78 -10.82 14.00
C ALA B 166 7.21 -11.34 15.37
N PRO B 167 6.31 -12.05 16.07
CA PRO B 167 6.58 -12.50 17.45
C PRO B 167 7.89 -13.25 17.70
N ALA B 168 8.31 -14.09 16.75
CA ALA B 168 9.55 -14.87 16.94
C ALA B 168 10.75 -13.94 17.16
N TRP B 169 10.86 -12.91 16.32
CA TRP B 169 11.91 -11.91 16.47
C TRP B 169 11.75 -11.17 17.78
N GLN B 170 10.54 -10.65 18.03
CA GLN B 170 10.29 -9.77 19.15
C GLN B 170 10.51 -10.48 20.47
N GLU B 171 9.93 -11.67 20.62
CA GLU B 171 10.09 -12.43 21.85
C GLU B 171 11.54 -12.92 22.04
N SER B 172 12.24 -13.26 20.97
CA SER B 172 13.64 -13.67 21.08
C SER B 172 14.50 -12.53 21.65
N ILE B 173 14.37 -11.33 21.09
CA ILE B 173 15.22 -10.20 21.53
C ILE B 173 14.87 -9.80 22.97
N ARG B 174 13.61 -9.97 23.33
CA ARG B 174 13.09 -9.72 24.67
C ARG B 174 13.69 -10.72 25.67
N SER B 175 13.76 -11.99 25.28
CA SER B 175 14.35 -13.07 26.09
CA SER B 175 14.33 -13.01 26.16
C SER B 175 15.84 -12.86 26.35
N LEU B 176 16.54 -12.32 25.37
CA LEU B 176 17.98 -12.09 25.54
C LEU B 176 18.27 -10.94 26.50
N GLY B 177 17.31 -10.05 26.70
CA GLY B 177 17.38 -9.03 27.75
C GLY B 177 17.00 -7.61 27.35
N ALA B 178 16.77 -7.39 26.05
CA ALA B 178 16.46 -6.07 25.49
C ALA B 178 14.96 -5.77 25.38
N ILE B 179 14.65 -4.52 25.06
CA ILE B 179 13.30 -4.08 24.71
C ILE B 179 13.25 -4.08 23.20
N PRO B 180 12.47 -4.98 22.60
CA PRO B 180 12.39 -4.97 21.14
C PRO B 180 11.52 -3.82 20.63
N VAL B 181 11.89 -3.26 19.48
CA VAL B 181 11.21 -2.12 18.88
C VAL B 181 11.15 -2.36 17.36
N ALA B 182 9.97 -2.22 16.77
CA ALA B 182 9.82 -2.28 15.31
C ALA B 182 10.09 -0.93 14.63
N VAL B 183 11.02 -0.91 13.68
CA VAL B 183 11.34 0.28 12.88
C VAL B 183 11.61 -0.16 11.44
N ASN B 184 11.05 0.53 10.44
CA ASN B 184 11.31 0.20 9.03
C ASN B 184 12.81 0.24 8.78
N PHE B 185 13.35 -0.69 8.01
CA PHE B 185 14.80 -0.80 7.82
C PHE B 185 15.43 0.53 7.43
N GLY B 186 14.75 1.25 6.55
CA GLY B 186 15.24 2.55 6.07
C GLY B 186 15.23 3.67 7.08
N GLU B 187 14.59 3.46 8.23
CA GLU B 187 14.56 4.48 9.27
C GLU B 187 15.47 4.18 10.45
N ILE B 188 16.21 3.07 10.42
CA ILE B 188 17.09 2.71 11.53
C ILE B 188 18.11 3.83 11.75
N TYR B 189 18.69 4.31 10.65
CA TYR B 189 19.71 5.38 10.69
C TYR B 189 19.19 6.57 11.51
N THR B 190 18.07 7.16 11.10
CA THR B 190 17.57 8.38 11.76
C THR B 190 16.98 8.04 13.13
N ALA B 191 16.41 6.85 13.29
CA ALA B 191 15.97 6.42 14.62
C ALA B 191 17.12 6.41 15.64
N VAL B 192 18.31 6.02 15.18
CA VAL B 192 19.48 5.97 16.04
C VAL B 192 19.91 7.39 16.38
N GLN B 193 20.01 8.23 15.36
CA GLN B 193 20.38 9.64 15.54
C GLN B 193 19.50 10.38 16.54
N THR B 194 18.19 10.16 16.45
CA THR B 194 17.19 10.86 17.25
C THR B 194 16.91 10.17 18.57
N ARG B 195 17.62 9.07 18.87
CA ARG B 195 17.50 8.36 20.14
C ARG B 195 16.18 7.62 20.31
N ALA B 196 15.51 7.28 19.21
CA ALA B 196 14.27 6.52 19.28
C ALA B 196 14.57 5.05 19.53
N VAL B 197 15.76 4.62 19.13
CA VAL B 197 16.27 3.31 19.47
C VAL B 197 17.75 3.42 19.82
N ASP B 198 18.24 2.42 20.54
CA ASP B 198 19.63 2.35 20.99
C ASP B 198 20.49 1.49 20.09
N GLY B 199 19.86 0.79 19.17
CA GLY B 199 20.61 -0.10 18.29
C GLY B 199 19.72 -1.00 17.48
N ALA B 200 20.36 -1.95 16.81
CA ALA B 200 19.69 -2.90 15.93
C ALA B 200 20.36 -4.27 16.00
N GLU B 201 20.08 -5.10 15.02
CA GLU B 201 20.31 -6.51 15.15
C GLU B 201 20.33 -6.97 13.68
N LEU B 202 21.53 -7.21 13.10
CA LEU B 202 21.65 -7.27 11.62
C LEU B 202 22.91 -8.00 11.12
N THR B 203 22.95 -8.34 9.83
CA THR B 203 24.16 -8.87 9.25
C THR B 203 25.12 -7.73 8.88
N TYR B 204 26.36 -8.07 8.57
CA TYR B 204 27.33 -7.08 8.08
C TYR B 204 26.94 -6.47 6.78
N ALA B 205 26.40 -7.27 5.86
CA ALA B 205 25.93 -6.74 4.59
C ALA B 205 24.83 -5.67 4.78
N ASN B 206 23.89 -5.94 5.68
CA ASN B 206 22.84 -4.99 6.03
C ASN B 206 23.40 -3.70 6.60
N VAL B 207 24.29 -3.84 7.59
CA VAL B 207 24.92 -2.69 8.26
C VAL B 207 25.65 -1.84 7.24
N TYR B 208 26.43 -2.49 6.38
CA TYR B 208 27.21 -1.77 5.41
C TYR B 208 26.31 -1.11 4.38
N ASN B 209 25.35 -1.87 3.84
CA ASN B 209 24.44 -1.36 2.84
C ASN B 209 23.63 -0.15 3.34
N GLY B 210 23.21 -0.19 4.61
CA GLY B 210 22.48 0.91 5.22
C GLY B 210 23.32 2.07 5.71
N GLY B 211 24.64 1.98 5.57
CA GLY B 211 25.55 3.00 6.10
C GLY B 211 25.52 3.14 7.61
N LEU B 212 25.11 2.09 8.32
CA LEU B 212 24.85 2.21 9.75
C LEU B 212 26.11 2.37 10.61
N TYR B 213 27.27 2.02 10.06
CA TYR B 213 28.58 2.34 10.67
C TYR B 213 28.77 3.84 10.96
N GLU B 214 28.01 4.70 10.29
CA GLU B 214 28.10 6.14 10.53
C GLU B 214 27.44 6.52 11.85
N VAL B 215 26.51 5.70 12.35
CA VAL B 215 25.75 6.06 13.57
C VAL B 215 25.83 5.01 14.68
N LEU B 216 26.34 3.83 14.37
CA LEU B 216 26.59 2.79 15.39
C LEU B 216 28.02 2.29 15.30
N LYS B 217 28.74 2.37 16.43
CA LYS B 217 30.16 2.09 16.48
C LYS B 217 30.50 0.61 16.65
N TYR B 218 29.62 -0.18 17.28
CA TYR B 218 29.93 -1.57 17.60
C TYR B 218 29.12 -2.62 16.86
N MSE B 219 29.79 -3.69 16.48
CA MSE B 219 29.15 -4.95 16.09
C MSE B 219 29.59 -6.00 17.09
O MSE B 219 30.76 -6.28 17.19
CB MSE B 219 29.57 -5.35 14.68
CG MSE B 219 28.76 -6.51 14.08
SE MSE B 219 26.94 -5.96 13.54
CE MSE B 219 26.74 -7.01 11.90
N SER B 220 28.65 -6.56 17.85
CA SER B 220 28.95 -7.60 18.80
C SER B 220 28.46 -8.94 18.29
N GLU B 221 29.41 -9.86 18.10
CA GLU B 221 29.14 -11.13 17.42
C GLU B 221 28.49 -12.19 18.31
N THR B 222 27.26 -11.88 18.71
CA THR B 222 26.39 -12.77 19.47
C THR B 222 25.86 -13.92 18.59
N GLY B 223 25.79 -13.69 17.28
CA GLY B 223 25.35 -14.71 16.31
C GLY B 223 24.01 -15.32 16.68
N HIS B 224 23.10 -14.48 17.13
CA HIS B 224 21.89 -14.93 17.83
C HIS B 224 20.75 -15.36 16.90
N PHE B 225 20.81 -14.99 15.63
CA PHE B 225 19.90 -15.54 14.62
C PHE B 225 20.70 -16.00 13.44
N LEU B 226 20.27 -17.10 12.82
CA LEU B 226 20.65 -17.38 11.43
C LEU B 226 19.38 -17.21 10.61
N LEU B 227 19.36 -16.26 9.69
CA LEU B 227 18.14 -15.95 8.98
C LEU B 227 17.99 -16.91 7.83
N ILE B 228 17.01 -17.80 7.98
CA ILE B 228 16.60 -18.78 6.98
C ILE B 228 15.32 -18.25 6.29
N ASN B 229 15.44 -17.87 5.01
CA ASN B 229 14.27 -17.45 4.25
C ASN B 229 13.52 -18.64 3.69
N PHE B 230 12.19 -18.52 3.73
CA PHE B 230 11.27 -19.48 3.12
C PHE B 230 10.68 -18.85 1.87
N GLU B 231 10.78 -19.59 0.78
CA GLU B 231 10.34 -19.10 -0.51
C GLU B 231 9.05 -19.82 -0.83
N ILE B 232 7.95 -19.06 -0.83
CA ILE B 232 6.60 -19.63 -0.90
C ILE B 232 5.85 -19.23 -2.15
N VAL B 233 5.03 -20.16 -2.65
CA VAL B 233 4.06 -19.88 -3.70
C VAL B 233 2.68 -20.44 -3.26
N SER B 234 1.68 -20.14 -4.07
CA SER B 234 0.38 -20.76 -3.90
C SER B 234 0.48 -22.25 -4.18
N ALA B 235 -0.13 -23.07 -3.33
CA ALA B 235 -0.21 -24.51 -3.57
C ALA B 235 -0.99 -24.84 -4.85
N ASP B 236 -2.04 -24.07 -5.14
CA ASP B 236 -2.87 -24.29 -6.33
C ASP B 236 -2.09 -24.04 -7.60
N TRP B 237 -1.32 -22.96 -7.62
CA TRP B 237 -0.48 -22.68 -8.77
C TRP B 237 0.55 -23.80 -8.96
N PHE B 238 1.21 -24.20 -7.87
CA PHE B 238 2.22 -25.27 -7.90
C PHE B 238 1.64 -26.60 -8.38
N ASN B 239 0.47 -26.95 -7.83
CA ASN B 239 -0.22 -28.18 -8.20
C ASN B 239 -0.74 -28.16 -9.63
N SER B 240 -0.83 -26.98 -10.24
CA SER B 240 -1.29 -26.86 -11.63
C SER B 240 -0.18 -27.15 -12.64
N LEU B 241 1.07 -27.08 -12.18
CA LEU B 241 2.21 -27.40 -13.03
C LEU B 241 2.28 -28.89 -13.30
N PRO B 242 2.77 -29.28 -14.48
CA PRO B 242 3.14 -30.67 -14.69
C PRO B 242 4.15 -31.13 -13.64
N LYS B 243 4.02 -32.36 -13.19
CA LYS B 243 4.95 -32.90 -12.20
C LYS B 243 6.41 -32.66 -12.57
N GLU B 244 6.77 -32.84 -13.84
CA GLU B 244 8.14 -32.60 -14.28
C GLU B 244 8.59 -31.19 -13.89
N TYR B 245 7.70 -30.23 -14.13
CA TYR B 245 7.99 -28.81 -13.85
C TYR B 245 7.94 -28.50 -12.35
N GLN B 246 7.08 -29.19 -11.61
CA GLN B 246 7.10 -29.08 -10.15
C GLN B 246 8.51 -29.43 -9.64
N LYS B 247 9.07 -30.52 -10.16
CA LYS B 247 10.39 -30.98 -9.75
C LYS B 247 11.48 -30.00 -10.14
N ILE B 248 11.45 -29.52 -11.38
CA ILE B 248 12.48 -28.57 -11.85
C ILE B 248 12.48 -27.28 -11.04
N ILE B 249 11.30 -26.71 -10.78
CA ILE B 249 11.23 -25.42 -10.08
C ILE B 249 11.83 -25.54 -8.67
N GLU B 250 11.42 -26.58 -7.94
CA GLU B 250 11.92 -26.85 -6.59
C GLU B 250 13.42 -27.16 -6.54
N GLU B 251 13.89 -28.04 -7.42
CA GLU B 251 15.28 -28.46 -7.40
C GLU B 251 16.21 -27.31 -7.73
N GLU B 252 15.82 -26.51 -8.72
CA GLU B 252 16.62 -25.38 -9.16
C GLU B 252 16.70 -24.30 -8.08
N MSE B 253 15.65 -24.17 -7.29
CA MSE B 253 15.63 -23.13 -6.26
C MSE B 253 16.45 -23.55 -5.04
O MSE B 253 17.11 -22.72 -4.40
CB MSE B 253 14.20 -22.79 -5.84
CG MSE B 253 14.15 -21.46 -5.16
SE MSE B 253 12.42 -20.71 -4.83
CE MSE B 253 13.03 -18.87 -5.06
N ASP B 254 16.39 -24.83 -4.70
CA ASP B 254 17.24 -25.39 -3.65
C ASP B 254 18.72 -25.24 -4.02
N LYS B 255 19.04 -25.53 -5.28
CA LYS B 255 20.39 -25.37 -5.81
C LYS B 255 20.87 -23.92 -5.78
N ALA B 256 20.02 -23.01 -6.23
CA ALA B 256 20.30 -21.57 -6.20
C ALA B 256 20.48 -21.05 -4.79
N GLY B 257 19.66 -21.52 -3.86
CA GLY B 257 19.73 -21.09 -2.48
C GLY B 257 20.97 -21.57 -1.76
N ILE B 258 21.36 -22.82 -1.96
CA ILE B 258 22.55 -23.35 -1.29
C ILE B 258 23.76 -22.56 -1.76
N GLU B 259 23.81 -22.29 -3.05
CA GLU B 259 24.91 -21.54 -3.65
C GLU B 259 25.05 -20.11 -3.14
N VAL B 260 23.93 -19.38 -3.10
CA VAL B 260 24.01 -18.00 -2.63
C VAL B 260 24.22 -17.99 -1.11
N SER B 261 23.63 -18.96 -0.41
CA SER B 261 23.78 -19.09 1.04
C SER B 261 25.23 -19.29 1.48
N LEU B 262 25.97 -20.12 0.73
CA LEU B 262 27.38 -20.39 1.03
C LEU B 262 28.26 -19.22 0.63
N LYS B 263 27.94 -18.59 -0.50
CA LYS B 263 28.68 -17.41 -0.91
C LYS B 263 28.51 -16.28 0.11
N ILE B 264 27.28 -16.08 0.57
CA ILE B 264 27.01 -15.09 1.61
C ILE B 264 27.77 -15.40 2.91
N MSE B 265 27.61 -16.63 3.43
CA MSE B 265 28.21 -17.01 4.71
C MSE B 265 29.73 -17.24 4.70
O MSE B 265 30.37 -17.06 5.74
CB MSE B 265 27.52 -18.28 5.25
CG MSE B 265 26.16 -18.02 5.83
SE MSE B 265 25.46 -19.54 6.74
CE MSE B 265 25.03 -20.65 5.22
N LYS B 266 30.30 -17.62 3.54
CA LYS B 266 31.76 -17.92 3.45
C LYS B 266 32.61 -16.81 2.84
N GLU B 267 32.02 -15.94 2.03
CA GLU B 267 32.79 -14.87 1.40
C GLU B 267 32.29 -13.48 1.74
N LEU B 268 30.99 -13.26 1.56
CA LEU B 268 30.46 -11.89 1.52
C LEU B 268 30.38 -11.25 2.90
N GLU B 269 29.89 -11.97 3.89
CA GLU B 269 29.85 -11.44 5.25
C GLU B 269 31.23 -11.10 5.78
N GLU B 270 32.22 -11.94 5.40
CA GLU B 270 33.61 -11.72 5.78
C GLU B 270 34.16 -10.46 5.11
N GLU B 271 33.90 -10.30 3.82
CA GLU B 271 34.27 -9.08 3.08
C GLU B 271 33.63 -7.82 3.67
N TYR B 272 32.36 -7.93 4.00
CA TYR B 272 31.61 -6.81 4.55
C TYR B 272 32.05 -6.44 5.96
N LYS B 273 32.40 -7.44 6.76
CA LYS B 273 32.94 -7.18 8.09
C LYS B 273 34.19 -6.28 8.01
N GLN B 274 35.12 -6.68 7.14
CA GLN B 274 36.38 -5.94 6.97
C GLN B 274 36.10 -4.53 6.44
N LYS B 275 35.15 -4.40 5.52
CA LYS B 275 34.74 -3.07 5.02
C LYS B 275 34.16 -2.21 6.13
N CYS B 276 33.35 -2.80 7.01
CA CYS B 276 32.82 -2.06 8.16
C CYS B 276 33.91 -1.60 9.11
N ILE B 277 34.89 -2.47 9.35
CA ILE B 277 36.05 -2.15 10.20
C ILE B 277 36.86 -0.99 9.61
N GLU B 278 37.03 -0.99 8.29
CA GLU B 278 37.76 0.07 7.62
C GLU B 278 37.02 1.41 7.63
N LYS B 279 35.71 1.38 7.82
CA LYS B 279 34.91 2.60 7.95
C LYS B 279 34.94 3.13 9.38
N GLY B 280 35.50 2.37 10.31
CA GLY B 280 35.67 2.83 11.68
C GLY B 280 34.93 2.04 12.74
N MSE B 281 34.23 0.99 12.35
CA MSE B 281 33.47 0.20 13.30
C MSE B 281 34.37 -0.71 14.14
O MSE B 281 35.36 -1.26 13.65
CB MSE B 281 32.44 -0.66 12.56
CG MSE B 281 31.19 -0.93 13.35
SE MSE B 281 29.81 -1.70 12.19
CE MSE B 281 29.94 -0.55 10.71
N ALA B 282 34.00 -0.88 15.41
CA ALA B 282 34.67 -1.80 16.31
C ALA B 282 33.85 -3.08 16.39
N VAL B 283 34.50 -4.22 16.28
CA VAL B 283 33.83 -5.51 16.39
C VAL B 283 34.20 -6.19 17.71
N ILE B 284 33.21 -6.63 18.45
CA ILE B 284 33.43 -7.45 19.63
C ILE B 284 33.34 -8.89 19.12
N PRO B 285 34.47 -9.61 19.14
CA PRO B 285 34.47 -10.95 18.57
C PRO B 285 33.72 -11.98 19.43
N ALA B 286 33.28 -13.07 18.81
CA ALA B 286 32.58 -14.14 19.54
C ALA B 286 33.28 -14.60 20.83
N SER B 287 34.60 -14.76 20.78
CA SER B 287 35.40 -15.16 21.97
C SER B 287 35.35 -14.20 23.17
N GLU B 288 35.00 -12.93 22.96
CA GLU B 288 34.80 -12.02 24.10
C GLU B 288 33.35 -12.08 24.62
N ILE B 289 32.52 -12.94 24.02
CA ILE B 289 31.06 -12.92 24.29
C ILE B 289 30.62 -14.22 24.96
N ASP B 290 29.87 -14.08 26.06
CA ASP B 290 29.34 -15.21 26.80
C ASP B 290 28.09 -15.76 26.11
N LYS B 291 28.30 -16.51 25.03
CA LYS B 291 27.20 -17.01 24.20
C LYS B 291 26.37 -18.11 24.86
N GLU B 292 26.99 -18.92 25.72
CA GLU B 292 26.21 -19.90 26.50
C GLU B 292 25.14 -19.20 27.33
N ALA B 293 25.47 -18.02 27.86
CA ALA B 293 24.55 -17.25 28.71
C ALA B 293 23.36 -16.69 27.90
N PHE B 294 23.64 -16.24 26.68
CA PHE B 294 22.59 -15.82 25.76
C PHE B 294 21.70 -17.00 25.35
N MSE B 295 22.30 -18.17 25.12
CA MSE B 295 21.54 -19.37 24.77
C MSE B 295 20.64 -19.84 25.91
O MSE B 295 19.50 -20.23 25.67
CB MSE B 295 22.47 -20.48 24.32
CG MSE B 295 23.16 -20.17 23.02
SE MSE B 295 24.41 -21.53 22.44
CE MSE B 295 23.19 -22.96 22.05
N GLU B 296 21.15 -19.76 27.13
CA GLU B 296 20.35 -20.07 28.32
C GLU B 296 19.15 -19.11 28.44
N LYS B 297 19.36 -17.83 28.16
CA LYS B 297 18.27 -16.86 28.11
C LYS B 297 17.27 -17.14 26.99
N ALA B 298 17.81 -17.44 25.81
CA ALA B 298 16.99 -17.73 24.62
C ALA B 298 15.94 -18.82 24.81
N LYS B 299 16.18 -19.78 25.70
CA LYS B 299 15.21 -20.85 26.01
C LYS B 299 13.86 -20.31 26.45
N GLN B 300 13.86 -19.17 27.14
CA GLN B 300 12.63 -18.59 27.65
C GLN B 300 11.68 -18.15 26.54
N ALA B 301 12.22 -17.73 25.41
CA ALA B 301 11.42 -17.36 24.26
C ALA B 301 10.70 -18.57 23.66
N TYR B 302 11.36 -19.73 23.66
CA TYR B 302 10.76 -20.98 23.17
C TYR B 302 9.57 -21.36 24.05
N LYS B 303 9.75 -21.27 25.37
CA LYS B 303 8.69 -21.53 26.32
C LYS B 303 7.51 -20.58 26.18
N ASN B 304 7.81 -19.29 26.07
CA ASN B 304 6.75 -18.27 25.98
C ASN B 304 5.92 -18.38 24.72
N LEU B 305 6.52 -18.82 23.62
CA LEU B 305 5.79 -18.97 22.37
C LEU B 305 5.27 -20.38 22.14
N GLY B 306 5.48 -21.27 23.12
CA GLY B 306 5.04 -22.67 23.04
C GLY B 306 5.78 -23.47 21.98
N LEU B 307 7.08 -23.25 21.84
CA LEU B 307 7.89 -23.87 20.77
C LEU B 307 9.06 -24.75 21.24
N GLU B 308 9.17 -25.03 22.54
CA GLU B 308 10.27 -25.86 23.04
C GLU B 308 10.10 -27.30 22.61
N ASN B 309 8.86 -27.79 22.68
CA ASN B 309 8.59 -29.14 22.20
C ASN B 309 8.90 -29.29 20.72
N ALA B 310 8.60 -28.24 19.95
CA ALA B 310 8.93 -28.21 18.52
C ALA B 310 10.45 -28.29 18.29
N LEU B 311 11.24 -27.55 19.08
CA LEU B 311 12.70 -27.65 19.00
C LEU B 311 13.18 -29.06 19.34
N ASN B 312 12.70 -29.58 20.46
CA ASN B 312 13.10 -30.92 20.89
C ASN B 312 12.82 -32.02 19.87
N GLN B 313 11.71 -31.90 19.14
CA GLN B 313 11.30 -32.91 18.20
C GLN B 313 12.15 -32.88 16.92
N LEU B 314 12.55 -31.69 16.48
CA LEU B 314 13.47 -31.60 15.34
C LEU B 314 14.87 -32.11 15.70
N ILE B 315 15.34 -31.79 16.92
CA ILE B 315 16.65 -32.26 17.41
C ILE B 315 16.66 -33.78 17.47
N LYS B 316 15.62 -34.34 18.09
CA LYS B 316 15.39 -35.79 18.16
C LYS B 316 15.37 -36.48 16.79
N GLU B 317 14.60 -35.95 15.85
CA GLU B 317 14.45 -36.57 14.55
C GLU B 317 15.68 -36.41 13.66
N VAL B 318 16.36 -35.27 13.77
CA VAL B 318 17.58 -35.05 12.98
C VAL B 318 18.75 -35.89 13.53
N LYS B 319 18.66 -36.29 14.80
CA LYS B 319 19.58 -37.30 15.36
C LYS B 319 19.31 -38.66 14.72
N GLY B 320 18.04 -39.05 14.64
CA GLY B 320 17.64 -40.32 14.02
C GLY B 320 17.73 -40.32 12.50
N GLY C 6 -2.45 34.78 1.83
CA GLY C 6 -2.65 36.01 2.67
C GLY C 6 -2.27 35.84 4.13
N ALA C 7 -2.30 34.60 4.62
CA ALA C 7 -1.90 34.28 6.00
C ALA C 7 -0.37 34.32 6.11
N LYS C 8 0.13 35.00 7.14
CA LYS C 8 1.57 35.05 7.37
C LYS C 8 2.12 33.71 7.86
N TYR C 9 1.37 33.02 8.70
CA TYR C 9 1.78 31.71 9.21
C TYR C 9 0.81 30.65 8.70
N THR C 10 1.37 29.54 8.22
CA THR C 10 0.58 28.39 7.80
C THR C 10 1.07 27.13 8.50
N LEU C 11 0.15 26.42 9.14
CA LEU C 11 0.42 25.15 9.76
C LEU C 11 -0.34 24.07 9.01
N ARG C 12 0.35 23.02 8.59
CA ARG C 12 -0.30 21.85 8.02
C ARG C 12 -0.29 20.75 9.07
N PHE C 13 -1.46 20.37 9.56
CA PHE C 13 -1.57 19.40 10.62
C PHE C 13 -2.04 18.09 10.02
N GLY C 14 -1.40 16.98 10.38
CA GLY C 14 -1.73 15.67 9.80
C GLY C 14 -2.07 14.52 10.73
N HIS C 15 -2.42 13.38 10.12
N HIS C 15 -2.41 13.39 10.12
CA HIS C 15 -2.78 12.16 10.84
CA HIS C 15 -2.79 12.16 10.83
C HIS C 15 -4.01 12.34 11.73
C HIS C 15 -4.01 12.34 11.73
N VAL C 16 -5.01 13.06 11.23
CA VAL C 16 -6.20 13.37 12.05
C VAL C 16 -7.33 12.30 11.93
N LEU C 17 -6.91 11.09 11.54
CA LEU C 17 -7.79 9.93 11.35
C LEU C 17 -8.70 10.13 10.13
N ALA C 18 -9.82 9.40 10.08
CA ALA C 18 -10.59 9.24 8.85
C ALA C 18 -11.39 10.48 8.52
N PRO C 19 -11.57 10.78 7.22
CA PRO C 19 -12.26 12.00 6.81
C PRO C 19 -13.71 12.02 7.28
N GLY C 20 -14.12 13.16 7.83
CA GLY C 20 -15.46 13.36 8.27
C GLY C 20 -15.78 12.79 9.64
N GLU C 21 -14.84 12.11 10.29
CA GLU C 21 -15.13 11.49 11.58
C GLU C 21 -14.87 12.52 12.68
N PRO C 22 -15.26 12.23 13.92
CA PRO C 22 -15.21 13.25 14.96
C PRO C 22 -13.88 14.01 15.15
N TYR C 23 -12.75 13.32 15.09
CA TYR C 23 -11.46 14.05 15.21
C TYR C 23 -11.31 15.05 14.08
N HIS C 24 -11.55 14.62 12.84
CA HIS C 24 -11.41 15.52 11.71
C HIS C 24 -12.31 16.74 11.94
N GLN C 25 -13.55 16.51 12.34
CA GLN C 25 -14.48 17.61 12.64
C GLN C 25 -13.96 18.56 13.70
N ALA C 26 -13.36 18.02 14.75
CA ALA C 26 -12.87 18.82 15.84
C ALA C 26 -11.64 19.63 15.43
N PHE C 27 -10.77 19.05 14.61
CA PHE C 27 -9.62 19.79 14.07
C PHE C 27 -10.05 20.94 13.16
N LEU C 28 -11.10 20.71 12.37
CA LEU C 28 -11.65 21.78 11.53
C LEU C 28 -12.23 22.94 12.33
N LYS C 29 -12.91 22.63 13.43
CA LYS C 29 -13.41 23.66 14.36
C LYS C 29 -12.26 24.43 14.95
N TRP C 30 -11.25 23.70 15.44
CA TRP C 30 -10.05 24.31 15.98
C TRP C 30 -9.38 25.25 14.95
N ALA C 31 -9.17 24.74 13.73
CA ALA C 31 -8.56 25.52 12.65
C ALA C 31 -9.34 26.80 12.38
N LYS C 32 -10.66 26.71 12.39
CA LYS C 32 -11.51 27.88 12.17
C LYS C 32 -11.49 28.86 13.36
N ALA C 33 -11.43 28.37 14.60
CA ALA C 33 -11.32 29.26 15.75
C ALA C 33 -10.00 30.04 15.72
N VAL C 34 -8.90 29.34 15.47
CA VAL C 34 -7.59 30.00 15.40
C VAL C 34 -7.56 31.07 14.30
N GLU C 35 -8.07 30.72 13.12
CA GLU C 35 -8.12 31.65 11.98
C GLU C 35 -8.92 32.94 12.28
N GLU C 36 -10.02 32.77 13.00
CA GLU C 36 -10.85 33.92 13.36
CA GLU C 36 -10.87 33.88 13.41
C GLU C 36 -10.18 34.79 14.42
N LYS C 37 -9.55 34.17 15.42
CA LYS C 37 -8.93 34.90 16.51
C LYS C 37 -7.59 35.55 16.13
N THR C 38 -6.95 35.05 15.07
CA THR C 38 -5.72 35.64 14.57
C THR C 38 -5.96 36.56 13.36
N ASN C 39 -7.23 36.89 13.11
CA ASN C 39 -7.65 37.69 11.95
C ASN C 39 -7.01 37.23 10.64
N GLY C 40 -6.97 35.90 10.44
CA GLY C 40 -6.44 35.30 9.22
C GLY C 40 -4.92 35.19 9.10
N ASP C 41 -4.20 35.64 10.13
CA ASP C 41 -2.74 35.56 10.11
C ASP C 41 -2.18 34.14 10.22
N VAL C 42 -2.91 33.26 10.90
CA VAL C 42 -2.53 31.87 11.11
C VAL C 42 -3.58 30.99 10.43
N ARG C 43 -3.18 30.37 9.33
CA ARG C 43 -4.03 29.47 8.56
C ARG C 43 -3.64 28.04 8.92
N ILE C 44 -4.62 27.24 9.34
CA ILE C 44 -4.37 25.84 9.68
C ILE C 44 -5.08 24.96 8.66
N GLU C 45 -4.29 24.12 7.98
CA GLU C 45 -4.80 23.17 6.99
C GLU C 45 -4.71 21.72 7.54
N VAL C 46 -5.84 21.01 7.53
CA VAL C 46 -5.98 19.71 8.20
C VAL C 46 -6.04 18.59 7.17
N PHE C 47 -5.19 17.57 7.38
CA PHE C 47 -5.08 16.41 6.51
C PHE C 47 -5.49 15.14 7.26
N PRO C 48 -6.59 14.49 6.82
CA PRO C 48 -6.96 13.18 7.36
C PRO C 48 -5.85 12.11 7.20
N SER C 49 -5.92 11.04 7.97
CA SER C 49 -4.93 9.97 7.87
C SER C 49 -5.09 9.21 6.55
N SER C 50 -3.96 8.82 5.96
CA SER C 50 -3.98 7.98 4.74
C SER C 50 -4.39 6.56 5.07
N GLN C 51 -5.03 5.88 4.11
CA GLN C 51 -5.58 4.53 4.35
C GLN C 51 -4.54 3.39 4.55
N LEU C 52 -3.25 3.68 4.31
CA LEU C 52 -2.17 2.65 4.42
C LEU C 52 -0.73 3.19 4.48
N GLY C 53 -0.40 4.15 3.62
CA GLY C 53 0.99 4.60 3.40
C GLY C 53 1.74 4.98 4.66
N VAL C 54 3.03 4.64 4.70
CA VAL C 54 3.87 4.96 5.86
C VAL C 54 4.52 6.34 5.71
N GLU C 55 4.23 7.22 6.67
CA GLU C 55 4.91 8.51 6.79
C GLU C 55 6.14 8.32 7.71
N GLU C 56 6.18 9.00 8.85
CA GLU C 56 7.32 8.95 9.79
C GLU C 56 8.57 9.56 9.14
N ASP C 57 9.57 9.99 9.93
N ASP C 57 9.56 10.00 9.93
CA ASP C 57 9.56 9.93 11.40
CA ASP C 57 9.58 9.92 11.39
C ASP C 57 9.32 11.32 11.97
C ASP C 57 9.33 11.32 11.96
N ILE C 58 9.57 11.49 13.26
CA ILE C 58 9.48 12.79 13.95
C ILE C 58 10.59 13.77 13.58
N ILE C 59 10.79 14.08 12.31
CA ILE C 59 11.65 15.21 11.95
C ILE C 59 11.42 15.77 10.54
N GLU C 60 10.20 16.26 10.34
CA GLU C 60 9.95 17.37 9.43
C GLU C 60 10.12 18.63 10.30
N GLN C 61 11.13 18.60 11.16
CA GLN C 61 11.21 19.48 12.34
C GLN C 61 12.67 19.61 12.76
N GLY C 65 12.72 22.60 11.71
CA GLY C 65 11.48 23.20 12.20
C GLY C 65 10.52 23.53 11.08
N ALA C 66 10.04 22.50 10.39
CA ALA C 66 9.05 22.67 9.31
C ALA C 66 7.70 22.98 9.94
N PRO C 67 6.84 23.70 9.21
CA PRO C 67 5.57 24.12 9.78
C PRO C 67 4.52 22.99 9.67
N VAL C 68 4.76 21.90 10.40
CA VAL C 68 3.90 20.72 10.38
CA VAL C 68 3.91 20.71 10.38
C VAL C 68 3.53 20.25 11.79
N GLY C 69 2.31 19.73 11.92
CA GLY C 69 1.81 19.19 13.18
C GLY C 69 1.28 17.79 12.96
N TRP C 70 1.22 17.00 14.03
CA TRP C 70 0.84 15.60 13.94
CA TRP C 70 0.84 15.59 13.96
C TRP C 70 0.02 15.19 15.16
N ASN C 71 -1.02 14.39 14.91
CA ASN C 71 -1.80 13.74 15.95
C ASN C 71 -1.13 12.39 16.28
N THR C 72 -0.49 12.32 17.44
CA THR C 72 0.32 11.14 17.79
C THR C 72 -0.05 10.72 19.20
N ASP C 73 0.80 9.96 19.85
CA ASP C 73 0.52 9.50 21.20
C ASP C 73 1.77 9.41 22.06
N SER C 74 1.63 9.08 23.34
CA SER C 74 2.81 9.01 24.20
C SER C 74 3.62 7.71 24.03
N ALA C 75 3.04 6.69 23.40
CA ALA C 75 3.83 5.49 23.07
C ALA C 75 4.96 5.87 22.12
N ARG C 76 4.71 6.85 21.24
CA ARG C 76 5.70 7.36 20.30
C ARG C 76 6.61 8.40 20.94
N LEU C 77 6.05 9.32 21.72
CA LEU C 77 6.86 10.35 22.37
C LEU C 77 7.74 9.73 23.44
N GLY C 78 7.28 8.65 24.05
CA GLY C 78 8.06 7.86 24.98
C GLY C 78 9.32 7.20 24.42
N MSE C 79 9.44 7.20 23.10
N MSE C 79 9.43 7.14 23.09
CA MSE C 79 10.65 6.72 22.45
CA MSE C 79 10.64 6.69 22.42
C MSE C 79 11.77 7.75 22.54
C MSE C 79 11.76 7.75 22.54
O MSE C 79 12.95 7.43 22.36
O MSE C 79 12.94 7.41 22.42
CB MSE C 79 10.36 6.39 20.99
CB MSE C 79 10.37 6.39 20.95
CG MSE C 79 9.25 5.37 20.84
CG MSE C 79 9.38 5.23 20.72
SE MSE C 79 9.61 3.73 21.80
SE MSE C 79 8.93 4.89 18.82
CE MSE C 79 9.18 4.13 23.67
CE MSE C 79 9.55 6.54 18.03
N TYR C 80 11.39 9.00 22.83
CA TYR C 80 12.34 10.10 22.97
C TYR C 80 12.54 10.40 24.45
N VAL C 81 11.47 10.78 25.14
CA VAL C 81 11.51 11.02 26.57
C VAL C 81 10.79 9.86 27.24
N LYS C 82 11.55 8.86 27.70
CA LYS C 82 11.02 7.61 28.22
C LYS C 82 9.80 7.74 29.14
N ASP C 83 9.89 8.66 30.09
CA ASP C 83 8.91 8.67 31.18
C ASP C 83 7.48 9.02 30.70
N ILE C 84 7.38 9.85 29.66
CA ILE C 84 6.07 10.30 29.18
C ILE C 84 5.23 9.14 28.55
N GLY C 85 5.89 8.03 28.21
CA GLY C 85 5.20 6.85 27.69
C GLY C 85 4.40 6.05 28.70
N VAL C 86 4.55 6.37 29.97
CA VAL C 86 3.72 5.81 31.01
C VAL C 86 2.22 6.03 30.72
N MSE C 87 1.89 7.14 30.06
CA MSE C 87 0.52 7.53 29.79
C MSE C 87 -0.14 6.69 28.69
O MSE C 87 -1.32 6.92 28.37
CB MSE C 87 0.46 9.01 29.49
CG MSE C 87 0.76 9.85 30.72
SE MSE C 87 0.59 11.71 30.35
CE MSE C 87 -1.33 11.80 29.96
N ASN C 88 0.58 5.71 28.17
CA ASN C 88 0.11 4.78 27.14
C ASN C 88 0.19 3.34 27.59
N LEU C 89 0.45 3.14 28.87
CA LEU C 89 0.54 1.81 29.43
CA LEU C 89 0.54 1.81 29.43
C LEU C 89 -0.84 1.39 29.90
N ALA C 90 -1.02 0.08 30.00
CA ALA C 90 -2.30 -0.48 30.40
C ALA C 90 -2.72 0.05 31.76
N TYR C 91 -4.01 0.44 31.83
CA TYR C 91 -4.69 0.88 33.07
C TYR C 91 -4.15 2.16 33.68
N PHE C 92 -3.35 2.91 32.93
CA PHE C 92 -2.79 4.17 33.46
C PHE C 92 -3.87 5.03 34.15
N ILE C 93 -4.96 5.29 33.44
CA ILE C 93 -5.91 6.28 33.94
C ILE C 93 -6.64 5.75 35.17
N ASP C 94 -6.78 4.42 35.26
CA ASP C 94 -7.33 3.75 36.43
C ASP C 94 -6.37 3.80 37.63
N PHE C 95 -5.07 3.64 37.39
CA PHE C 95 -4.08 3.82 38.45
C PHE C 95 -4.05 5.27 38.92
N MSE C 96 -4.43 6.21 38.05
CA MSE C 96 -4.57 7.61 38.46
C MSE C 96 -5.88 7.86 39.22
O MSE C 96 -6.07 8.94 39.75
CB MSE C 96 -4.50 8.54 37.27
CG MSE C 96 -3.20 8.45 36.49
SE MSE C 96 -1.63 9.03 37.49
CE MSE C 96 -2.09 10.85 37.83
N GLY C 97 -6.77 6.89 39.23
CA GLY C 97 -7.98 6.95 40.06
C GLY C 97 -9.23 7.46 39.36
N ALA C 98 -9.17 7.64 38.04
CA ALA C 98 -10.34 8.10 37.28
C ALA C 98 -11.28 6.92 37.00
N LYS C 99 -12.56 7.11 37.31
CA LYS C 99 -13.57 6.09 37.07
C LYS C 99 -14.69 6.56 36.15
N THR C 100 -14.68 7.84 35.75
CA THR C 100 -15.65 8.37 34.80
C THR C 100 -14.91 9.22 33.77
N PRO C 101 -15.58 9.51 32.64
CA PRO C 101 -15.05 10.43 31.65
C PRO C 101 -14.69 11.81 32.17
N GLU C 102 -15.52 12.37 33.04
CA GLU C 102 -15.24 13.68 33.66
C GLU C 102 -14.01 13.62 34.56
N GLU C 103 -13.91 12.53 35.31
CA GLU C 103 -12.75 12.25 36.17
C GLU C 103 -11.46 12.08 35.37
N ALA C 104 -11.53 11.37 34.24
CA ALA C 104 -10.42 11.26 33.29
C ALA C 104 -9.93 12.62 32.86
N ILE C 105 -10.83 13.48 32.40
CA ILE C 105 -10.47 14.81 31.94
C ILE C 105 -9.83 15.63 33.07
N GLU C 106 -10.35 15.44 34.28
CA GLU C 106 -9.85 16.15 35.44
C GLU C 106 -8.45 15.67 35.81
N VAL C 107 -8.20 14.37 35.69
CA VAL C 107 -6.85 13.80 35.86
C VAL C 107 -5.86 14.43 34.87
N LEU C 108 -6.27 14.56 33.61
CA LEU C 108 -5.39 15.13 32.58
C LEU C 108 -5.07 16.59 32.84
N LYS C 109 -6.03 17.35 33.38
CA LYS C 109 -5.79 18.76 33.70
C LYS C 109 -4.80 18.91 34.85
N LYS C 110 -4.94 18.05 35.86
CA LYS C 110 -4.01 17.97 36.98
C LYS C 110 -2.62 17.47 36.55
N ILE C 111 -2.57 16.54 35.60
CA ILE C 111 -1.29 16.07 35.07
C ILE C 111 -0.59 17.20 34.34
N LYS C 112 -1.34 17.99 33.57
CA LYS C 112 -0.78 19.14 32.87
C LYS C 112 -0.16 20.18 33.82
N GLN C 113 -0.72 20.28 35.02
CA GLN C 113 -0.21 21.25 35.99
C GLN C 113 0.92 20.71 36.88
N SER C 114 1.22 19.41 36.76
CA SER C 114 2.20 18.77 37.62
C SER C 114 3.61 19.16 37.18
N PRO C 115 4.51 19.42 38.14
CA PRO C 115 5.88 19.80 37.72
C PRO C 115 6.63 18.69 36.97
N THR C 116 6.34 17.43 37.29
CA THR C 116 6.95 16.30 36.58
C THR C 116 6.55 16.27 35.11
N MSE C 117 5.26 16.37 34.82
CA MSE C 117 4.81 16.48 33.43
C MSE C 117 5.46 17.66 32.70
O MSE C 117 5.95 17.51 31.60
CB MSE C 117 3.29 16.61 33.35
CG MSE C 117 2.76 16.70 31.95
SE MSE C 117 3.19 15.11 30.88
CE MSE C 117 3.14 15.98 29.19
N GLN C 118 5.47 18.84 33.33
CA GLN C 118 6.07 20.03 32.72
CA GLN C 118 6.06 20.01 32.66
C GLN C 118 7.56 19.81 32.43
N LYS C 119 8.23 19.06 33.30
CA LYS C 119 9.63 18.68 33.09
C LYS C 119 9.79 17.85 31.82
N TRP C 120 8.94 16.85 31.66
CA TRP C 120 8.97 15.98 30.48
C TRP C 120 8.70 16.75 29.19
N LEU C 121 7.73 17.67 29.21
CA LEU C 121 7.39 18.46 28.02
C LEU C 121 8.51 19.40 27.63
N LYS C 122 9.16 19.97 28.63
CA LYS C 122 10.31 20.83 28.39
C LYS C 122 11.45 20.03 27.76
N GLU C 123 11.69 18.82 28.28
CA GLU C 123 12.66 17.90 27.67
C GLU C 123 12.35 17.64 26.20
N LEU C 124 11.12 17.22 25.88
CA LEU C 124 10.69 17.06 24.47
C LEU C 124 11.01 18.29 23.64
N GLU C 125 10.79 19.47 24.21
CA GLU C 125 11.07 20.73 23.49
C GLU C 125 12.56 20.95 23.28
N GLN C 126 13.32 20.85 24.36
CA GLN C 126 14.74 21.23 24.33
C GLN C 126 15.63 20.16 23.72
N ARG C 127 15.41 18.90 24.11
CA ARG C 127 16.29 17.82 23.65
C ARG C 127 15.85 17.22 22.32
N PHE C 128 14.59 17.42 21.95
CA PHE C 128 14.07 16.82 20.72
C PHE C 128 13.31 17.77 19.80
N GLY C 129 13.16 19.03 20.19
CA GLY C 129 12.51 20.04 19.34
C GLY C 129 11.04 19.79 19.07
N ILE C 130 10.38 19.08 19.98
CA ILE C 130 8.97 18.70 19.83
C ILE C 130 8.14 19.48 20.83
N LYS C 131 7.17 20.23 20.32
CA LYS C 131 6.25 21.00 21.14
C LYS C 131 4.90 20.29 21.22
N VAL C 132 4.46 19.93 22.42
CA VAL C 132 3.13 19.38 22.61
C VAL C 132 2.15 20.57 22.78
N LEU C 133 1.22 20.69 21.84
CA LEU C 133 0.19 21.75 21.89
C LEU C 133 -0.95 21.36 22.79
N SER C 134 -1.22 20.07 22.92
CA SER C 134 -2.33 19.57 23.73
C SER C 134 -2.24 18.05 23.92
N PHE C 135 -2.73 17.56 25.05
CA PHE C 135 -2.98 16.13 25.21
C PHE C 135 -4.40 15.82 25.73
N TYR C 136 -5.33 16.74 25.46
CA TYR C 136 -6.73 16.53 25.88
C TYR C 136 -7.56 15.91 24.75
N TRP C 137 -6.92 15.12 23.90
CA TRP C 137 -7.60 14.47 22.79
C TRP C 137 -7.67 12.99 23.07
N VAL C 138 -8.86 12.50 23.45
CA VAL C 138 -9.07 11.13 23.93
C VAL C 138 -10.04 10.37 23.02
N GLN C 139 -9.63 9.19 22.54
CA GLN C 139 -10.45 8.36 21.65
C GLN C 139 -11.28 7.36 22.43
N GLY C 140 -11.09 7.33 23.73
CA GLY C 140 -11.83 6.43 24.59
C GLY C 140 -11.11 5.15 24.92
N TYR C 141 -11.83 4.32 25.66
CA TYR C 141 -11.34 3.06 26.14
C TYR C 141 -11.31 1.96 25.10
N ARG C 142 -10.27 1.14 25.15
CA ARG C 142 -10.10 0.03 24.22
C ARG C 142 -10.38 -1.25 24.97
N HIS C 143 -10.96 -2.20 24.26
CA HIS C 143 -11.35 -3.48 24.80
C HIS C 143 -10.90 -4.58 23.83
N PHE C 144 -10.92 -5.81 24.30
CA PHE C 144 -10.55 -6.97 23.48
C PHE C 144 -11.64 -7.34 22.48
N VAL C 145 -11.25 -7.60 21.23
CA VAL C 145 -12.16 -8.06 20.21
C VAL C 145 -11.65 -9.43 19.79
N THR C 146 -12.45 -10.48 20.00
CA THR C 146 -11.96 -11.85 19.92
C THR C 146 -13.11 -12.79 19.53
N ASN C 147 -12.81 -14.06 19.38
CA ASN C 147 -13.84 -15.09 19.20
C ASN C 147 -13.99 -15.95 20.44
N LYS C 148 -13.45 -15.47 21.55
CA LYS C 148 -13.51 -16.17 22.84
C LYS C 148 -13.71 -15.08 23.90
N PRO C 149 -14.71 -15.24 24.80
CA PRO C 149 -14.89 -14.30 25.90
C PRO C 149 -13.64 -14.18 26.78
N ILE C 150 -13.28 -12.94 27.12
CA ILE C 150 -12.10 -12.63 27.95
C ILE C 150 -12.57 -12.06 29.27
N ARG C 151 -12.55 -12.89 30.30
CA ARG C 151 -13.00 -12.48 31.64
C ARG C 151 -11.89 -12.41 32.67
N LYS C 152 -10.74 -13.03 32.38
CA LYS C 152 -9.58 -13.00 33.25
C LYS C 152 -8.31 -13.17 32.39
N PRO C 153 -7.13 -12.78 32.92
CA PRO C 153 -5.87 -12.91 32.20
C PRO C 153 -5.58 -14.26 31.51
N GLU C 154 -5.86 -15.37 32.20
CA GLU C 154 -5.69 -16.73 31.65
C GLU C 154 -6.41 -16.95 30.32
N ASP C 155 -7.55 -16.28 30.13
CA ASP C 155 -8.30 -16.39 28.86
C ASP C 155 -7.48 -15.90 27.66
N LEU C 156 -6.52 -15.03 27.91
CA LEU C 156 -5.63 -14.51 26.83
C LEU C 156 -4.46 -15.43 26.48
N ASN C 157 -4.15 -16.41 27.35
CA ASN C 157 -3.00 -17.30 27.16
CA ASN C 157 -2.99 -17.26 27.16
C ASN C 157 -3.02 -17.95 25.79
N GLY C 158 -1.95 -17.76 25.03
CA GLY C 158 -1.85 -18.33 23.68
C GLY C 158 -2.54 -17.54 22.55
N LEU C 159 -3.38 -16.56 22.90
CA LEU C 159 -4.09 -15.79 21.87
C LEU C 159 -3.17 -14.77 21.21
N ARG C 160 -3.12 -14.75 19.88
CA ARG C 160 -2.38 -13.72 19.14
C ARG C 160 -3.28 -12.51 18.98
N ILE C 161 -2.96 -11.41 19.67
CA ILE C 161 -3.80 -10.20 19.65
C ILE C 161 -3.07 -9.06 18.97
N ARG C 162 -3.64 -8.51 17.91
CA ARG C 162 -3.01 -7.38 17.24
C ARG C 162 -3.09 -6.14 18.12
N THR C 163 -1.98 -5.43 18.20
CA THR C 163 -1.89 -4.20 18.97
C THR C 163 -0.82 -3.35 18.27
N PRO C 164 -0.92 -2.01 18.37
CA PRO C 164 0.08 -1.21 17.64
C PRO C 164 1.54 -1.51 17.98
N GLY C 165 2.46 -1.09 17.10
CA GLY C 165 3.85 -1.57 17.12
C GLY C 165 4.73 -1.11 18.26
N ALA C 166 4.50 0.08 18.79
CA ALA C 166 5.39 0.63 19.83
C ALA C 166 5.39 -0.21 21.12
N PRO C 167 6.52 -0.23 21.84
CA PRO C 167 6.69 -0.97 23.08
C PRO C 167 5.60 -0.82 24.13
N ALA C 168 5.05 0.39 24.31
CA ALA C 168 4.01 0.59 25.35
C ALA C 168 2.81 -0.33 25.11
N TRP C 169 2.44 -0.48 23.84
CA TRP C 169 1.31 -1.34 23.46
C TRP C 169 1.66 -2.81 23.60
N GLN C 170 2.76 -3.18 22.98
CA GLN C 170 3.22 -4.56 22.88
C GLN C 170 3.49 -5.16 24.25
N GLU C 171 4.22 -4.42 25.09
N GLU C 171 4.23 -4.45 25.09
CA GLU C 171 4.56 -4.89 26.43
CA GLU C 171 4.54 -4.96 26.44
C GLU C 171 3.34 -4.93 27.36
C GLU C 171 3.31 -4.96 27.34
N SER C 172 2.43 -3.97 27.21
CA SER C 172 1.18 -3.93 27.97
C SER C 172 0.31 -5.16 27.68
N ILE C 173 0.10 -5.46 26.40
CA ILE C 173 -0.72 -6.61 25.99
C ILE C 173 -0.08 -7.94 26.37
N ARG C 174 1.24 -8.00 26.22
CA ARG C 174 1.99 -9.15 26.66
C ARG C 174 1.84 -9.38 28.16
N SER C 175 1.96 -8.32 28.95
CA SER C 175 1.81 -8.44 30.41
CA SER C 175 1.81 -8.44 30.40
C SER C 175 0.43 -8.96 30.81
N LEU C 176 -0.62 -8.60 30.06
CA LEU C 176 -1.98 -9.03 30.42
C LEU C 176 -2.23 -10.52 30.14
N GLY C 177 -1.43 -11.12 29.24
CA GLY C 177 -1.48 -12.57 29.01
C GLY C 177 -1.43 -13.03 27.56
N ALA C 178 -1.50 -12.10 26.63
CA ALA C 178 -1.61 -12.44 25.21
C ALA C 178 -0.24 -12.43 24.51
N ILE C 179 -0.19 -12.95 23.30
CA ILE C 179 0.97 -12.78 22.43
C ILE C 179 0.65 -11.55 21.57
N PRO C 180 1.35 -10.41 21.78
CA PRO C 180 1.09 -9.22 20.97
C PRO C 180 1.62 -9.41 19.55
N VAL C 181 0.90 -8.84 18.59
CA VAL C 181 1.24 -8.94 17.15
C VAL C 181 1.00 -7.59 16.44
N ALA C 182 1.98 -7.10 15.71
CA ALA C 182 1.81 -5.88 14.94
C ALA C 182 1.20 -6.18 13.57
N VAL C 183 0.08 -5.53 13.26
CA VAL C 183 -0.48 -5.55 11.91
C VAL C 183 -1.01 -4.17 11.61
N ASN C 184 -0.79 -3.68 10.39
CA ASN C 184 -1.36 -2.39 9.98
C ASN C 184 -2.86 -2.40 10.22
N PHE C 185 -3.40 -1.27 10.68
CA PHE C 185 -4.82 -1.15 11.04
C PHE C 185 -5.76 -1.63 9.91
N GLY C 186 -5.45 -1.24 8.68
CA GLY C 186 -6.24 -1.65 7.52
C GLY C 186 -6.17 -3.11 7.12
N GLU C 187 -5.24 -3.87 7.73
CA GLU C 187 -5.10 -5.29 7.46
CA GLU C 187 -5.08 -5.29 7.46
C GLU C 187 -5.62 -6.15 8.60
N ILE C 188 -6.22 -5.53 9.60
CA ILE C 188 -6.72 -6.32 10.74
C ILE C 188 -7.75 -7.35 10.29
N TYR C 189 -8.74 -6.92 9.52
CA TYR C 189 -9.75 -7.85 8.99
C TYR C 189 -9.09 -9.06 8.33
N THR C 190 -8.18 -8.78 7.40
CA THR C 190 -7.43 -9.79 6.65
C THR C 190 -6.67 -10.76 7.57
N ALA C 191 -5.95 -10.19 8.55
CA ALA C 191 -5.19 -10.97 9.54
C ALA C 191 -6.07 -11.93 10.30
N VAL C 192 -7.27 -11.49 10.64
CA VAL C 192 -8.19 -12.33 11.39
C VAL C 192 -8.75 -13.40 10.46
N GLN C 193 -9.14 -13.02 9.24
CA GLN C 193 -9.77 -13.94 8.31
C GLN C 193 -8.81 -15.06 7.86
N THR C 194 -7.57 -14.68 7.56
CA THR C 194 -6.48 -15.64 7.26
C THR C 194 -5.86 -16.35 8.50
N ARG C 195 -6.31 -16.01 9.71
CA ARG C 195 -5.94 -16.70 10.95
C ARG C 195 -4.48 -16.40 11.39
N ALA C 196 -3.98 -15.24 10.96
CA ALA C 196 -2.67 -14.76 11.35
C ALA C 196 -2.72 -14.20 12.75
N VAL C 197 -3.89 -13.73 13.18
CA VAL C 197 -4.15 -13.34 14.57
C VAL C 197 -5.49 -13.92 15.03
N ASP C 198 -5.72 -13.90 16.35
CA ASP C 198 -6.96 -14.39 16.92
C ASP C 198 -7.91 -13.26 17.30
N GLY C 199 -7.41 -12.03 17.33
CA GLY C 199 -8.21 -10.94 17.83
C GLY C 199 -7.47 -9.64 17.80
N ALA C 200 -8.09 -8.62 18.37
CA ALA C 200 -7.49 -7.29 18.38
C ALA C 200 -7.92 -6.64 19.66
N GLU C 201 -7.55 -5.38 19.84
CA GLU C 201 -8.00 -4.61 20.97
C GLU C 201 -8.16 -3.17 20.51
N LEU C 202 -9.38 -2.65 20.65
CA LEU C 202 -9.84 -1.51 19.88
C LEU C 202 -11.02 -0.81 20.57
N THR C 203 -11.40 0.35 20.06
CA THR C 203 -12.63 1.07 20.45
C THR C 203 -13.80 0.46 19.70
N TYR C 204 -15.02 0.73 20.14
CA TYR C 204 -16.20 0.32 19.36
C TYR C 204 -16.29 1.05 18.03
N ALA C 205 -15.84 2.30 17.95
CA ALA C 205 -15.79 2.98 16.65
C ALA C 205 -14.93 2.22 15.64
N ASN C 206 -13.72 1.84 16.06
CA ASN C 206 -12.78 1.07 15.25
C ASN C 206 -13.45 -0.22 14.75
N VAL C 207 -14.02 -0.96 15.68
CA VAL C 207 -14.70 -2.24 15.36
C VAL C 207 -15.88 -2.08 14.38
N TYR C 208 -16.73 -1.09 14.60
CA TYR C 208 -17.89 -0.87 13.76
C TYR C 208 -17.51 -0.36 12.39
N ASN C 209 -16.73 0.70 12.36
CA ASN C 209 -16.34 1.29 11.08
C ASN C 209 -15.49 0.37 10.19
N GLY C 210 -14.76 -0.56 10.81
CA GLY C 210 -13.96 -1.53 10.09
C GLY C 210 -14.69 -2.82 9.74
N GLY C 211 -15.93 -2.98 10.19
CA GLY C 211 -16.76 -4.15 9.85
C GLY C 211 -16.30 -5.42 10.55
N LEU C 212 -15.58 -5.24 11.64
CA LEU C 212 -14.83 -6.32 12.25
C LEU C 212 -15.72 -7.31 12.97
N TYR C 213 -16.97 -6.91 13.25
CA TYR C 213 -17.99 -7.81 13.85
C TYR C 213 -18.33 -8.97 12.91
N GLU C 214 -18.00 -8.84 11.63
CA GLU C 214 -18.25 -9.91 10.65
C GLU C 214 -17.34 -11.12 10.90
N VAL C 215 -16.19 -10.89 11.53
CA VAL C 215 -15.20 -11.95 11.77
C VAL C 215 -14.83 -12.18 13.24
N LEU C 216 -15.28 -11.29 14.13
CA LEU C 216 -14.99 -11.35 15.57
C LEU C 216 -16.31 -11.19 16.37
N LYS C 217 -16.61 -12.18 17.20
CA LYS C 217 -17.92 -12.31 17.85
C LYS C 217 -18.09 -11.51 19.14
N TYR C 218 -17.01 -11.35 19.91
CA TYR C 218 -17.09 -10.80 21.26
C TYR C 218 -16.30 -9.52 21.43
N MSE C 219 -16.89 -8.60 22.20
CA MSE C 219 -16.15 -7.48 22.78
CA MSE C 219 -16.18 -7.46 22.77
C MSE C 219 -16.15 -7.63 24.29
O MSE C 219 -17.21 -7.62 24.94
CB MSE C 219 -16.75 -6.13 22.43
CB MSE C 219 -16.90 -6.16 22.40
CG MSE C 219 -15.90 -4.98 22.97
CG MSE C 219 -16.11 -4.91 22.73
SE MSE C 219 -14.36 -4.62 21.84
SE MSE C 219 -14.78 -4.51 21.36
CE MSE C 219 -15.36 -3.74 20.41
CE MSE C 219 -14.61 -2.59 21.57
N SER C 220 -14.97 -7.78 24.87
CA SER C 220 -14.84 -7.96 26.32
C SER C 220 -14.33 -6.66 26.91
N GLU C 221 -15.12 -6.05 27.79
CA GLU C 221 -14.84 -4.70 28.26
C GLU C 221 -13.82 -4.65 29.39
N THR C 222 -12.58 -5.00 29.04
CA THR C 222 -11.45 -4.87 29.91
C THR C 222 -11.07 -3.42 30.18
N GLY C 223 -11.38 -2.55 29.23
CA GLY C 223 -11.04 -1.13 29.35
C GLY C 223 -9.57 -0.92 29.70
N HIS C 224 -8.70 -1.67 29.04
CA HIS C 224 -7.26 -1.77 29.45
C HIS C 224 -6.39 -0.62 28.97
N PHE C 225 -6.86 0.10 27.95
CA PHE C 225 -6.22 1.36 27.54
C PHE C 225 -7.28 2.43 27.50
N LEU C 226 -6.91 3.66 27.87
CA LEU C 226 -7.62 4.87 27.46
C LEU C 226 -6.66 5.57 26.53
N LEU C 227 -7.04 5.72 25.26
CA LEU C 227 -6.11 6.26 24.28
C LEU C 227 -6.11 7.78 24.32
N ILE C 228 -4.97 8.35 24.77
CA ILE C 228 -4.79 9.78 24.91
C ILE C 228 -3.85 10.23 23.80
N ASN C 229 -4.33 11.03 22.86
CA ASN C 229 -3.46 11.49 21.77
C ASN C 229 -2.74 12.76 22.17
N PHE C 230 -1.52 12.93 21.65
CA PHE C 230 -0.72 14.12 21.90
C PHE C 230 -0.62 14.84 20.57
N GLU C 231 -0.88 16.15 20.61
CA GLU C 231 -0.92 16.95 19.39
C GLU C 231 0.36 17.77 19.36
N ILE C 232 1.20 17.54 18.34
CA ILE C 232 2.55 18.06 18.36
C ILE C 232 2.89 18.94 17.16
N VAL C 233 3.84 19.84 17.35
CA VAL C 233 4.41 20.63 16.25
C VAL C 233 5.90 20.85 16.49
N SER C 234 6.57 21.40 15.49
CA SER C 234 7.94 21.86 15.67
C SER C 234 8.06 22.92 16.74
N ALA C 235 8.95 22.72 17.70
CA ALA C 235 9.17 23.73 18.74
C ALA C 235 9.81 24.99 18.13
N ASP C 236 10.63 24.84 17.08
CA ASP C 236 11.17 26.00 16.36
C ASP C 236 10.06 26.83 15.71
N TRP C 237 9.24 26.19 14.87
CA TRP C 237 8.10 26.86 14.23
C TRP C 237 7.21 27.58 15.24
N PHE C 238 6.82 26.88 16.28
CA PHE C 238 5.94 27.45 17.29
C PHE C 238 6.53 28.69 17.93
N ASN C 239 7.82 28.63 18.25
CA ASN C 239 8.51 29.76 18.88
C ASN C 239 8.66 30.97 17.96
N SER C 240 8.58 30.72 16.65
CA SER C 240 8.59 31.78 15.65
C SER C 240 7.31 32.63 15.64
N LEU C 241 6.21 32.11 16.20
CA LEU C 241 4.95 32.85 16.27
C LEU C 241 4.94 33.91 17.38
N PRO C 242 4.20 35.01 17.19
CA PRO C 242 3.88 35.92 18.28
C PRO C 242 3.31 35.18 19.48
N LYS C 243 3.65 35.62 20.69
CA LYS C 243 3.17 34.95 21.90
C LYS C 243 1.66 34.93 22.00
N GLU C 244 1.02 35.95 21.43
CA GLU C 244 -0.44 36.04 21.42
C GLU C 244 -1.03 34.88 20.63
N TYR C 245 -0.43 34.58 19.48
CA TYR C 245 -0.89 33.51 18.61
C TYR C 245 -0.58 32.14 19.21
N GLN C 246 0.57 32.02 19.88
CA GLN C 246 0.92 30.79 20.58
C GLN C 246 -0.18 30.39 21.55
N LYS C 247 -0.57 31.35 22.40
CA LYS C 247 -1.60 31.15 23.42
C LYS C 247 -2.96 30.76 22.82
N ILE C 248 -3.34 31.44 21.75
CA ILE C 248 -4.59 31.15 21.03
C ILE C 248 -4.59 29.70 20.49
N ILE C 249 -3.54 29.34 19.75
CA ILE C 249 -3.40 27.99 19.17
C ILE C 249 -3.55 26.90 20.23
N GLU C 250 -2.83 27.05 21.33
CA GLU C 250 -2.87 26.08 22.43
C GLU C 250 -4.23 26.05 23.16
N GLU C 251 -4.72 27.22 23.53
CA GLU C 251 -5.99 27.34 24.24
C GLU C 251 -7.14 26.77 23.45
N GLU C 252 -7.15 27.09 22.17
CA GLU C 252 -8.21 26.58 21.29
C GLU C 252 -8.12 25.07 21.09
N MSE C 253 -6.89 24.53 21.04
CA MSE C 253 -6.74 23.09 20.86
CA MSE C 253 -6.68 23.08 20.86
C MSE C 253 -7.18 22.32 22.09
O MSE C 253 -7.84 21.30 21.98
CB MSE C 253 -5.31 22.73 20.47
CB MSE C 253 -5.19 22.81 20.56
CG MSE C 253 -5.26 21.49 19.63
CG MSE C 253 -4.77 21.34 20.34
SE MSE C 253 -3.51 21.20 18.94
SE MSE C 253 -5.13 20.54 18.59
CE MSE C 253 -4.00 20.30 17.29
CE MSE C 253 -3.50 21.04 17.67
N ASP C 254 -6.86 22.82 23.28
CA ASP C 254 -7.32 22.18 24.53
C ASP C 254 -8.84 22.20 24.65
N LYS C 255 -9.43 23.31 24.22
CA LYS C 255 -10.88 23.49 24.23
C LYS C 255 -11.56 22.50 23.28
N ALA C 256 -11.07 22.44 22.04
CA ALA C 256 -11.56 21.50 21.01
C ALA C 256 -11.39 20.04 21.41
N GLY C 257 -10.23 19.73 21.99
CA GLY C 257 -9.97 18.39 22.53
C GLY C 257 -10.86 17.97 23.66
N ILE C 258 -10.99 18.79 24.70
CA ILE C 258 -11.89 18.42 25.80
C ILE C 258 -13.30 18.14 25.29
N GLU C 259 -13.76 18.97 24.35
CA GLU C 259 -15.11 18.85 23.79
C GLU C 259 -15.32 17.52 23.06
N VAL C 260 -14.43 17.19 22.13
CA VAL C 260 -14.54 15.92 21.39
C VAL C 260 -14.29 14.70 22.28
N SER C 261 -13.36 14.82 23.23
CA SER C 261 -13.09 13.75 24.18
C SER C 261 -14.34 13.35 24.96
N LEU C 262 -15.05 14.35 25.47
CA LEU C 262 -16.30 14.12 26.21
C LEU C 262 -17.40 13.58 25.29
N LYS C 263 -17.52 14.13 24.10
CA LYS C 263 -18.47 13.56 23.13
C LYS C 263 -18.22 12.06 22.88
N ILE C 264 -16.95 11.69 22.67
CA ILE C 264 -16.57 10.32 22.38
C ILE C 264 -16.82 9.43 23.58
N MSE C 265 -16.38 9.87 24.74
CA MSE C 265 -16.45 9.03 25.92
C MSE C 265 -17.86 8.93 26.51
O MSE C 265 -18.19 7.92 27.14
CB MSE C 265 -15.48 9.52 26.97
CG MSE C 265 -14.01 9.22 26.65
SE MSE C 265 -12.97 9.49 28.27
CE MSE C 265 -12.81 11.40 28.20
N LYS C 266 -18.68 9.97 26.36
CA LYS C 266 -20.04 9.95 26.92
C LYS C 266 -21.11 9.60 25.90
N GLU C 267 -20.88 9.91 24.63
CA GLU C 267 -21.91 9.66 23.63
C GLU C 267 -21.54 8.66 22.53
N LEU C 268 -20.47 8.93 21.81
CA LEU C 268 -20.21 8.18 20.57
C LEU C 268 -19.83 6.72 20.75
N GLU C 269 -18.99 6.42 21.73
CA GLU C 269 -18.62 5.03 21.95
C GLU C 269 -19.82 4.15 22.33
N GLU C 270 -20.73 4.71 23.14
CA GLU C 270 -22.00 4.02 23.46
C GLU C 270 -22.85 3.77 22.23
N GLU C 271 -22.93 4.75 21.34
CA GLU C 271 -23.69 4.58 20.09
C GLU C 271 -23.12 3.43 19.27
N TYR C 272 -21.82 3.50 19.00
CA TYR C 272 -21.14 2.40 18.32
C TYR C 272 -21.33 1.03 18.94
N LYS C 273 -21.24 0.94 20.26
CA LYS C 273 -21.51 -0.31 20.97
C LYS C 273 -22.91 -0.84 20.69
N GLN C 274 -23.89 0.06 20.70
CA GLN C 274 -25.25 -0.37 20.43
C GLN C 274 -25.40 -0.84 19.02
N LYS C 275 -24.73 -0.16 18.09
CA LYS C 275 -24.74 -0.55 16.69
C LYS C 275 -24.05 -1.90 16.42
N CYS C 276 -22.98 -2.19 17.18
CA CYS C 276 -22.27 -3.49 17.11
C CYS C 276 -23.17 -4.61 17.62
N ILE C 277 -23.82 -4.35 18.72
CA ILE C 277 -24.81 -5.28 19.28
C ILE C 277 -25.94 -5.60 18.28
N GLU C 278 -26.40 -4.58 17.54
CA GLU C 278 -27.42 -4.76 16.48
C GLU C 278 -26.93 -5.66 15.38
N LYS C 279 -25.64 -5.61 15.09
CA LYS C 279 -25.03 -6.50 14.10
C LYS C 279 -24.76 -7.93 14.59
N GLY C 280 -25.05 -8.20 15.85
CA GLY C 280 -24.94 -9.55 16.38
C GLY C 280 -23.77 -9.82 17.30
N MSE C 281 -23.05 -8.77 17.66
CA MSE C 281 -21.89 -8.92 18.54
CA MSE C 281 -21.90 -8.92 18.56
C MSE C 281 -22.34 -9.09 19.98
O MSE C 281 -23.29 -8.42 20.42
CB MSE C 281 -20.98 -7.69 18.40
CB MSE C 281 -20.97 -7.71 18.47
CG MSE C 281 -19.63 -7.88 19.02
CG MSE C 281 -19.71 -7.95 17.68
SE MSE C 281 -18.44 -6.40 18.65
SE MSE C 281 -18.58 -6.38 17.71
CE MSE C 281 -16.95 -7.49 18.10
CE MSE C 281 -18.59 -5.94 19.61
N ALA C 282 -21.66 -9.97 20.70
CA ALA C 282 -21.90 -10.18 22.13
C ALA C 282 -20.91 -9.30 22.88
N VAL C 283 -21.35 -8.66 23.97
CA VAL C 283 -20.47 -7.83 24.78
C VAL C 283 -20.33 -8.52 26.12
N ILE C 284 -19.09 -8.77 26.53
CA ILE C 284 -18.82 -9.21 27.88
C ILE C 284 -18.61 -7.95 28.66
N PRO C 285 -19.56 -7.64 29.56
CA PRO C 285 -19.58 -6.38 30.28
C PRO C 285 -18.55 -6.32 31.38
N ALA C 286 -18.14 -5.11 31.72
CA ALA C 286 -17.14 -4.87 32.74
C ALA C 286 -17.45 -5.65 34.01
N SER C 287 -18.73 -5.80 34.34
CA SER C 287 -19.13 -6.44 35.59
C SER C 287 -18.79 -7.92 35.70
N GLU C 288 -18.65 -8.60 34.57
CA GLU C 288 -18.27 -10.03 34.56
C GLU C 288 -16.75 -10.24 34.48
N ILE C 289 -15.98 -9.17 34.41
CA ILE C 289 -14.54 -9.23 34.13
C ILE C 289 -13.74 -8.88 35.37
N ASP C 290 -12.72 -9.68 35.67
CA ASP C 290 -11.86 -9.42 36.82
C ASP C 290 -10.81 -8.35 36.54
N LYS C 291 -11.23 -7.09 36.48
CA LYS C 291 -10.34 -6.00 36.11
C LYS C 291 -9.20 -5.84 37.10
N GLU C 292 -9.44 -6.14 38.38
CA GLU C 292 -8.36 -6.05 39.36
C GLU C 292 -7.22 -7.04 39.05
N ALA C 293 -7.56 -8.28 38.68
CA ALA C 293 -6.58 -9.25 38.19
C ALA C 293 -5.78 -8.69 37.01
N PHE C 294 -6.46 -8.06 36.07
CA PHE C 294 -5.79 -7.47 34.91
C PHE C 294 -4.87 -6.31 35.34
N MSE C 295 -5.33 -5.50 36.28
CA MSE C 295 -4.51 -4.40 36.77
C MSE C 295 -3.25 -4.89 37.48
O MSE C 295 -2.20 -4.26 37.39
CB MSE C 295 -5.34 -3.50 37.68
CG MSE C 295 -6.44 -2.78 36.94
SE MSE C 295 -7.46 -1.53 37.99
CE MSE C 295 -6.10 -0.16 38.26
N GLU C 296 -3.34 -6.02 38.19
CA GLU C 296 -2.17 -6.65 38.83
C GLU C 296 -1.16 -7.07 37.76
N LYS C 297 -1.64 -7.73 36.71
CA LYS C 297 -0.78 -8.15 35.62
C LYS C 297 -0.10 -6.99 34.93
N ALA C 298 -0.85 -5.92 34.73
CA ALA C 298 -0.38 -4.74 34.02
C ALA C 298 0.85 -4.11 34.68
N LYS C 299 0.98 -4.23 36.00
CA LYS C 299 2.15 -3.70 36.72
C LYS C 299 3.50 -4.15 36.16
N GLN C 300 3.54 -5.36 35.62
CA GLN C 300 4.76 -5.92 35.06
C GLN C 300 5.23 -5.20 33.82
N ALA C 301 4.31 -4.59 33.05
CA ALA C 301 4.69 -3.80 31.88
C ALA C 301 5.41 -2.52 32.34
N TYR C 302 4.96 -1.95 33.46
CA TYR C 302 5.59 -0.76 34.01
C TYR C 302 7.03 -1.10 34.45
N LYS C 303 7.19 -2.17 35.22
CA LYS C 303 8.53 -2.68 35.62
C LYS C 303 9.41 -2.96 34.42
N ASN C 304 8.89 -3.71 33.43
CA ASN C 304 9.69 -4.08 32.27
C ASN C 304 10.20 -2.91 31.46
N LEU C 305 9.43 -1.81 31.42
CA LEU C 305 9.79 -0.67 30.62
C LEU C 305 10.42 0.45 31.44
N GLY C 306 10.52 0.24 32.75
CA GLY C 306 11.15 1.21 33.64
C GLY C 306 10.28 2.41 33.92
N LEU C 307 8.98 2.17 34.14
CA LEU C 307 7.99 3.23 34.17
C LEU C 307 7.13 3.24 35.43
N GLU C 308 7.44 2.40 36.43
CA GLU C 308 6.66 2.39 37.68
C GLU C 308 6.95 3.62 38.56
N ASN C 309 8.18 4.15 38.50
CA ASN C 309 8.53 5.40 39.19
C ASN C 309 7.87 6.63 38.56
N ALA C 310 7.79 6.65 37.23
CA ALA C 310 7.04 7.69 36.51
C ALA C 310 5.56 7.69 36.94
N LEU C 311 4.93 6.51 36.94
CA LEU C 311 3.54 6.40 37.41
C LEU C 311 3.40 6.96 38.82
N ASN C 312 4.23 6.45 39.72
CA ASN C 312 4.13 6.78 41.14
C ASN C 312 4.34 8.25 41.41
N GLN C 313 5.21 8.87 40.62
CA GLN C 313 5.47 10.31 40.73
C GLN C 313 4.29 11.15 40.26
N LEU C 314 3.61 10.72 39.18
CA LEU C 314 2.40 11.44 38.75
C LEU C 314 1.30 11.28 39.78
N ILE C 315 1.14 10.09 40.32
CA ILE C 315 0.11 9.83 41.33
C ILE C 315 0.32 10.76 42.53
N LYS C 316 1.55 10.79 43.03
CA LYS C 316 1.94 11.68 44.14
C LYS C 316 1.57 13.14 43.88
N GLU C 317 2.00 13.67 42.74
CA GLU C 317 1.82 15.08 42.43
C GLU C 317 0.37 15.46 42.16
N VAL C 318 -0.39 14.52 41.60
CA VAL C 318 -1.80 14.75 41.30
C VAL C 318 -2.62 14.78 42.60
N LYS C 319 -2.28 13.89 43.54
CA LYS C 319 -2.87 13.92 44.90
C LYS C 319 -2.60 15.27 45.60
N GLY C 320 -1.39 15.80 45.41
CA GLY C 320 -1.00 17.08 46.01
C GLY C 320 -1.81 18.28 45.53
N GLU C 321 -2.40 18.16 44.34
CA GLU C 321 -3.30 19.17 43.80
C GLU C 321 -4.73 18.90 44.29
N PHE D 5 27.55 10.42 14.99
CA PHE D 5 26.33 11.25 14.84
C PHE D 5 25.80 11.20 13.41
N GLY D 6 26.71 11.15 12.43
CA GLY D 6 26.33 10.93 11.04
C GLY D 6 25.81 12.17 10.33
N ALA D 7 25.06 11.96 9.25
CA ALA D 7 24.58 13.06 8.41
C ALA D 7 23.56 13.93 9.14
N LYS D 8 23.68 15.24 8.97
CA LYS D 8 22.68 16.15 9.52
C LYS D 8 21.39 16.10 8.70
N TYR D 9 21.54 15.90 7.39
CA TYR D 9 20.41 15.91 6.46
C TYR D 9 20.24 14.56 5.76
N THR D 10 19.15 13.87 6.06
CA THR D 10 18.84 12.58 5.44
C THR D 10 17.61 12.69 4.53
N LEU D 11 17.70 12.07 3.35
CA LEU D 11 16.65 12.11 2.36
C LEU D 11 16.37 10.69 1.89
N ARG D 12 15.11 10.27 1.96
N ARG D 12 15.12 10.25 1.98
CA ARG D 12 14.69 8.98 1.42
CA ARG D 12 14.70 8.96 1.43
C ARG D 12 14.14 9.21 0.01
C ARG D 12 14.13 9.19 0.02
N PHE D 13 14.73 8.57 -0.98
CA PHE D 13 14.38 8.80 -2.38
C PHE D 13 13.76 7.55 -3.02
N GLY D 14 12.56 7.71 -3.59
CA GLY D 14 11.80 6.58 -4.10
C GLY D 14 11.63 6.51 -5.60
N HIS D 15 11.15 5.36 -6.03
CA HIS D 15 10.82 5.05 -7.42
C HIS D 15 12.03 5.00 -8.33
N VAL D 16 13.12 4.38 -7.87
CA VAL D 16 14.34 4.30 -8.68
C VAL D 16 14.82 2.88 -9.01
N LEU D 17 13.95 1.87 -8.95
CA LEU D 17 14.38 0.47 -9.20
C LEU D 17 13.91 -0.38 -10.43
N ALA D 18 12.62 -0.60 -10.73
CA ALA D 18 11.61 0.36 -11.25
C ALA D 18 12.04 0.79 -12.70
N PRO D 19 12.65 1.98 -12.87
CA PRO D 19 13.31 2.30 -14.14
C PRO D 19 14.61 1.55 -14.47
N GLY D 20 15.05 0.66 -13.58
CA GLY D 20 16.17 -0.24 -13.87
C GLY D 20 17.49 0.04 -13.14
N GLU D 21 18.49 -0.79 -13.45
CA GLU D 21 19.83 -0.66 -12.87
C GLU D 21 20.63 0.53 -13.41
N PRO D 22 20.40 0.98 -14.67
CA PRO D 22 21.16 2.17 -15.09
C PRO D 22 20.83 3.37 -14.19
N TYR D 23 19.54 3.58 -13.90
CA TYR D 23 19.10 4.63 -12.96
C TYR D 23 19.53 4.30 -11.55
N HIS D 24 19.25 3.07 -11.10
CA HIS D 24 19.64 2.67 -9.75
C HIS D 24 21.13 2.92 -9.52
N GLN D 25 21.98 2.41 -10.41
CA GLN D 25 23.41 2.59 -10.24
C GLN D 25 23.82 4.06 -10.34
N ALA D 26 23.18 4.80 -11.26
CA ALA D 26 23.42 6.24 -11.38
C ALA D 26 23.01 7.03 -10.13
N PHE D 27 21.90 6.64 -9.52
CA PHE D 27 21.48 7.23 -8.24
C PHE D 27 22.48 6.99 -7.12
N LEU D 28 22.95 5.74 -7.01
CA LEU D 28 23.93 5.38 -5.99
C LEU D 28 25.22 6.16 -6.17
N LYS D 29 25.62 6.40 -7.42
CA LYS D 29 26.81 7.22 -7.73
C LYS D 29 26.64 8.69 -7.34
N TRP D 30 25.50 9.27 -7.74
CA TRP D 30 25.10 10.63 -7.34
C TRP D 30 25.10 10.78 -5.81
N ALA D 31 24.44 9.86 -5.13
CA ALA D 31 24.27 9.92 -3.67
C ALA D 31 25.63 9.90 -2.95
N LYS D 32 26.55 9.11 -3.50
CA LYS D 32 27.90 8.99 -2.98
C LYS D 32 28.70 10.27 -3.26
N ALA D 33 28.53 10.83 -4.46
CA ALA D 33 29.17 12.11 -4.78
C ALA D 33 28.72 13.20 -3.84
N VAL D 34 27.41 13.26 -3.59
CA VAL D 34 26.83 14.25 -2.68
C VAL D 34 27.31 14.12 -1.24
N GLU D 35 27.34 12.90 -0.71
CA GLU D 35 27.83 12.72 0.67
C GLU D 35 29.31 13.09 0.81
N GLU D 36 30.10 12.66 -0.17
CA GLU D 36 31.52 13.03 -0.25
C GLU D 36 31.67 14.54 -0.30
N LYS D 37 31.02 15.20 -1.26
CA LYS D 37 31.20 16.64 -1.44
C LYS D 37 30.61 17.49 -0.30
N THR D 38 29.71 16.92 0.50
CA THR D 38 29.13 17.65 1.64
C THR D 38 29.80 17.24 2.96
N ASN D 39 30.93 16.54 2.85
CA ASN D 39 31.70 16.11 4.03
C ASN D 39 30.87 15.24 4.98
N GLY D 40 30.03 14.38 4.41
CA GLY D 40 29.17 13.51 5.23
C GLY D 40 27.92 14.14 5.82
N ASP D 41 27.66 15.41 5.52
CA ASP D 41 26.52 16.13 6.12
C ASP D 41 25.19 15.82 5.46
N VAL D 42 25.22 15.43 4.19
CA VAL D 42 23.99 15.07 3.45
C VAL D 42 24.07 13.62 2.97
N ARG D 43 23.07 12.82 3.32
CA ARG D 43 23.02 11.41 2.97
C ARG D 43 21.67 11.08 2.33
N ILE D 44 21.70 10.45 1.16
CA ILE D 44 20.47 10.09 0.46
C ILE D 44 20.29 8.57 0.44
N GLU D 45 19.21 8.08 1.04
CA GLU D 45 18.80 6.67 0.92
C GLU D 45 17.85 6.48 -0.25
N VAL D 46 17.95 5.35 -0.93
CA VAL D 46 16.92 4.91 -1.89
C VAL D 46 16.01 3.91 -1.21
N PHE D 47 14.69 4.10 -1.29
CA PHE D 47 13.75 3.15 -0.68
C PHE D 47 12.88 2.42 -1.71
N PRO D 48 12.54 1.14 -1.42
CA PRO D 48 11.62 0.39 -2.27
C PRO D 48 10.17 0.63 -1.86
N SER D 49 9.26 0.47 -2.82
CA SER D 49 7.83 0.69 -2.60
C SER D 49 7.09 -0.65 -2.45
N SER D 50 6.06 -0.65 -1.60
CA SER D 50 5.23 -1.84 -1.37
C SER D 50 3.89 -1.79 -2.11
N GLN D 51 3.53 -0.60 -2.59
CA GLN D 51 2.24 -0.39 -3.26
C GLN D 51 2.41 0.40 -4.55
N LEU D 52 1.50 0.16 -5.49
CA LEU D 52 1.45 0.87 -6.77
C LEU D 52 0.45 2.03 -6.68
N GLY D 53 0.62 3.00 -7.56
CA GLY D 53 -0.35 4.06 -7.75
C GLY D 53 -0.59 4.94 -6.54
N VAL D 54 0.39 4.96 -5.63
CA VAL D 54 0.32 5.78 -4.42
C VAL D 54 1.08 7.12 -4.56
N GLU D 55 1.28 7.60 -5.79
CA GLU D 55 2.02 8.85 -6.03
C GLU D 55 1.27 10.02 -5.36
N GLU D 56 -0.06 9.96 -5.28
CA GLU D 56 -0.83 11.08 -4.70
C GLU D 56 -0.42 11.36 -3.26
N ASP D 57 -0.26 10.29 -2.46
CA ASP D 57 0.12 10.46 -1.06
CA ASP D 57 0.12 10.44 -1.05
C ASP D 57 1.58 10.88 -0.90
N ILE D 58 2.44 10.40 -1.81
CA ILE D 58 3.85 10.81 -1.79
C ILE D 58 3.96 12.31 -2.02
N ILE D 59 3.20 12.81 -2.99
CA ILE D 59 3.20 14.23 -3.31
CA ILE D 59 3.19 14.24 -3.31
C ILE D 59 2.58 15.03 -2.15
N GLU D 60 1.61 14.45 -1.45
CA GLU D 60 1.07 15.09 -0.27
C GLU D 60 2.14 15.15 0.80
N GLN D 61 2.90 14.07 0.99
CA GLN D 61 4.02 14.08 1.93
C GLN D 61 5.04 15.18 1.61
N ILE D 62 5.34 15.36 0.33
CA ILE D 62 6.25 16.41 -0.11
C ILE D 62 5.67 17.79 0.26
N ARG D 63 4.37 17.96 0.04
CA ARG D 63 3.68 19.19 0.41
C ARG D 63 3.79 19.46 1.91
N MSE D 64 3.66 18.40 2.70
CA MSE D 64 3.80 18.54 4.14
C MSE D 64 5.20 19.04 4.54
O MSE D 64 5.36 19.69 5.56
CB MSE D 64 3.53 17.20 4.85
CG MSE D 64 2.18 16.53 4.58
SE MSE D 64 0.67 17.40 5.41
CE MSE D 64 1.26 17.41 7.26
N GLY D 65 6.20 18.71 3.73
CA GLY D 65 7.59 19.05 4.04
C GLY D 65 8.46 17.85 4.42
N ALA D 66 7.97 16.64 4.17
CA ALA D 66 8.71 15.41 4.43
C ALA D 66 10.06 15.38 3.75
N PRO D 67 11.06 14.72 4.38
CA PRO D 67 12.37 14.51 3.78
C PRO D 67 12.32 13.35 2.80
N VAL D 68 11.54 13.53 1.73
CA VAL D 68 11.30 12.50 0.74
C VAL D 68 11.54 13.04 -0.66
N GLY D 69 12.10 12.20 -1.51
CA GLY D 69 12.25 12.53 -2.92
C GLY D 69 11.60 11.45 -3.73
N TRP D 70 11.34 11.73 -5.00
CA TRP D 70 10.64 10.82 -5.88
C TRP D 70 11.09 11.04 -7.32
N ASN D 71 11.30 9.93 -8.03
CA ASN D 71 11.60 9.93 -9.48
C ASN D 71 10.28 9.89 -10.25
N THR D 72 9.89 11.03 -10.82
CA THR D 72 8.59 11.13 -11.47
C THR D 72 8.73 11.69 -12.90
N ASP D 73 7.68 12.29 -13.45
CA ASP D 73 7.69 12.83 -14.80
C ASP D 73 6.73 14.02 -14.90
N SER D 74 6.69 14.69 -16.04
CA SER D 74 5.87 15.90 -16.16
C SER D 74 4.40 15.58 -16.38
N ALA D 75 4.10 14.38 -16.86
CA ALA D 75 2.71 13.90 -16.90
C ALA D 75 2.07 13.97 -15.49
N ARG D 76 2.89 13.70 -14.47
CA ARG D 76 2.46 13.71 -13.07
C ARG D 76 2.46 15.11 -12.50
N LEU D 77 3.57 15.82 -12.66
CA LEU D 77 3.66 17.19 -12.18
C LEU D 77 2.65 18.12 -12.87
N GLY D 78 2.22 17.73 -14.08
CA GLY D 78 1.16 18.42 -14.82
C GLY D 78 -0.24 18.32 -14.24
N MSE D 79 -0.46 17.35 -13.36
CA MSE D 79 -1.66 17.32 -12.52
C MSE D 79 -1.72 18.47 -11.51
O MSE D 79 -2.77 18.73 -10.94
CB MSE D 79 -1.73 16.02 -11.72
CG MSE D 79 -1.63 14.72 -12.50
SE MSE D 79 -2.73 14.75 -14.07
CE MSE D 79 -4.53 14.86 -13.27
N TYR D 80 -0.60 19.14 -11.26
CA TYR D 80 -0.53 20.20 -10.25
C TYR D 80 -0.37 21.55 -10.93
N VAL D 81 0.67 21.69 -11.74
CA VAL D 81 0.85 22.87 -12.60
C VAL D 81 0.69 22.41 -14.04
N LYS D 82 -0.43 22.75 -14.66
CA LYS D 82 -0.87 22.08 -15.87
C LYS D 82 0.15 22.14 -17.00
N ASP D 83 0.77 23.31 -17.17
CA ASP D 83 1.48 23.57 -18.42
C ASP D 83 2.77 22.74 -18.58
N ILE D 84 3.33 22.28 -17.46
CA ILE D 84 4.57 21.49 -17.50
C ILE D 84 4.34 20.11 -18.13
N GLY D 85 3.09 19.65 -18.16
CA GLY D 85 2.74 18.37 -18.78
C GLY D 85 2.96 18.27 -20.27
N VAL D 86 3.19 19.42 -20.91
CA VAL D 86 3.54 19.49 -22.33
C VAL D 86 4.77 18.63 -22.65
N MSE D 87 5.71 18.58 -21.70
CA MSE D 87 6.93 17.77 -21.82
C MSE D 87 6.75 16.24 -21.76
O MSE D 87 7.73 15.51 -21.91
CB MSE D 87 7.96 18.24 -20.79
CG MSE D 87 8.36 19.70 -21.02
SE MSE D 87 9.61 20.48 -19.77
CE MSE D 87 11.11 19.31 -20.15
N ASN D 88 5.53 15.77 -21.57
CA ASN D 88 5.25 14.34 -21.60
C ASN D 88 4.33 13.98 -22.76
N LEU D 89 4.08 14.92 -23.67
CA LEU D 89 3.18 14.67 -24.78
C LEU D 89 3.95 14.13 -25.98
N ALA D 90 3.25 13.36 -26.81
CA ALA D 90 3.85 12.66 -27.94
C ALA D 90 4.65 13.62 -28.80
N TYR D 91 5.85 13.19 -29.17
CA TYR D 91 6.74 13.88 -30.10
C TYR D 91 7.19 15.27 -29.66
N PHE D 92 7.07 15.57 -28.36
CA PHE D 92 7.44 16.88 -27.84
C PHE D 92 8.86 17.30 -28.24
N ILE D 93 9.83 16.42 -27.99
CA ILE D 93 11.23 16.78 -28.20
C ILE D 93 11.48 16.99 -29.71
N ASP D 94 10.76 16.25 -30.54
CA ASP D 94 10.79 16.46 -31.98
C ASP D 94 10.28 17.86 -32.33
N PHE D 95 9.15 18.26 -31.73
CA PHE D 95 8.64 19.63 -31.92
C PHE D 95 9.62 20.67 -31.40
N MSE D 96 10.46 20.32 -30.45
CA MSE D 96 11.53 21.24 -30.02
C MSE D 96 12.68 21.26 -31.02
O MSE D 96 13.56 22.12 -30.92
CB MSE D 96 12.04 20.89 -28.63
CG MSE D 96 11.03 21.07 -27.50
SE MSE D 96 10.14 22.80 -27.43
CE MSE D 96 11.55 23.95 -26.75
N GLY D 97 12.70 20.31 -31.96
CA GLY D 97 13.69 20.27 -33.03
C GLY D 97 14.83 19.28 -32.83
N ALA D 98 14.83 18.54 -31.72
CA ALA D 98 15.94 17.64 -31.40
C ALA D 98 15.86 16.37 -32.21
N LYS D 99 16.94 16.07 -32.94
CA LYS D 99 16.99 14.87 -33.79
C LYS D 99 18.03 13.84 -33.35
N THR D 100 18.91 14.19 -32.42
CA THR D 100 19.91 13.27 -31.85
C THR D 100 19.92 13.35 -30.32
N PRO D 101 20.39 12.29 -29.63
CA PRO D 101 20.59 12.32 -28.18
C PRO D 101 21.22 13.60 -27.64
N GLU D 102 22.30 14.07 -28.28
CA GLU D 102 23.00 15.27 -27.82
C GLU D 102 22.18 16.53 -28.05
N GLU D 103 21.43 16.57 -29.16
CA GLU D 103 20.52 17.68 -29.43
C GLU D 103 19.40 17.72 -28.38
N ALA D 104 18.91 16.54 -28.02
CA ALA D 104 17.87 16.38 -27.00
C ALA D 104 18.32 16.99 -25.68
N ILE D 105 19.55 16.70 -25.27
CA ILE D 105 20.09 17.28 -24.02
C ILE D 105 20.27 18.79 -24.12
N GLU D 106 20.68 19.29 -25.28
CA GLU D 106 20.88 20.73 -25.44
C GLU D 106 19.55 21.46 -25.34
N VAL D 107 18.50 20.92 -25.96
CA VAL D 107 17.12 21.43 -25.80
C VAL D 107 16.72 21.55 -24.33
N LEU D 108 16.98 20.50 -23.55
CA LEU D 108 16.66 20.54 -22.11
C LEU D 108 17.41 21.63 -21.36
N LYS D 109 18.67 21.82 -21.72
CA LYS D 109 19.49 22.88 -21.09
C LYS D 109 18.94 24.27 -21.40
N LYS D 110 18.40 24.43 -22.61
CA LYS D 110 17.79 25.69 -23.01
C LYS D 110 16.41 25.88 -22.39
N ILE D 111 15.67 24.79 -22.25
CA ILE D 111 14.40 24.83 -21.51
C ILE D 111 14.64 25.32 -20.07
N LYS D 112 15.68 24.81 -19.42
CA LYS D 112 15.97 25.20 -18.03
C LYS D 112 16.18 26.71 -17.88
N GLN D 113 16.79 27.34 -18.89
CA GLN D 113 17.01 28.79 -18.84
C GLN D 113 15.80 29.59 -19.36
N SER D 114 14.81 28.92 -19.95
CA SER D 114 13.63 29.62 -20.44
C SER D 114 12.86 30.24 -19.28
N PRO D 115 12.33 31.47 -19.46
CA PRO D 115 11.52 32.08 -18.41
C PRO D 115 10.19 31.38 -18.12
N THR D 116 9.62 30.72 -19.12
CA THR D 116 8.35 30.01 -18.94
C THR D 116 8.53 28.79 -18.03
N MSE D 117 9.59 28.03 -18.26
CA MSE D 117 9.95 26.90 -17.41
C MSE D 117 10.26 27.35 -15.99
O MSE D 117 9.76 26.77 -15.03
CB MSE D 117 11.17 26.16 -17.97
CG MSE D 117 11.70 25.02 -17.11
SE MSE D 117 10.38 23.60 -16.78
CE MSE D 117 9.93 23.19 -18.59
N GLN D 118 11.06 28.39 -15.85
CA GLN D 118 11.40 28.87 -14.52
C GLN D 118 10.15 29.29 -13.76
N LYS D 119 9.16 29.82 -14.46
CA LYS D 119 7.88 30.18 -13.86
C LYS D 119 7.11 28.94 -13.37
N TRP D 120 7.07 27.91 -14.21
CA TRP D 120 6.46 26.62 -13.85
C TRP D 120 7.09 25.99 -12.61
N LEU D 121 8.42 25.97 -12.58
CA LEU D 121 9.15 25.40 -11.46
C LEU D 121 8.91 26.18 -10.17
N LYS D 122 8.80 27.51 -10.29
CA LYS D 122 8.48 28.37 -9.16
C LYS D 122 7.04 28.18 -8.67
N GLU D 123 6.11 27.97 -9.61
CA GLU D 123 4.71 27.65 -9.26
C GLU D 123 4.62 26.34 -8.47
N LEU D 124 5.37 25.33 -8.89
CA LEU D 124 5.41 24.05 -8.15
C LEU D 124 5.96 24.22 -6.75
N GLU D 125 6.96 25.07 -6.59
CA GLU D 125 7.55 25.27 -5.29
C GLU D 125 6.62 26.05 -4.36
N GLN D 126 6.06 27.15 -4.86
CA GLN D 126 5.25 28.04 -4.03
C GLN D 126 3.84 27.50 -3.78
N ARG D 127 3.18 27.03 -4.82
CA ARG D 127 1.81 26.54 -4.68
C ARG D 127 1.72 25.12 -4.13
N PHE D 128 2.74 24.30 -4.37
CA PHE D 128 2.66 22.87 -4.06
C PHE D 128 3.76 22.33 -3.17
N GLY D 129 4.81 23.13 -2.95
CA GLY D 129 5.93 22.71 -2.12
C GLY D 129 6.81 21.65 -2.75
N ILE D 130 6.82 21.62 -4.09
CA ILE D 130 7.55 20.62 -4.85
C ILE D 130 8.78 21.29 -5.45
N LYS D 131 9.96 20.83 -5.07
CA LYS D 131 11.21 21.35 -5.62
C LYS D 131 11.74 20.38 -6.65
N VAL D 132 11.96 20.85 -7.87
CA VAL D 132 12.57 20.02 -8.94
C VAL D 132 14.10 20.12 -8.86
N LEU D 133 14.76 19.04 -8.46
CA LEU D 133 16.22 19.04 -8.37
C LEU D 133 16.88 18.91 -9.75
N SER D 134 16.25 18.20 -10.67
CA SER D 134 16.81 17.98 -11.99
C SER D 134 15.76 17.38 -12.92
N PHE D 135 15.81 17.71 -14.21
CA PHE D 135 15.03 16.99 -15.22
C PHE D 135 15.89 16.54 -16.41
N TYR D 136 17.18 16.32 -16.17
CA TYR D 136 18.10 15.76 -17.17
C TYR D 136 18.28 14.25 -17.03
N TRP D 137 17.25 13.58 -16.55
CA TRP D 137 17.25 12.12 -16.42
C TRP D 137 16.31 11.55 -17.45
N VAL D 138 16.88 10.97 -18.50
CA VAL D 138 16.15 10.57 -19.68
C VAL D 138 16.30 9.06 -19.93
N GLN D 139 15.16 8.38 -20.05
CA GLN D 139 15.11 6.94 -20.25
C GLN D 139 15.13 6.56 -21.70
N GLY D 140 15.04 7.55 -22.57
CA GLY D 140 15.13 7.31 -24.01
C GLY D 140 13.79 7.31 -24.71
N TYR D 141 13.81 6.93 -25.99
CA TYR D 141 12.64 7.00 -26.82
C TYR D 141 11.84 5.73 -26.64
N ARG D 142 10.51 5.86 -26.61
CA ARG D 142 9.61 4.71 -26.54
C ARG D 142 9.03 4.40 -27.91
N HIS D 143 8.75 3.13 -28.15
CA HIS D 143 8.30 2.67 -29.47
C HIS D 143 7.14 1.71 -29.26
N PHE D 144 6.39 1.42 -30.32
CA PHE D 144 5.28 0.48 -30.22
C PHE D 144 5.76 -0.98 -30.19
N VAL D 145 5.12 -1.79 -29.33
CA VAL D 145 5.42 -3.20 -29.21
C VAL D 145 4.14 -3.94 -29.50
N THR D 146 4.11 -4.62 -30.64
CA THR D 146 2.86 -5.15 -31.17
C THR D 146 3.09 -6.49 -31.87
N ASN D 147 1.99 -7.15 -32.24
CA ASN D 147 2.06 -8.32 -33.12
C ASN D 147 1.67 -7.97 -34.57
N LYS D 148 1.83 -6.68 -34.90
CA LYS D 148 1.38 -6.10 -36.15
C LYS D 148 2.27 -4.91 -36.43
N PRO D 149 2.94 -4.88 -37.59
CA PRO D 149 3.79 -3.72 -37.84
C PRO D 149 3.00 -2.40 -37.82
N ILE D 150 3.65 -1.35 -37.33
CA ILE D 150 3.06 0.00 -37.25
C ILE D 150 3.93 0.95 -38.07
N ARG D 151 3.39 1.40 -39.21
CA ARG D 151 4.12 2.28 -40.14
C ARG D 151 3.48 3.67 -40.34
N LYS D 152 2.17 3.74 -40.09
CA LYS D 152 1.43 4.99 -40.19
C LYS D 152 0.30 4.98 -39.15
N PRO D 153 -0.19 6.17 -38.75
CA PRO D 153 -1.26 6.24 -37.74
C PRO D 153 -2.39 5.24 -37.91
N GLU D 154 -2.81 4.99 -39.14
CA GLU D 154 -3.92 4.07 -39.43
C GLU D 154 -3.71 2.64 -38.93
N ASP D 155 -2.45 2.25 -38.80
CA ASP D 155 -2.12 0.90 -38.31
C ASP D 155 -2.57 0.67 -36.86
N LEU D 156 -2.64 1.75 -36.09
CA LEU D 156 -3.06 1.69 -34.69
C LEU D 156 -4.56 1.55 -34.49
N ASN D 157 -5.35 1.78 -35.54
CA ASN D 157 -6.80 1.88 -35.40
C ASN D 157 -7.38 0.61 -34.84
N GLY D 158 -8.12 0.72 -33.74
CA GLY D 158 -8.74 -0.43 -33.12
C GLY D 158 -7.82 -1.20 -32.20
N LEU D 159 -6.55 -0.81 -32.13
CA LEU D 159 -5.58 -1.53 -31.31
C LEU D 159 -5.57 -0.98 -29.91
N ARG D 160 -5.72 -1.87 -28.94
CA ARG D 160 -5.65 -1.54 -27.53
C ARG D 160 -4.20 -1.58 -27.06
N ILE D 161 -3.60 -0.41 -26.86
CA ILE D 161 -2.18 -0.29 -26.55
C ILE D 161 -1.99 0.18 -25.11
N ARG D 162 -1.29 -0.61 -24.30
CA ARG D 162 -1.13 -0.24 -22.91
C ARG D 162 -0.18 0.94 -22.81
N THR D 163 -0.59 1.94 -22.03
CA THR D 163 0.21 3.12 -21.80
C THR D 163 -0.09 3.55 -20.37
N PRO D 164 0.82 4.30 -19.75
CA PRO D 164 0.55 4.73 -18.38
C PRO D 164 -0.72 5.58 -18.18
N GLY D 165 -1.14 5.71 -16.92
CA GLY D 165 -2.46 6.24 -16.57
C GLY D 165 -2.69 7.72 -16.77
N ALA D 166 -1.68 8.56 -16.59
CA ALA D 166 -1.90 10.01 -16.60
C ALA D 166 -2.39 10.49 -17.96
N PRO D 167 -3.17 11.57 -17.98
CA PRO D 167 -3.73 12.07 -19.23
C PRO D 167 -2.74 12.31 -20.37
N ALA D 168 -1.52 12.76 -20.08
CA ALA D 168 -0.55 13.06 -21.16
C ALA D 168 -0.23 11.83 -22.01
N TRP D 169 -0.16 10.67 -21.35
CA TRP D 169 0.09 9.39 -22.00
C TRP D 169 -1.13 8.93 -22.77
N GLN D 170 -2.27 8.90 -22.07
CA GLN D 170 -3.52 8.40 -22.61
C GLN D 170 -4.01 9.21 -23.80
N GLU D 171 -3.96 10.53 -23.67
CA GLU D 171 -4.43 11.40 -24.74
C GLU D 171 -3.49 11.34 -25.92
N SER D 172 -2.18 11.32 -25.65
CA SER D 172 -1.18 11.17 -26.71
C SER D 172 -1.43 9.91 -27.54
N ILE D 173 -1.59 8.77 -26.89
CA ILE D 173 -1.78 7.50 -27.58
C ILE D 173 -3.12 7.47 -28.35
N ARG D 174 -4.15 8.08 -27.77
CA ARG D 174 -5.42 8.32 -28.47
C ARG D 174 -5.22 9.11 -29.77
N SER D 175 -4.51 10.21 -29.66
CA SER D 175 -4.28 11.07 -30.82
CA SER D 175 -4.30 11.07 -30.82
C SER D 175 -3.60 10.31 -31.95
N LEU D 176 -2.60 9.49 -31.61
CA LEU D 176 -1.85 8.73 -32.60
C LEU D 176 -2.70 7.70 -33.31
N GLY D 177 -3.76 7.25 -32.65
CA GLY D 177 -4.77 6.41 -33.31
C GLY D 177 -5.23 5.19 -32.55
N ALA D 178 -4.64 4.91 -31.39
CA ALA D 178 -4.94 3.68 -30.66
C ALA D 178 -5.95 3.91 -29.53
N ILE D 179 -6.50 2.83 -29.00
CA ILE D 179 -7.27 2.84 -27.76
C ILE D 179 -6.28 2.61 -26.61
N PRO D 180 -6.10 3.60 -25.72
CA PRO D 180 -5.11 3.41 -24.64
C PRO D 180 -5.68 2.59 -23.48
N VAL D 181 -4.84 1.75 -22.88
CA VAL D 181 -5.27 0.84 -21.82
C VAL D 181 -4.26 0.86 -20.68
N ALA D 182 -4.76 1.00 -19.45
CA ALA D 182 -3.89 0.97 -18.28
C ALA D 182 -3.69 -0.46 -17.79
N VAL D 183 -2.43 -0.86 -17.59
CA VAL D 183 -2.11 -2.19 -17.10
C VAL D 183 -0.80 -2.05 -16.36
N ASN D 184 -0.72 -2.63 -15.18
CA ASN D 184 0.52 -2.59 -14.42
C ASN D 184 1.61 -3.32 -15.18
N PHE D 185 2.84 -2.80 -15.06
CA PHE D 185 3.95 -3.26 -15.90
C PHE D 185 4.15 -4.76 -15.81
N GLY D 186 4.06 -5.31 -14.61
CA GLY D 186 4.27 -6.74 -14.41
C GLY D 186 3.14 -7.63 -14.90
N GLU D 187 2.10 -7.04 -15.49
CA GLU D 187 0.97 -7.82 -16.02
C GLU D 187 0.79 -7.67 -17.54
N ILE D 188 1.66 -6.89 -18.19
CA ILE D 188 1.60 -6.71 -19.65
C ILE D 188 1.76 -8.05 -20.38
N TYR D 189 2.72 -8.86 -19.93
CA TYR D 189 2.97 -10.19 -20.51
C TYR D 189 1.71 -11.04 -20.58
N THR D 190 1.07 -11.30 -19.45
CA THR D 190 -0.14 -12.10 -19.45
C THR D 190 -1.32 -11.35 -20.09
N ALA D 191 -1.31 -10.02 -20.02
CA ALA D 191 -2.34 -9.22 -20.72
C ALA D 191 -2.32 -9.53 -22.23
N VAL D 192 -1.13 -9.54 -22.83
CA VAL D 192 -0.98 -9.85 -24.25
C VAL D 192 -1.40 -11.29 -24.57
N GLN D 193 -0.93 -12.25 -23.78
CA GLN D 193 -1.27 -13.67 -24.03
C GLN D 193 -2.76 -13.97 -23.98
N THR D 194 -3.44 -13.46 -22.96
CA THR D 194 -4.87 -13.66 -22.79
C THR D 194 -5.70 -12.73 -23.70
N ARG D 195 -5.04 -11.88 -24.48
CA ARG D 195 -5.71 -11.03 -25.45
C ARG D 195 -6.54 -9.94 -24.77
N ALA D 196 -6.10 -9.51 -23.58
CA ALA D 196 -6.69 -8.37 -22.86
C ALA D 196 -6.22 -7.06 -23.50
N VAL D 197 -5.02 -7.10 -24.06
CA VAL D 197 -4.41 -5.95 -24.71
CA VAL D 197 -4.42 -5.94 -24.72
C VAL D 197 -3.73 -6.42 -26.00
N ASP D 198 -3.45 -5.50 -26.93
CA ASP D 198 -2.86 -5.84 -28.24
C ASP D 198 -1.37 -5.49 -28.35
N GLY D 199 -0.89 -4.65 -27.45
CA GLY D 199 0.48 -4.26 -27.48
C GLY D 199 0.80 -3.31 -26.36
N ALA D 200 1.88 -2.59 -26.53
CA ALA D 200 2.37 -1.70 -25.50
C ALA D 200 3.25 -0.70 -26.19
N GLU D 201 3.93 0.09 -25.40
CA GLU D 201 4.59 1.24 -25.92
C GLU D 201 5.66 1.54 -24.87
N LEU D 202 6.92 1.24 -25.21
CA LEU D 202 7.98 1.06 -24.21
C LEU D 202 9.37 1.31 -24.81
N THR D 203 10.38 1.36 -23.93
CA THR D 203 11.79 1.29 -24.33
C THR D 203 12.24 -0.17 -24.57
N TYR D 204 13.38 -0.34 -25.25
CA TYR D 204 13.97 -1.68 -25.44
C TYR D 204 14.41 -2.29 -24.10
N ALA D 205 14.93 -1.46 -23.20
CA ALA D 205 15.23 -1.90 -21.83
C ALA D 205 14.00 -2.50 -21.17
N ASN D 206 12.87 -1.80 -21.25
CA ASN D 206 11.59 -2.29 -20.70
C ASN D 206 11.14 -3.60 -21.33
N VAL D 207 11.25 -3.69 -22.66
CA VAL D 207 10.77 -4.88 -23.36
C VAL D 207 11.64 -6.08 -22.99
N TYR D 208 12.94 -5.85 -22.94
CA TYR D 208 13.90 -6.91 -22.61
C TYR D 208 13.71 -7.39 -21.17
N ASN D 209 13.76 -6.45 -20.23
CA ASN D 209 13.65 -6.76 -18.82
C ASN D 209 12.33 -7.42 -18.48
N GLY D 210 11.27 -7.07 -19.23
CA GLY D 210 9.97 -7.71 -19.03
C GLY D 210 9.71 -8.99 -19.80
N GLY D 211 10.68 -9.43 -20.60
CA GLY D 211 10.54 -10.66 -21.37
C GLY D 211 9.50 -10.56 -22.48
N LEU D 212 9.20 -9.34 -22.92
CA LEU D 212 8.03 -9.09 -23.79
C LEU D 212 8.22 -9.59 -25.24
N TYR D 213 9.48 -9.66 -25.68
CA TYR D 213 9.85 -10.29 -26.96
C TYR D 213 9.31 -11.70 -27.16
N GLU D 214 8.90 -12.36 -26.08
CA GLU D 214 8.30 -13.69 -26.15
C GLU D 214 6.83 -13.71 -26.56
N VAL D 215 6.13 -12.58 -26.39
CA VAL D 215 4.69 -12.51 -26.71
C VAL D 215 4.34 -11.42 -27.72
N LEU D 216 5.32 -10.60 -28.08
CA LEU D 216 5.14 -9.48 -29.01
C LEU D 216 6.26 -9.49 -30.04
N LYS D 217 5.90 -9.60 -31.32
CA LYS D 217 6.87 -9.87 -32.41
C LYS D 217 7.58 -8.64 -32.92
N TYR D 218 6.91 -7.49 -32.90
CA TYR D 218 7.44 -6.29 -33.54
C TYR D 218 7.66 -5.17 -32.58
N MSE D 219 8.77 -4.48 -32.79
CA MSE D 219 9.00 -3.17 -32.25
C MSE D 219 9.01 -2.20 -33.43
O MSE D 219 9.85 -2.32 -34.31
CB MSE D 219 10.35 -3.11 -31.56
CG MSE D 219 10.61 -1.83 -30.78
SE MSE D 219 9.66 -1.84 -29.06
CE MSE D 219 10.97 -0.96 -27.97
N SER D 220 8.06 -1.25 -33.45
CA SER D 220 8.03 -0.26 -34.52
C SER D 220 8.59 1.07 -34.05
N GLU D 221 9.70 1.50 -34.63
CA GLU D 221 10.44 2.64 -34.10
C GLU D 221 9.83 4.01 -34.41
N THR D 222 8.65 4.24 -33.82
CA THR D 222 7.93 5.52 -33.91
C THR D 222 8.63 6.63 -33.16
N GLY D 223 9.22 6.32 -32.01
CA GLY D 223 9.94 7.31 -31.21
C GLY D 223 9.04 8.42 -30.71
N HIS D 224 7.83 8.04 -30.33
CA HIS D 224 6.73 8.99 -30.07
C HIS D 224 6.79 9.67 -28.69
N PHE D 225 7.42 9.01 -27.70
CA PHE D 225 7.79 9.70 -26.46
C PHE D 225 9.29 9.65 -26.27
N LEU D 226 9.85 10.74 -25.75
CA LEU D 226 11.14 10.73 -25.09
C LEU D 226 10.86 10.93 -23.60
N LEU D 227 11.00 9.87 -22.81
CA LEU D 227 10.68 9.93 -21.39
C LEU D 227 11.71 10.74 -20.60
N ILE D 228 11.33 11.96 -20.21
CA ILE D 228 12.13 12.88 -19.40
C ILE D 228 11.66 12.81 -17.95
N ASN D 229 12.49 12.26 -17.07
CA ASN D 229 12.15 12.18 -15.67
C ASN D 229 12.45 13.46 -14.90
N PHE D 230 11.59 13.78 -13.95
CA PHE D 230 11.78 14.90 -13.04
C PHE D 230 12.05 14.34 -11.65
N GLU D 231 13.11 14.85 -11.02
CA GLU D 231 13.60 14.34 -9.77
C GLU D 231 13.22 15.38 -8.73
N ILE D 232 12.25 15.06 -7.86
CA ILE D 232 11.70 16.05 -6.93
C ILE D 232 11.95 15.74 -5.46
N VAL D 233 11.94 16.81 -4.67
CA VAL D 233 12.01 16.75 -3.21
C VAL D 233 11.11 17.84 -2.65
N SER D 234 10.88 17.77 -1.34
CA SER D 234 10.19 18.82 -0.63
C SER D 234 10.93 20.16 -0.74
N ALA D 235 10.19 21.22 -1.04
CA ALA D 235 10.74 22.58 -1.01
C ALA D 235 11.24 22.94 0.38
N ASP D 236 10.48 22.56 1.41
CA ASP D 236 10.87 22.77 2.81
C ASP D 236 12.24 22.16 3.10
N TRP D 237 12.38 20.86 2.80
CA TRP D 237 13.63 20.16 3.07
C TRP D 237 14.79 20.83 2.32
N PHE D 238 14.60 21.12 1.05
CA PHE D 238 15.64 21.72 0.22
C PHE D 238 16.10 23.09 0.73
N ASN D 239 15.13 23.93 1.11
CA ASN D 239 15.42 25.28 1.55
C ASN D 239 16.05 25.30 2.93
N SER D 240 15.92 24.20 3.66
CA SER D 240 16.57 24.03 4.97
C SER D 240 18.08 23.74 4.85
N LEU D 241 18.51 23.26 3.68
CA LEU D 241 19.92 22.99 3.45
C LEU D 241 20.68 24.31 3.30
N PRO D 242 21.95 24.35 3.76
CA PRO D 242 22.84 25.44 3.42
C PRO D 242 22.95 25.63 1.91
N LYS D 243 22.96 26.89 1.46
CA LYS D 243 23.05 27.22 0.05
C LYS D 243 24.14 26.42 -0.66
N GLU D 244 25.29 26.28 -0.01
CA GLU D 244 26.41 25.51 -0.59
C GLU D 244 26.00 24.06 -0.88
N TYR D 245 25.20 23.45 0.01
CA TYR D 245 24.73 22.07 -0.18
C TYR D 245 23.65 21.96 -1.25
N GLN D 246 22.71 22.90 -1.23
CA GLN D 246 21.72 23.02 -2.29
C GLN D 246 22.41 23.00 -3.65
N LYS D 247 23.46 23.81 -3.78
CA LYS D 247 24.16 23.96 -5.06
C LYS D 247 24.78 22.62 -5.45
N ILE D 248 25.41 21.97 -4.48
CA ILE D 248 26.03 20.65 -4.66
C ILE D 248 25.04 19.55 -5.10
N ILE D 249 23.91 19.41 -4.40
CA ILE D 249 22.91 18.38 -4.70
CA ILE D 249 22.96 18.35 -4.72
C ILE D 249 22.35 18.51 -6.13
N GLU D 250 22.06 19.75 -6.52
CA GLU D 250 21.51 20.01 -7.84
C GLU D 250 22.53 19.82 -8.95
N GLU D 251 23.69 20.45 -8.81
CA GLU D 251 24.70 20.36 -9.85
C GLU D 251 25.24 18.93 -10.01
N GLU D 252 25.41 18.20 -8.90
CA GLU D 252 25.77 16.78 -9.00
C GLU D 252 24.68 15.94 -9.68
N MSE D 253 23.40 16.23 -9.41
CA MSE D 253 22.29 15.45 -10.01
C MSE D 253 22.12 15.79 -11.47
O MSE D 253 21.80 14.92 -12.28
CB MSE D 253 20.97 15.65 -9.25
CG MSE D 253 20.05 14.45 -9.37
SE MSE D 253 18.41 14.56 -8.34
CE MSE D 253 18.16 12.66 -8.06
N ASP D 254 22.31 17.06 -11.81
CA ASP D 254 22.33 17.46 -13.22
C ASP D 254 23.44 16.74 -13.99
N LYS D 255 24.64 16.66 -13.40
CA LYS D 255 25.77 15.97 -14.02
CA LYS D 255 25.76 15.97 -14.04
C LYS D 255 25.48 14.48 -14.19
N ALA D 256 25.00 13.85 -13.12
CA ALA D 256 24.67 12.44 -13.15
C ALA D 256 23.58 12.14 -14.18
N GLY D 257 22.62 13.05 -14.26
CA GLY D 257 21.55 12.95 -15.24
C GLY D 257 22.03 12.95 -16.67
N ILE D 258 22.79 13.97 -17.04
CA ILE D 258 23.30 14.07 -18.42
C ILE D 258 24.14 12.84 -18.76
N GLU D 259 24.97 12.42 -17.82
CA GLU D 259 25.82 11.24 -18.01
C GLU D 259 24.99 9.99 -18.30
N VAL D 260 24.07 9.65 -17.40
CA VAL D 260 23.26 8.45 -17.56
C VAL D 260 22.33 8.52 -18.78
N SER D 261 21.80 9.71 -19.07
CA SER D 261 20.93 9.94 -20.24
C SER D 261 21.63 9.60 -21.56
N LEU D 262 22.85 10.09 -21.71
CA LEU D 262 23.64 9.80 -22.90
C LEU D 262 23.99 8.33 -23.02
N LYS D 263 24.44 7.72 -21.94
CA LYS D 263 24.73 6.28 -21.93
C LYS D 263 23.53 5.45 -22.39
N ILE D 264 22.36 5.74 -21.81
CA ILE D 264 21.13 5.04 -22.16
C ILE D 264 20.80 5.22 -23.64
N MSE D 265 20.88 6.47 -24.09
CA MSE D 265 20.45 6.85 -25.43
C MSE D 265 21.47 6.45 -26.50
O MSE D 265 21.07 6.06 -27.61
CB MSE D 265 20.22 8.36 -25.50
CG MSE D 265 19.08 8.90 -24.63
SE MSE D 265 18.40 10.56 -25.36
CE MSE D 265 17.33 9.65 -26.63
N LYS D 266 22.75 6.56 -26.17
CA LYS D 266 23.85 6.24 -27.08
C LYS D 266 24.24 4.76 -27.03
N GLU D 267 24.20 4.14 -25.85
CA GLU D 267 24.80 2.82 -25.65
C GLU D 267 23.81 1.70 -25.24
N LEU D 268 23.07 1.88 -24.15
CA LEU D 268 22.31 0.77 -23.53
C LEU D 268 21.06 0.32 -24.31
N GLU D 269 20.32 1.28 -24.85
CA GLU D 269 19.09 0.93 -25.59
C GLU D 269 19.42 0.10 -26.83
N GLU D 270 20.50 0.48 -27.50
CA GLU D 270 21.04 -0.26 -28.64
C GLU D 270 21.41 -1.70 -28.24
N GLU D 271 22.12 -1.83 -27.12
CA GLU D 271 22.44 -3.14 -26.54
C GLU D 271 21.19 -3.96 -26.28
N TYR D 272 20.21 -3.35 -25.63
CA TYR D 272 18.94 -4.05 -25.38
C TYR D 272 18.21 -4.41 -26.66
N LYS D 273 18.31 -3.55 -27.67
CA LYS D 273 17.73 -3.83 -28.99
C LYS D 273 18.35 -5.12 -29.59
N GLN D 274 19.66 -5.24 -29.50
CA GLN D 274 20.37 -6.47 -29.94
C GLN D 274 19.81 -7.72 -29.29
N LYS D 275 19.62 -7.66 -27.97
CA LYS D 275 19.14 -8.81 -27.20
C LYS D 275 17.72 -9.22 -27.55
N CYS D 276 16.86 -8.24 -27.81
CA CYS D 276 15.49 -8.53 -28.24
C CYS D 276 15.51 -9.22 -29.59
N ILE D 277 16.34 -8.71 -30.48
CA ILE D 277 16.51 -9.26 -31.83
CA ILE D 277 16.49 -9.26 -31.84
C ILE D 277 17.00 -10.70 -31.75
N GLU D 278 18.11 -10.88 -31.04
CA GLU D 278 18.68 -12.21 -30.75
C GLU D 278 17.60 -13.17 -30.25
N LYS D 279 16.68 -12.65 -29.44
CA LYS D 279 15.61 -13.47 -28.86
C LYS D 279 14.43 -13.69 -29.78
N GLY D 280 14.45 -13.06 -30.95
CA GLY D 280 13.50 -13.39 -32.02
C GLY D 280 12.47 -12.32 -32.35
N MSE D 281 12.78 -11.07 -32.03
CA MSE D 281 11.86 -9.95 -32.25
C MSE D 281 12.26 -9.14 -33.49
O MSE D 281 13.40 -8.70 -33.62
CB MSE D 281 11.89 -9.02 -31.03
CG MSE D 281 10.78 -7.96 -31.02
SE MSE D 281 10.81 -6.86 -29.40
CE MSE D 281 12.12 -5.58 -29.86
N ALA D 282 11.29 -8.92 -34.39
CA ALA D 282 11.48 -8.08 -35.57
C ALA D 282 11.35 -6.61 -35.21
N VAL D 283 12.03 -5.76 -35.97
CA VAL D 283 12.04 -4.34 -35.75
C VAL D 283 11.69 -3.63 -37.06
N ILE D 284 10.67 -2.77 -37.00
CA ILE D 284 10.32 -1.86 -38.09
C ILE D 284 11.09 -0.59 -37.81
N PRO D 285 12.10 -0.26 -38.64
CA PRO D 285 12.99 0.87 -38.35
C PRO D 285 12.39 2.21 -38.70
N ALA D 286 12.96 3.27 -38.13
CA ALA D 286 12.40 4.62 -38.29
C ALA D 286 12.16 4.94 -39.77
N SER D 287 13.09 4.52 -40.61
CA SER D 287 13.06 4.78 -42.06
C SER D 287 11.83 4.24 -42.79
N GLU D 288 11.29 3.12 -42.33
CA GLU D 288 10.06 2.56 -42.90
C GLU D 288 8.79 3.18 -42.30
N ILE D 289 8.92 4.26 -41.53
CA ILE D 289 7.80 4.79 -40.74
C ILE D 289 7.51 6.24 -41.06
N ASP D 290 6.22 6.56 -41.23
CA ASP D 290 5.78 7.91 -41.56
C ASP D 290 5.65 8.79 -40.31
N LYS D 291 6.77 9.31 -39.83
CA LYS D 291 6.78 10.00 -38.55
C LYS D 291 6.11 11.37 -38.57
N GLU D 292 6.27 12.14 -39.65
CA GLU D 292 5.56 13.43 -39.77
C GLU D 292 4.05 13.24 -39.74
N ALA D 293 3.56 12.14 -40.30
CA ALA D 293 2.14 11.78 -40.22
C ALA D 293 1.71 11.49 -38.78
N PHE D 294 2.59 10.87 -37.99
CA PHE D 294 2.34 10.61 -36.58
C PHE D 294 2.42 11.90 -35.80
N MSE D 295 3.38 12.75 -36.16
CA MSE D 295 3.50 14.05 -35.54
C MSE D 295 2.32 14.97 -35.87
O MSE D 295 2.06 15.91 -35.13
CB MSE D 295 4.78 14.74 -35.97
CG MSE D 295 6.00 14.11 -35.37
SE MSE D 295 7.60 14.88 -36.10
CE MSE D 295 7.74 16.53 -35.10
N GLU D 296 1.64 14.69 -36.99
CA GLU D 296 0.46 15.47 -37.37
C GLU D 296 -0.71 15.14 -36.47
N LYS D 297 -0.98 13.84 -36.29
CA LYS D 297 -2.00 13.35 -35.35
C LYS D 297 -1.73 13.79 -33.90
N ALA D 298 -0.45 13.83 -33.53
CA ALA D 298 -0.01 14.20 -32.18
C ALA D 298 -0.54 15.54 -31.73
N LYS D 299 -0.54 16.51 -32.65
CA LYS D 299 -1.02 17.86 -32.36
C LYS D 299 -2.38 17.90 -31.68
N GLN D 300 -3.27 16.98 -32.06
CA GLN D 300 -4.62 16.93 -31.48
C GLN D 300 -4.60 16.68 -29.96
N ALA D 301 -3.57 15.99 -29.48
CA ALA D 301 -3.37 15.79 -28.04
C ALA D 301 -3.07 17.11 -27.33
N TYR D 302 -2.25 17.96 -27.94
CA TYR D 302 -1.87 19.23 -27.32
C TYR D 302 -3.09 20.17 -27.21
N LYS D 303 -3.88 20.20 -28.27
CA LYS D 303 -5.11 21.01 -28.30
C LYS D 303 -6.11 20.51 -27.25
N ASN D 304 -6.41 19.21 -27.25
CA ASN D 304 -7.39 18.64 -26.31
C ASN D 304 -7.05 18.81 -24.83
N LEU D 305 -5.76 18.89 -24.50
CA LEU D 305 -5.36 19.06 -23.12
C LEU D 305 -5.00 20.51 -22.81
N GLY D 306 -5.16 21.40 -23.80
CA GLY D 306 -4.86 22.83 -23.61
C GLY D 306 -3.39 23.08 -23.34
N LEU D 307 -2.53 22.42 -24.13
CA LEU D 307 -1.07 22.51 -23.96
C LEU D 307 -0.30 23.00 -25.21
N GLU D 308 -1.02 23.35 -26.28
CA GLU D 308 -0.37 23.86 -27.50
C GLU D 308 0.28 25.22 -27.31
N ASN D 309 -0.28 26.05 -26.45
CA ASN D 309 0.31 27.36 -26.16
C ASN D 309 1.62 27.25 -25.42
N ALA D 310 1.64 26.35 -24.43
CA ALA D 310 2.86 26.01 -23.70
C ALA D 310 4.00 25.58 -24.64
N LEU D 311 3.70 24.68 -25.57
CA LEU D 311 4.67 24.24 -26.60
C LEU D 311 5.26 25.40 -27.41
N ASN D 312 4.38 26.23 -27.97
CA ASN D 312 4.81 27.35 -28.82
C ASN D 312 5.55 28.42 -27.99
N GLN D 313 5.19 28.53 -26.73
CA GLN D 313 5.89 29.43 -25.82
C GLN D 313 7.33 28.93 -25.58
N LEU D 314 7.50 27.63 -25.35
CA LEU D 314 8.84 27.07 -25.16
C LEU D 314 9.65 27.11 -26.46
N ILE D 315 9.02 26.74 -27.58
CA ILE D 315 9.66 26.85 -28.89
C ILE D 315 10.20 28.28 -29.08
N LYS D 316 9.32 29.26 -28.94
CA LYS D 316 9.66 30.68 -29.06
C LYS D 316 10.85 31.11 -28.17
N GLU D 317 10.87 30.63 -26.94
CA GLU D 317 11.86 31.09 -25.96
C GLU D 317 13.24 30.47 -26.17
N VAL D 318 13.26 29.20 -26.55
CA VAL D 318 14.51 28.50 -26.80
C VAL D 318 15.27 29.14 -27.97
N LYS D 319 14.54 29.69 -28.94
CA LYS D 319 15.14 30.49 -30.02
C LYS D 319 15.94 31.69 -29.51
N GLY D 320 15.36 32.48 -28.62
CA GLY D 320 16.03 33.64 -28.05
C GLY D 320 17.06 33.30 -26.98
#